data_6N2N
#
_entry.id   6N2N
#
_cell.length_a   86.282
_cell.length_b   123.161
_cell.length_c   162.487
_cell.angle_alpha   90.00
_cell.angle_beta   90.00
_cell.angle_gamma   90.00
#
_symmetry.space_group_name_H-M   'P 21 21 21'
#
loop_
_entity.id
_entity.type
_entity.pdbx_description
1 polymer 'Pyruvate flavodoxin/ferredoxin oxidoreductase domain protein'
2 polymer 'Pyruvate ferredoxin/flavodoxin oxidoreductase, beta subunit'
3 non-polymer 'SULFATE ION'
4 non-polymer 'IRON/SULFUR CLUSTER'
5 non-polymer 'THIAMINE DIPHOSPHATE'
6 non-polymer 'MAGNESIUM ION'
7 water water
#
loop_
_entity_poly.entity_id
_entity_poly.type
_entity_poly.pdbx_seq_one_letter_code
_entity_poly.pdbx_strand_id
1 'polypeptide(L)'
;MEKKDLIIRVAGEGGEGIISSGDFIAAACARAGLEVYTFKTFPAEIKGGYAMYQVRASSEKLYCQGDTFDVFCAFNGEAY
EQNKDKIKPGTAFVYDYPGGDFEPDEIPEGVFAYPIPMSQTAKEMKSYRSKNMVALGALSELFNISENTLKEVLSDKFGK
KGEEVLAFNLEAFDKGKALAKALTKADPFRVADPQEPKDVIIMAGNDAVGLGGILGGLEFFSAYPITPATEVAKYVATHL
PKCGGDLVQAEDEIASIAQVLGASYAGKKSMTATSGPGLALMSEMLGMAHMSETPCLVVDVQRGGPSTGLPTKHEQSDLF
LAIHGGHGDSPRIVLSVEDVKDCISMTVDGLNLAEKYQAPVIVLSDGSLAFSTQTIPRPKPEDFTIINRKTWDGQGTYKR
YELTEDNISPMAAPGTPNAKHIATGLEHGETGAPNYSPANHELMHRKRFNKQNSVLDFYKNMEVEGVEGEADVGIITWGS
TIGVVREAMQRLTAEGLKVKAMYPKLLWPMPVADYDAFGATCKKVIVPEVNFQGQLSHFIRAETSIKPIPYTICGGLPFT
PEMIVNRVKEEIQ
;
A,C
2 'polypeptide(L)'
;MTVEAFHKMENMKPKDYKSEVPTTWCPGCGHFGILNGVYRAMAELGIDSTKFAAISGIGCSSRMPYFVDSYKMHTLHGRA
GAVATGTQVARPDLCVVVAGGDGDGFSIGGGHMPHMARKNVNMTYVLMDNGIYGLTKGQYSPTSRPEMTAYTTPYGGPEN
PMNPLLYMLTYGATYVAQAFAGKPKDCAELIKGAMEHEGFAYVNIFSQCPTFNKIDTVDFYRDLVEPIPEDHDTSDLGAA
MELARRPGGKAPTGLLYKTSAPTLDQNLAKIRERLGGHVGYDKNKIIALAKP
;
B,D
#
loop_
_chem_comp.id
_chem_comp.type
_chem_comp.name
_chem_comp.formula
MG non-polymer 'MAGNESIUM ION' 'Mg 2'
SF4 non-polymer 'IRON/SULFUR CLUSTER' 'Fe4 S4'
SO4 non-polymer 'SULFATE ION' 'O4 S -2'
TPP non-polymer 'THIAMINE DIPHOSPHATE' 'C12 H19 N4 O7 P2 S 1'
#
# COMPACT_ATOMS: atom_id res chain seq x y z
N GLU A 2 -32.58 4.05 40.39
CA GLU A 2 -32.86 2.61 40.43
C GLU A 2 -32.07 1.86 39.37
N LYS A 3 -31.34 0.83 39.80
CA LYS A 3 -30.52 0.04 38.89
C LYS A 3 -31.41 -0.81 37.99
N LYS A 4 -31.35 -0.56 36.68
CA LYS A 4 -32.17 -1.28 35.72
C LYS A 4 -31.42 -2.40 35.00
N ASP A 5 -30.09 -2.37 35.03
CA ASP A 5 -29.26 -3.33 34.31
C ASP A 5 -28.59 -4.29 35.29
N LEU A 6 -28.09 -5.38 34.74
CA LEU A 6 -27.20 -6.29 35.45
C LEU A 6 -26.11 -6.72 34.50
N ILE A 7 -24.87 -6.67 34.98
CA ILE A 7 -23.69 -7.07 34.21
C ILE A 7 -23.16 -8.37 34.81
N ILE A 8 -23.17 -9.44 34.02
CA ILE A 8 -22.69 -10.76 34.43
C ILE A 8 -21.49 -11.11 33.57
N ARG A 9 -20.35 -11.37 34.21
CA ARG A 9 -19.18 -11.86 33.51
C ARG A 9 -19.00 -13.34 33.84
N VAL A 10 -18.84 -14.15 32.80
CA VAL A 10 -18.55 -15.58 32.93
C VAL A 10 -17.20 -15.83 32.29
N ALA A 11 -16.35 -16.61 32.97
CA ALA A 11 -15.00 -16.77 32.47
C ALA A 11 -14.47 -18.13 32.89
N GLY A 12 -13.58 -18.67 32.07
CA GLY A 12 -13.02 -19.98 32.33
C GLY A 12 -12.40 -20.54 31.07
N GLU A 13 -12.22 -21.85 31.07
CA GLU A 13 -11.64 -22.54 29.94
C GLU A 13 -12.58 -22.47 28.75
N GLY A 14 -12.15 -21.82 27.67
CA GLY A 14 -12.87 -21.95 26.42
C GLY A 14 -12.92 -23.42 26.02
N GLY A 15 -14.09 -23.85 25.60
CA GLY A 15 -14.34 -25.26 25.38
C GLY A 15 -15.23 -25.88 26.42
N GLU A 16 -15.33 -25.26 27.59
CA GLU A 16 -16.34 -25.63 28.57
C GLU A 16 -17.64 -24.86 28.36
N GLY A 17 -17.76 -24.13 27.25
CA GLY A 17 -18.97 -23.42 26.94
C GLY A 17 -19.08 -22.03 27.53
N ILE A 18 -17.97 -21.30 27.68
CA ILE A 18 -18.04 -19.95 28.20
C ILE A 18 -18.84 -19.05 27.27
N ILE A 19 -18.49 -19.08 25.98
CA ILE A 19 -19.15 -18.21 25.01
C ILE A 19 -20.58 -18.65 24.77
N SER A 20 -20.79 -19.97 24.61
CA SER A 20 -22.13 -20.47 24.35
C SER A 20 -23.06 -20.15 25.53
N SER A 21 -22.54 -20.22 26.76
CA SER A 21 -23.33 -19.85 27.93
C SER A 21 -23.76 -18.39 27.86
N GLY A 22 -22.82 -17.51 27.51
CA GLY A 22 -23.16 -16.10 27.40
C GLY A 22 -24.20 -15.84 26.32
N ASP A 23 -24.03 -16.48 25.15
CA ASP A 23 -25.01 -16.31 24.09
C ASP A 23 -26.39 -16.84 24.50
N PHE A 24 -26.42 -17.91 25.31
CA PHE A 24 -27.70 -18.42 25.80
C PHE A 24 -28.39 -17.41 26.72
N ILE A 25 -27.63 -16.79 27.63
CA ILE A 25 -28.22 -15.78 28.52
C ILE A 25 -28.72 -14.59 27.73
N ALA A 26 -27.91 -14.12 26.77
CA ALA A 26 -28.31 -12.98 25.94
C ALA A 26 -29.62 -13.26 25.23
N ALA A 27 -29.72 -14.44 24.59
CA ALA A 27 -30.93 -14.78 23.86
C ALA A 27 -32.12 -14.91 24.80
N ALA A 28 -31.91 -15.53 25.97
CA ALA A 28 -33.00 -15.69 26.93
C ALA A 28 -33.51 -14.34 27.41
N CYS A 29 -32.60 -13.40 27.70
CA CYS A 29 -33.03 -12.09 28.15
C CYS A 29 -33.75 -11.32 27.06
N ALA A 30 -33.33 -11.49 25.80
CA ALA A 30 -34.04 -10.85 24.71
C ALA A 30 -35.43 -11.44 24.53
N ARG A 31 -35.55 -12.78 24.58
CA ARG A 31 -36.85 -13.42 24.52
C ARG A 31 -37.75 -13.03 25.69
N ALA A 32 -37.16 -12.58 26.80
CA ALA A 32 -37.91 -12.07 27.94
C ALA A 32 -38.13 -10.57 27.88
N GLY A 33 -37.99 -9.97 26.69
CA GLY A 33 -38.30 -8.57 26.48
C GLY A 33 -37.28 -7.58 27.01
N LEU A 34 -36.04 -8.01 27.21
CA LEU A 34 -35.01 -7.14 27.76
C LEU A 34 -34.02 -6.71 26.69
N GLU A 35 -33.40 -5.56 26.92
CA GLU A 35 -32.29 -5.11 26.09
C GLU A 35 -31.00 -5.77 26.55
N VAL A 36 -30.12 -6.06 25.58
CA VAL A 36 -28.90 -6.83 25.83
C VAL A 36 -27.72 -6.18 25.12
N TYR A 37 -26.57 -6.15 25.81
CA TYR A 37 -25.30 -5.76 25.22
C TYR A 37 -24.26 -6.75 25.72
N THR A 38 -23.55 -7.43 24.80
CA THR A 38 -22.56 -8.43 25.16
C THR A 38 -21.18 -8.07 24.63
N PHE A 39 -20.16 -8.68 25.22
CA PHE A 39 -18.81 -8.68 24.68
C PHE A 39 -18.12 -9.98 25.12
N LYS A 40 -17.08 -10.37 24.38
CA LYS A 40 -16.40 -11.62 24.67
C LYS A 40 -14.95 -11.53 24.18
N THR A 41 -14.10 -12.34 24.80
CA THR A 41 -12.76 -12.59 24.27
C THR A 41 -12.58 -14.10 24.12
N PHE A 42 -12.23 -14.52 22.91
CA PHE A 42 -11.86 -15.90 22.69
C PHE A 42 -10.49 -16.16 23.33
N PRO A 43 -10.12 -17.42 23.52
CA PRO A 43 -8.77 -17.71 24.01
C PRO A 43 -7.72 -17.12 23.09
N ALA A 44 -6.62 -16.66 23.69
CA ALA A 44 -5.57 -16.00 22.93
C ALA A 44 -4.97 -16.93 21.89
N GLU A 45 -4.96 -18.23 22.16
CA GLU A 45 -4.48 -19.24 21.23
C GLU A 45 -5.64 -20.09 20.74
N ILE A 46 -5.54 -20.55 19.50
CA ILE A 46 -6.61 -21.34 18.89
C ILE A 46 -6.80 -22.65 19.65
N LYS A 47 -5.71 -23.25 20.12
CA LYS A 47 -5.83 -24.53 20.83
C LYS A 47 -6.68 -24.42 22.09
N GLY A 48 -6.82 -23.22 22.66
CA GLY A 48 -7.70 -23.00 23.79
C GLY A 48 -7.01 -22.24 24.90
N GLY A 49 -7.71 -22.13 26.04
CA GLY A 49 -7.26 -21.36 27.17
C GLY A 49 -8.39 -20.48 27.69
N TYR A 50 -8.00 -19.50 28.50
CA TYR A 50 -8.93 -18.61 29.17
C TYR A 50 -9.80 -17.85 28.16
N ALA A 51 -11.12 -17.99 28.31
CA ALA A 51 -12.10 -17.23 27.55
C ALA A 51 -13.00 -16.44 28.50
N MET A 52 -13.59 -15.37 27.99
CA MET A 52 -14.44 -14.51 28.82
C MET A 52 -15.63 -14.04 28.01
N TYR A 53 -16.80 -13.99 28.67
CA TYR A 53 -18.01 -13.44 28.07
C TYR A 53 -18.68 -12.54 29.10
N GLN A 54 -19.11 -11.36 28.67
CA GLN A 54 -19.81 -10.44 29.56
C GLN A 54 -21.12 -10.02 28.93
N VAL A 55 -22.23 -10.31 29.60
CA VAL A 55 -23.58 -10.02 29.13
C VAL A 55 -24.21 -8.99 30.06
N ARG A 56 -24.73 -7.92 29.48
CA ARG A 56 -25.45 -6.89 30.22
C ARG A 56 -26.90 -6.90 29.74
N ALA A 57 -27.84 -6.95 30.68
CA ALA A 57 -29.27 -7.01 30.35
C ALA A 57 -30.01 -5.98 31.17
N SER A 58 -31.01 -5.34 30.55
CA SER A 58 -31.66 -4.22 31.19
C SER A 58 -33.08 -4.05 30.64
N SER A 59 -33.92 -3.41 31.45
CA SER A 59 -35.24 -2.99 30.99
C SER A 59 -35.20 -1.70 30.18
N GLU A 60 -34.04 -1.06 30.09
CA GLU A 60 -33.88 0.16 29.31
C GLU A 60 -32.74 -0.02 28.31
N LYS A 61 -32.64 0.91 27.39
CA LYS A 61 -31.64 0.80 26.32
C LYS A 61 -30.23 0.75 26.88
N LEU A 62 -29.37 -0.05 26.25
CA LEU A 62 -27.97 -0.17 26.63
C LEU A 62 -27.08 0.33 25.51
N TYR A 63 -26.03 1.07 25.86
CA TYR A 63 -25.17 1.71 24.88
C TYR A 63 -23.72 1.31 24.97
N CYS A 64 -23.31 0.58 26.01
CA CYS A 64 -21.95 0.08 26.12
C CYS A 64 -21.93 -1.06 27.13
N GLN A 65 -20.73 -1.58 27.39
CA GLN A 65 -20.57 -2.72 28.29
C GLN A 65 -20.72 -2.33 29.75
N GLY A 66 -20.53 -1.07 30.11
CA GLY A 66 -20.56 -0.66 31.51
C GLY A 66 -19.16 -0.58 32.10
N ASP A 67 -19.12 -0.21 33.39
CA ASP A 67 -17.85 -0.01 34.08
C ASP A 67 -17.17 -1.34 34.40
N THR A 68 -17.91 -2.27 35.00
CA THR A 68 -17.37 -3.53 35.47
C THR A 68 -18.57 -4.41 35.84
N PHE A 69 -18.29 -5.69 36.11
CA PHE A 69 -19.38 -6.62 36.36
C PHE A 69 -19.98 -6.40 37.74
N ASP A 70 -21.27 -6.71 37.85
CA ASP A 70 -21.95 -6.87 39.14
C ASP A 70 -21.80 -8.30 39.66
N VAL A 71 -21.87 -9.26 38.75
CA VAL A 71 -21.79 -10.69 39.04
C VAL A 71 -20.68 -11.29 38.20
N PHE A 72 -19.85 -12.12 38.83
CA PHE A 72 -18.78 -12.84 38.15
C PHE A 72 -18.95 -14.32 38.44
N CYS A 73 -18.85 -15.13 37.39
CA CYS A 73 -19.00 -16.58 37.50
C CYS A 73 -17.73 -17.23 36.97
N ALA A 74 -16.97 -17.87 37.86
CA ALA A 74 -15.68 -18.45 37.51
C ALA A 74 -15.83 -19.96 37.38
N PHE A 75 -15.49 -20.48 36.19
CA PHE A 75 -15.52 -21.92 35.97
C PHE A 75 -14.28 -22.63 36.50
N ASN A 76 -13.20 -21.90 36.77
CA ASN A 76 -11.96 -22.51 37.24
C ASN A 76 -11.09 -21.45 37.91
N GLY A 77 -9.93 -21.89 38.41
CA GLY A 77 -9.07 -20.98 39.17
C GLY A 77 -8.40 -19.93 38.30
N GLU A 78 -8.02 -20.29 37.07
CA GLU A 78 -7.40 -19.33 36.17
C GLU A 78 -8.32 -18.14 35.92
N ALA A 79 -9.62 -18.41 35.75
CA ALA A 79 -10.58 -17.32 35.56
C ALA A 79 -10.69 -16.46 36.81
N TYR A 80 -10.65 -17.08 37.99
CA TYR A 80 -10.65 -16.32 39.25
C TYR A 80 -9.42 -15.43 39.36
N GLU A 81 -8.25 -15.98 39.03
CA GLU A 81 -7.03 -15.19 39.12
C GLU A 81 -7.05 -14.03 38.13
N GLN A 82 -7.55 -14.28 36.92
CA GLN A 82 -7.60 -13.23 35.90
C GLN A 82 -8.51 -12.08 36.31
N ASN A 83 -9.51 -12.34 37.16
CA ASN A 83 -10.48 -11.30 37.52
C ASN A 83 -10.48 -10.97 39.01
N LYS A 84 -9.52 -11.48 39.77
CA LYS A 84 -9.56 -11.34 41.23
C LYS A 84 -9.61 -9.87 41.65
N ASP A 85 -8.87 -9.00 40.96
CA ASP A 85 -8.80 -7.61 41.36
C ASP A 85 -10.13 -6.86 41.19
N LYS A 86 -11.04 -7.39 40.37
CA LYS A 86 -12.35 -6.76 40.17
C LYS A 86 -13.43 -7.37 41.06
N ILE A 87 -13.13 -8.46 41.76
CA ILE A 87 -14.07 -9.04 42.72
C ILE A 87 -14.02 -8.20 43.99
N LYS A 88 -14.73 -7.09 43.97
CA LYS A 88 -14.68 -6.07 45.00
C LYS A 88 -15.93 -6.14 45.87
N PRO A 89 -15.87 -5.58 47.09
CA PRO A 89 -17.06 -5.57 47.95
C PRO A 89 -18.26 -4.97 47.24
N GLY A 90 -19.39 -5.66 47.33
CA GLY A 90 -20.60 -5.30 46.64
C GLY A 90 -20.93 -6.20 45.46
N THR A 91 -19.93 -6.82 44.86
CA THR A 91 -20.16 -7.72 43.75
C THR A 91 -20.55 -9.11 44.24
N ALA A 92 -21.22 -9.87 43.38
CA ALA A 92 -21.55 -11.26 43.65
C ALA A 92 -20.58 -12.16 42.90
N PHE A 93 -20.18 -13.25 43.55
CA PHE A 93 -19.12 -14.11 43.03
C PHE A 93 -19.61 -15.55 43.08
N VAL A 94 -19.86 -16.12 41.90
CA VAL A 94 -20.22 -17.53 41.74
C VAL A 94 -18.99 -18.25 41.21
N TYR A 95 -18.70 -19.43 41.75
CA TYR A 95 -17.49 -20.12 41.34
C TYR A 95 -17.64 -21.62 41.56
N ASP A 96 -16.84 -22.38 40.80
CA ASP A 96 -16.86 -23.84 40.79
C ASP A 96 -16.22 -24.36 42.08
N TYR A 97 -17.05 -24.70 43.06
CA TYR A 97 -16.55 -25.16 44.36
C TYR A 97 -17.70 -25.76 45.16
N PRO A 98 -17.49 -26.87 45.90
CA PRO A 98 -16.24 -27.64 45.95
C PRO A 98 -16.13 -28.57 44.77
N GLY A 99 -15.00 -29.26 44.64
CA GLY A 99 -14.79 -30.18 43.55
C GLY A 99 -14.18 -29.56 42.30
N GLY A 100 -13.88 -28.26 42.33
CA GLY A 100 -13.19 -27.59 41.24
C GLY A 100 -11.69 -27.73 41.37
N ASP A 101 -10.98 -26.90 40.62
CA ASP A 101 -9.53 -27.01 40.54
C ASP A 101 -8.80 -25.97 41.38
N PHE A 102 -9.50 -25.26 42.26
CA PHE A 102 -8.84 -24.21 43.02
C PHE A 102 -9.54 -24.00 44.35
N GLU A 103 -8.75 -23.53 45.32
CA GLU A 103 -9.26 -23.07 46.60
C GLU A 103 -9.22 -21.55 46.59
N PRO A 104 -10.37 -20.87 46.68
CA PRO A 104 -10.34 -19.41 46.61
C PRO A 104 -9.63 -18.81 47.81
N ASP A 105 -8.88 -17.74 47.56
CA ASP A 105 -8.27 -16.99 48.65
C ASP A 105 -9.36 -16.36 49.51
N GLU A 106 -8.94 -15.58 50.50
CA GLU A 106 -9.88 -14.89 51.37
C GLU A 106 -10.81 -14.02 50.53
N ILE A 107 -12.06 -14.46 50.41
CA ILE A 107 -13.09 -13.68 49.72
C ILE A 107 -13.24 -12.37 50.47
N PRO A 108 -13.01 -11.23 49.82
CA PRO A 108 -13.04 -9.95 50.53
C PRO A 108 -14.37 -9.74 51.25
N GLU A 109 -14.31 -9.06 52.39
CA GLU A 109 -15.51 -8.72 53.13
C GLU A 109 -16.41 -7.86 52.27
N GLY A 110 -17.71 -8.17 52.27
CA GLY A 110 -18.65 -7.46 51.42
C GLY A 110 -18.93 -8.12 50.10
N VAL A 111 -18.15 -9.12 49.71
CA VAL A 111 -18.39 -9.88 48.49
C VAL A 111 -19.39 -10.99 48.78
N PHE A 112 -20.46 -11.05 47.99
CA PHE A 112 -21.47 -12.10 48.14
C PHE A 112 -21.00 -13.33 47.38
N ALA A 113 -20.48 -14.32 48.10
CA ALA A 113 -19.89 -15.50 47.50
C ALA A 113 -20.90 -16.64 47.41
N TYR A 114 -20.90 -17.34 46.28
CA TYR A 114 -21.85 -18.42 46.02
C TYR A 114 -21.13 -19.59 45.35
N PRO A 115 -20.57 -20.50 46.15
CA PRO A 115 -19.93 -21.68 45.55
C PRO A 115 -20.98 -22.63 44.99
N ILE A 116 -20.72 -23.13 43.79
CA ILE A 116 -21.58 -24.08 43.11
C ILE A 116 -20.70 -25.19 42.60
N PRO A 117 -20.92 -26.45 43.00
CA PRO A 117 -20.06 -27.54 42.49
C PRO A 117 -20.37 -27.91 41.05
N MET A 118 -19.99 -27.04 40.10
CA MET A 118 -20.34 -27.25 38.70
C MET A 118 -19.64 -28.48 38.14
N SER A 119 -18.33 -28.59 38.34
CA SER A 119 -17.57 -29.73 37.80
C SER A 119 -18.03 -31.02 38.44
N GLN A 120 -18.14 -31.04 39.77
CA GLN A 120 -18.51 -32.27 40.47
C GLN A 120 -19.90 -32.74 40.08
N THR A 121 -20.87 -31.82 40.01
CA THR A 121 -22.21 -32.19 39.56
C THR A 121 -22.19 -32.73 38.15
N ALA A 122 -21.44 -32.10 37.25
CA ALA A 122 -21.37 -32.58 35.87
C ALA A 122 -20.72 -33.96 35.81
N LYS A 123 -19.72 -34.21 36.66
CA LYS A 123 -19.08 -35.52 36.66
C LYS A 123 -20.00 -36.60 37.20
N GLU A 124 -20.74 -36.31 38.28
CA GLU A 124 -21.67 -37.30 38.82
C GLU A 124 -22.72 -37.70 37.79
N MET A 125 -23.06 -36.81 36.86
CA MET A 125 -23.96 -37.15 35.76
C MET A 125 -23.27 -37.88 34.62
N LYS A 126 -21.96 -38.09 34.72
CA LYS A 126 -21.17 -38.76 33.68
C LYS A 126 -21.14 -37.95 32.38
N SER A 127 -21.13 -36.61 32.50
CA SER A 127 -21.06 -35.74 31.33
C SER A 127 -20.42 -34.43 31.78
N TYR A 128 -19.08 -34.40 31.76
CA TYR A 128 -18.38 -33.19 32.17
C TYR A 128 -18.72 -32.01 31.27
N ARG A 129 -19.03 -32.27 30.00
CA ARG A 129 -19.34 -31.19 29.07
C ARG A 129 -20.64 -30.47 29.43
N SER A 130 -21.47 -31.03 30.31
CA SER A 130 -22.67 -30.36 30.76
C SER A 130 -22.42 -29.41 31.91
N LYS A 131 -21.15 -29.15 32.25
CA LYS A 131 -20.81 -28.25 33.34
C LYS A 131 -21.46 -26.87 33.16
N ASN A 132 -21.46 -26.33 31.94
CA ASN A 132 -22.02 -25.00 31.76
C ASN A 132 -23.53 -24.98 32.00
N MET A 133 -24.21 -26.10 31.78
CA MET A 133 -25.64 -26.17 32.08
C MET A 133 -25.89 -26.02 33.58
N VAL A 134 -25.06 -26.65 34.40
CA VAL A 134 -25.19 -26.49 35.86
C VAL A 134 -24.99 -25.03 36.24
N ALA A 135 -23.97 -24.38 35.67
CA ALA A 135 -23.74 -22.97 35.94
C ALA A 135 -24.93 -22.12 35.53
N LEU A 136 -25.50 -22.40 34.36
CA LEU A 136 -26.64 -21.62 33.88
C LEU A 136 -27.82 -21.74 34.83
N GLY A 137 -28.09 -22.97 35.30
CA GLY A 137 -29.17 -23.15 36.27
C GLY A 137 -28.96 -22.33 37.54
N ALA A 138 -27.73 -22.34 38.06
CA ALA A 138 -27.44 -21.58 39.27
C ALA A 138 -27.58 -20.09 39.03
N LEU A 139 -27.02 -19.58 37.93
CA LEU A 139 -27.13 -18.15 37.63
C LEU A 139 -28.58 -17.75 37.44
N SER A 140 -29.37 -18.59 36.75
CA SER A 140 -30.79 -18.30 36.56
C SER A 140 -31.50 -18.16 37.90
N GLU A 141 -31.23 -19.09 38.83
CA GLU A 141 -31.88 -19.07 40.13
C GLU A 141 -31.44 -17.88 40.97
N LEU A 142 -30.13 -17.62 41.02
CA LEU A 142 -29.62 -16.56 41.89
C LEU A 142 -30.01 -15.17 41.42
N PHE A 143 -30.07 -14.96 40.10
CA PHE A 143 -30.17 -13.61 39.56
C PHE A 143 -31.37 -13.41 38.62
N ASN A 144 -32.35 -14.30 38.64
CA ASN A 144 -33.64 -14.08 37.97
C ASN A 144 -33.46 -13.95 36.45
N ILE A 145 -32.61 -14.79 35.87
CA ILE A 145 -32.61 -14.98 34.42
C ILE A 145 -33.71 -15.97 34.12
N SER A 146 -34.66 -15.56 33.26
CA SER A 146 -35.88 -16.31 32.99
C SER A 146 -35.61 -17.78 32.75
N GLU A 147 -36.07 -18.63 33.67
CA GLU A 147 -35.97 -20.07 33.46
C GLU A 147 -36.75 -20.49 32.22
N ASN A 148 -37.92 -19.88 31.99
CA ASN A 148 -38.75 -20.25 30.86
C ASN A 148 -38.03 -20.02 29.53
N THR A 149 -37.52 -18.80 29.30
CA THR A 149 -36.89 -18.53 28.01
C THR A 149 -35.51 -19.18 27.91
N LEU A 150 -34.84 -19.39 29.04
CA LEU A 150 -33.57 -20.11 29.00
C LEU A 150 -33.77 -21.53 28.52
N LYS A 151 -34.81 -22.22 29.03
CA LYS A 151 -35.10 -23.56 28.57
C LYS A 151 -35.63 -23.56 27.14
N GLU A 152 -36.37 -22.52 26.73
CA GLU A 152 -36.72 -22.35 25.32
C GLU A 152 -35.47 -22.31 24.45
N VAL A 153 -34.49 -21.49 24.85
CA VAL A 153 -33.25 -21.37 24.09
C VAL A 153 -32.50 -22.70 24.06
N LEU A 154 -32.41 -23.38 25.20
CA LEU A 154 -31.73 -24.67 25.23
C LEU A 154 -32.48 -25.70 24.37
N SER A 155 -33.82 -25.65 24.41
CA SER A 155 -34.62 -26.56 23.60
C SER A 155 -34.37 -26.35 22.10
N ASP A 156 -34.27 -25.09 21.66
CA ASP A 156 -33.98 -24.82 20.25
C ASP A 156 -32.61 -25.35 19.85
N LYS A 157 -31.64 -25.32 20.76
CA LYS A 157 -30.29 -25.76 20.42
C LYS A 157 -30.18 -27.29 20.42
N PHE A 158 -30.74 -27.95 21.45
CA PHE A 158 -30.51 -29.37 21.66
C PHE A 158 -31.69 -30.27 21.32
N GLY A 159 -32.83 -29.71 20.91
CA GLY A 159 -33.94 -30.57 20.53
C GLY A 159 -33.65 -31.41 19.30
N LYS A 160 -32.86 -30.89 18.36
CA LYS A 160 -32.49 -31.61 17.16
C LYS A 160 -31.58 -32.80 17.43
N LYS A 161 -31.00 -32.88 18.63
CA LYS A 161 -30.07 -33.96 18.98
C LYS A 161 -30.78 -35.16 19.62
N GLY A 162 -32.09 -35.08 19.86
CA GLY A 162 -32.83 -36.18 20.44
C GLY A 162 -33.44 -35.82 21.77
N GLU A 163 -34.56 -36.46 22.12
CA GLU A 163 -35.25 -36.14 23.36
C GLU A 163 -34.42 -36.48 24.58
N GLU A 164 -33.50 -37.44 24.47
CA GLU A 164 -32.67 -37.79 25.61
C GLU A 164 -31.61 -36.74 25.89
N VAL A 165 -30.93 -36.26 24.85
CA VAL A 165 -29.87 -35.27 25.02
C VAL A 165 -30.44 -34.00 25.64
N LEU A 166 -31.57 -33.52 25.13
CA LEU A 166 -32.17 -32.30 25.66
C LEU A 166 -32.60 -32.47 27.11
N ALA A 167 -33.31 -33.56 27.41
CA ALA A 167 -33.75 -33.79 28.79
C ALA A 167 -32.56 -33.94 29.73
N PHE A 168 -31.42 -34.39 29.20
CA PHE A 168 -30.21 -34.47 30.01
C PHE A 168 -29.68 -33.09 30.36
N ASN A 169 -29.58 -32.22 29.36
CA ASN A 169 -29.09 -30.87 29.62
C ASN A 169 -30.04 -30.06 30.48
N LEU A 170 -31.36 -30.28 30.33
CA LEU A 170 -32.31 -29.64 31.22
C LEU A 170 -32.19 -30.17 32.65
N GLU A 171 -31.82 -31.45 32.79
CA GLU A 171 -31.61 -32.03 34.12
C GLU A 171 -30.40 -31.39 34.80
N ALA A 172 -29.29 -31.27 34.06
CA ALA A 172 -28.12 -30.57 34.59
C ALA A 172 -28.46 -29.14 34.99
N PHE A 173 -29.25 -28.45 34.16
CA PHE A 173 -29.74 -27.11 34.50
C PHE A 173 -30.49 -27.13 35.82
N ASP A 174 -31.42 -28.07 35.98
CA ASP A 174 -32.20 -28.15 37.21
C ASP A 174 -31.32 -28.41 38.41
N LYS A 175 -30.28 -29.24 38.26
CA LYS A 175 -29.37 -29.49 39.37
C LYS A 175 -28.67 -28.21 39.80
N GLY A 176 -28.23 -27.38 38.84
CA GLY A 176 -27.63 -26.11 39.18
C GLY A 176 -28.60 -25.17 39.86
N LYS A 177 -29.85 -25.14 39.38
CA LYS A 177 -30.89 -24.34 40.04
C LYS A 177 -31.09 -24.80 41.48
N ALA A 178 -31.12 -26.11 41.72
CA ALA A 178 -31.34 -26.62 43.07
C ALA A 178 -30.16 -26.28 43.99
N LEU A 179 -28.94 -26.44 43.49
CA LEU A 179 -27.77 -26.06 44.28
C LEU A 179 -27.83 -24.60 44.69
N ALA A 180 -28.27 -23.72 43.77
CA ALA A 180 -28.32 -22.30 44.10
C ALA A 180 -29.47 -21.98 45.03
N LYS A 181 -30.60 -22.68 44.88
CA LYS A 181 -31.75 -22.43 45.75
C LYS A 181 -31.42 -22.74 47.21
N ALA A 182 -30.52 -23.68 47.45
CA ALA A 182 -30.14 -24.04 48.81
C ALA A 182 -29.28 -22.98 49.49
N LEU A 183 -28.67 -22.07 48.72
CA LEU A 183 -27.92 -20.98 49.32
C LEU A 183 -28.87 -19.83 49.65
N THR A 184 -28.44 -18.99 50.59
CA THR A 184 -29.24 -17.83 50.97
C THR A 184 -28.74 -16.63 50.17
N LYS A 185 -29.64 -16.01 49.41
CA LYS A 185 -29.28 -14.87 48.56
C LYS A 185 -29.18 -13.64 49.43
N ALA A 186 -27.97 -13.09 49.54
CA ALA A 186 -27.70 -11.90 50.33
C ALA A 186 -27.41 -10.66 49.48
N ASP A 187 -27.21 -10.81 48.17
CA ASP A 187 -26.86 -9.72 47.26
C ASP A 187 -28.11 -9.04 46.70
N PRO A 188 -28.01 -7.79 46.25
CA PRO A 188 -29.18 -7.09 45.71
C PRO A 188 -29.41 -7.24 44.22
N PHE A 189 -28.74 -8.17 43.54
CA PHE A 189 -28.74 -8.21 42.08
C PHE A 189 -29.82 -9.14 41.55
N ARG A 190 -30.66 -8.61 40.67
CA ARG A 190 -31.68 -9.37 39.95
C ARG A 190 -31.81 -8.81 38.54
N VAL A 191 -31.84 -9.70 37.55
CA VAL A 191 -32.21 -9.28 36.20
C VAL A 191 -33.63 -8.75 36.23
N ALA A 192 -33.88 -7.69 35.46
CA ALA A 192 -35.19 -7.08 35.41
C ALA A 192 -36.27 -8.12 35.11
N ASP A 193 -37.48 -7.86 35.61
CA ASP A 193 -38.58 -8.79 35.40
C ASP A 193 -38.90 -8.91 33.91
N PRO A 194 -39.33 -10.08 33.45
CA PRO A 194 -39.63 -10.26 32.02
C PRO A 194 -40.71 -9.30 31.54
N GLN A 195 -40.59 -8.91 30.27
CA GLN A 195 -41.57 -8.06 29.61
C GLN A 195 -42.02 -8.73 28.32
N GLU A 196 -42.98 -8.10 27.64
CA GLU A 196 -43.40 -8.58 26.33
C GLU A 196 -42.20 -8.58 25.39
N PRO A 197 -41.94 -9.67 24.68
CA PRO A 197 -40.80 -9.68 23.75
C PRO A 197 -40.96 -8.62 22.66
N LYS A 198 -39.87 -7.91 22.39
CA LYS A 198 -39.89 -6.83 21.41
C LYS A 198 -39.54 -7.35 20.03
N ASP A 199 -39.85 -6.54 19.01
CA ASP A 199 -39.57 -6.87 17.62
C ASP A 199 -38.11 -6.56 17.35
N VAL A 200 -37.24 -7.47 17.78
CA VAL A 200 -35.80 -7.25 17.76
C VAL A 200 -35.10 -8.44 17.11
N ILE A 201 -33.84 -8.22 16.75
CA ILE A 201 -32.91 -9.30 16.49
C ILE A 201 -31.67 -9.07 17.35
N ILE A 202 -30.86 -10.11 17.48
CA ILE A 202 -29.56 -10.04 18.12
C ILE A 202 -28.50 -10.28 17.05
N MET A 203 -27.54 -9.37 16.96
CA MET A 203 -26.53 -9.45 15.91
C MET A 203 -25.19 -8.95 16.41
N ALA A 204 -24.12 -9.57 15.92
CA ALA A 204 -22.78 -9.07 16.13
C ALA A 204 -22.46 -7.95 15.15
N GLY A 205 -21.47 -7.14 15.52
CA GLY A 205 -21.12 -6.00 14.69
C GLY A 205 -20.72 -6.38 13.27
N ASN A 206 -19.86 -7.40 13.14
CA ASN A 206 -19.39 -7.78 11.81
C ASN A 206 -20.49 -8.38 10.96
N ASP A 207 -21.34 -9.24 11.56
CA ASP A 207 -22.49 -9.74 10.82
C ASP A 207 -23.40 -8.59 10.39
N ALA A 208 -23.56 -7.59 11.25
CA ALA A 208 -24.44 -6.47 10.93
C ALA A 208 -23.88 -5.65 9.77
N VAL A 209 -22.56 -5.52 9.66
CA VAL A 209 -21.97 -4.85 8.49
C VAL A 209 -22.32 -5.62 7.22
N GLY A 210 -22.17 -6.94 7.24
CA GLY A 210 -22.51 -7.73 6.06
C GLY A 210 -23.97 -7.61 5.69
N LEU A 211 -24.86 -7.61 6.69
CA LEU A 211 -26.28 -7.46 6.43
C LEU A 211 -26.60 -6.07 5.88
N GLY A 212 -25.98 -5.02 6.44
CA GLY A 212 -26.18 -3.69 5.91
C GLY A 212 -25.78 -3.57 4.45
N GLY A 213 -24.67 -4.19 4.08
CA GLY A 213 -24.28 -4.19 2.67
C GLY A 213 -25.36 -4.82 1.80
N ILE A 214 -25.83 -6.00 2.19
CA ILE A 214 -26.87 -6.69 1.44
C ILE A 214 -28.12 -5.83 1.35
N LEU A 215 -28.55 -5.27 2.49
CA LEU A 215 -29.73 -4.40 2.48
C LEU A 215 -29.49 -3.13 1.67
N GLY A 216 -28.24 -2.69 1.56
CA GLY A 216 -27.98 -1.52 0.74
C GLY A 216 -27.91 -1.79 -0.75
N GLY A 217 -28.14 -3.02 -1.17
CA GLY A 217 -28.09 -3.36 -2.58
C GLY A 217 -26.74 -3.85 -3.06
N LEU A 218 -25.89 -4.33 -2.16
CA LEU A 218 -24.60 -4.90 -2.55
C LEU A 218 -24.76 -5.95 -3.64
N GLU A 219 -23.83 -5.95 -4.60
CA GLU A 219 -23.88 -6.92 -5.69
C GLU A 219 -22.56 -7.68 -5.82
N PHE A 220 -21.46 -7.07 -5.40
CA PHE A 220 -20.14 -7.69 -5.54
C PHE A 220 -19.29 -7.40 -4.32
N PHE A 221 -18.73 -8.45 -3.72
CA PHE A 221 -17.88 -8.33 -2.54
C PHE A 221 -16.59 -9.07 -2.80
N SER A 222 -15.46 -8.41 -2.54
CA SER A 222 -14.16 -9.07 -2.59
C SER A 222 -13.39 -8.71 -1.34
N ALA A 223 -12.81 -9.70 -0.67
CA ALA A 223 -12.02 -9.42 0.51
C ALA A 223 -10.94 -10.47 0.70
N TYR A 224 -10.03 -10.17 1.61
CA TYR A 224 -8.98 -11.07 2.05
C TYR A 224 -9.10 -11.17 3.56
N PRO A 225 -9.03 -12.37 4.12
CA PRO A 225 -9.28 -12.52 5.57
C PRO A 225 -8.24 -11.74 6.38
N ILE A 226 -8.72 -11.07 7.41
CA ILE A 226 -7.85 -10.40 8.39
C ILE A 226 -8.65 -10.15 9.65
N THR A 227 -8.01 -10.41 10.79
CA THR A 227 -8.61 -10.11 12.08
C THR A 227 -8.60 -8.61 12.33
N PRO A 228 -9.69 -8.03 12.87
CA PRO A 228 -10.95 -8.64 13.29
C PRO A 228 -12.10 -8.41 12.30
N ALA A 229 -11.86 -8.63 11.01
CA ALA A 229 -12.82 -8.30 9.98
C ALA A 229 -13.40 -9.49 9.23
N THR A 230 -12.85 -10.69 9.44
CA THR A 230 -13.19 -11.81 8.56
C THR A 230 -14.66 -12.21 8.63
N GLU A 231 -15.32 -12.01 9.78
CA GLU A 231 -16.72 -12.40 9.88
C GLU A 231 -17.62 -11.62 8.92
N VAL A 232 -17.21 -10.44 8.48
CA VAL A 232 -17.99 -9.72 7.47
C VAL A 232 -18.06 -10.55 6.19
N ALA A 233 -16.89 -10.98 5.69
CA ALA A 233 -16.85 -11.81 4.48
C ALA A 233 -17.58 -13.13 4.68
N LYS A 234 -17.47 -13.72 5.87
CA LYS A 234 -18.17 -14.96 6.16
C LYS A 234 -19.68 -14.79 6.02
N TYR A 235 -20.22 -13.71 6.59
CA TYR A 235 -21.66 -13.46 6.50
C TYR A 235 -22.07 -13.21 5.05
N VAL A 236 -21.30 -12.38 4.34
CA VAL A 236 -21.63 -12.06 2.95
C VAL A 236 -21.54 -13.30 2.07
N ALA A 237 -20.50 -14.13 2.27
CA ALA A 237 -20.36 -15.34 1.48
C ALA A 237 -21.57 -16.26 1.61
N THR A 238 -22.19 -16.29 2.81
CA THR A 238 -23.34 -17.15 3.04
C THR A 238 -24.61 -16.60 2.42
N HIS A 239 -24.86 -15.29 2.56
CA HIS A 239 -26.17 -14.73 2.24
C HIS A 239 -26.24 -13.92 0.96
N LEU A 240 -25.15 -13.30 0.52
CA LEU A 240 -25.21 -12.54 -0.72
C LEU A 240 -25.57 -13.38 -1.95
N PRO A 241 -25.05 -14.60 -2.14
CA PRO A 241 -25.48 -15.38 -3.31
C PRO A 241 -26.98 -15.63 -3.34
N LYS A 242 -27.64 -15.69 -2.18
CA LYS A 242 -29.09 -15.82 -2.15
C LYS A 242 -29.78 -14.66 -2.85
N CYS A 243 -29.19 -13.47 -2.80
CA CYS A 243 -29.77 -12.26 -3.38
C CYS A 243 -29.24 -11.97 -4.77
N GLY A 244 -28.60 -12.94 -5.41
CA GLY A 244 -28.09 -12.76 -6.75
C GLY A 244 -26.72 -12.14 -6.87
N GLY A 245 -26.02 -11.92 -5.76
CA GLY A 245 -24.71 -11.30 -5.77
C GLY A 245 -23.59 -12.33 -5.66
N ASP A 246 -22.35 -11.84 -5.77
CA ASP A 246 -21.17 -12.69 -5.72
C ASP A 246 -20.17 -12.16 -4.72
N LEU A 247 -19.61 -13.08 -3.92
CA LEU A 247 -18.42 -12.84 -3.13
C LEU A 247 -17.25 -13.61 -3.73
N VAL A 248 -16.09 -12.96 -3.76
CA VAL A 248 -14.83 -13.56 -4.17
C VAL A 248 -13.82 -13.30 -3.07
N GLN A 249 -13.03 -14.30 -2.72
CA GLN A 249 -11.88 -14.10 -1.87
C GLN A 249 -10.67 -13.87 -2.77
N ALA A 250 -10.10 -12.68 -2.70
CA ALA A 250 -8.94 -12.34 -3.51
C ALA A 250 -7.66 -12.82 -2.84
N GLU A 251 -6.55 -12.68 -3.56
CA GLU A 251 -5.26 -13.15 -3.08
C GLU A 251 -4.62 -12.20 -2.08
N ASP A 252 -5.05 -10.94 -2.06
CA ASP A 252 -4.61 -9.97 -1.05
C ASP A 252 -5.53 -8.76 -1.11
N GLU A 253 -5.26 -7.77 -0.26
CA GLU A 253 -6.12 -6.60 -0.18
C GLU A 253 -6.02 -5.73 -1.42
N ILE A 254 -4.85 -5.68 -2.06
CA ILE A 254 -4.73 -4.89 -3.28
C ILE A 254 -5.62 -5.47 -4.37
N ALA A 255 -5.56 -6.80 -4.56
CA ALA A 255 -6.43 -7.46 -5.51
C ALA A 255 -7.91 -7.25 -5.15
N SER A 256 -8.22 -7.22 -3.85
CA SER A 256 -9.62 -7.07 -3.43
C SER A 256 -10.17 -5.71 -3.81
N ILE A 257 -9.45 -4.62 -3.49
CA ILE A 257 -9.96 -3.30 -3.84
C ILE A 257 -9.89 -3.08 -5.35
N ALA A 258 -8.93 -3.73 -6.01
CA ALA A 258 -8.87 -3.68 -7.47
C ALA A 258 -10.12 -4.29 -8.09
N GLN A 259 -10.52 -5.47 -7.60
CA GLN A 259 -11.72 -6.12 -8.09
C GLN A 259 -12.97 -5.29 -7.79
N VAL A 260 -13.01 -4.64 -6.62
CA VAL A 260 -14.12 -3.75 -6.29
C VAL A 260 -14.24 -2.64 -7.34
N LEU A 261 -13.13 -2.01 -7.69
CA LEU A 261 -13.17 -0.92 -8.66
C LEU A 261 -13.60 -1.42 -10.03
N GLY A 262 -13.13 -2.60 -10.43
CA GLY A 262 -13.54 -3.15 -11.72
C GLY A 262 -15.01 -3.49 -11.75
N ALA A 263 -15.52 -4.07 -10.66
CA ALA A 263 -16.95 -4.38 -10.59
C ALA A 263 -17.78 -3.11 -10.54
N SER A 264 -17.28 -2.08 -9.85
CA SER A 264 -17.99 -0.80 -9.80
C SER A 264 -18.00 -0.12 -11.17
N TYR A 265 -16.86 -0.13 -11.86
CA TYR A 265 -16.84 0.38 -13.24
C TYR A 265 -17.86 -0.35 -14.11
N ALA A 266 -18.00 -1.66 -13.91
CA ALA A 266 -18.99 -2.46 -14.63
C ALA A 266 -20.42 -2.12 -14.25
N GLY A 267 -20.63 -1.28 -13.23
CA GLY A 267 -21.94 -0.80 -12.85
C GLY A 267 -22.54 -1.41 -11.60
N LYS A 268 -21.77 -2.20 -10.84
CA LYS A 268 -22.29 -2.91 -9.67
C LYS A 268 -21.87 -2.24 -8.37
N LYS A 269 -22.78 -2.23 -7.40
CA LYS A 269 -22.45 -1.76 -6.06
C LYS A 269 -21.50 -2.77 -5.40
N SER A 270 -20.31 -2.30 -5.03
CA SER A 270 -19.23 -3.19 -4.61
C SER A 270 -18.57 -2.66 -3.34
N MET A 271 -18.03 -3.57 -2.54
CA MET A 271 -17.39 -3.18 -1.29
C MET A 271 -16.38 -4.24 -0.88
N THR A 272 -15.55 -3.87 0.09
CA THR A 272 -14.65 -4.82 0.74
C THR A 272 -14.64 -4.48 2.24
N ALA A 273 -14.03 -5.37 3.01
CA ALA A 273 -13.85 -5.15 4.44
C ALA A 273 -12.46 -5.62 4.83
N THR A 274 -11.84 -4.92 5.77
CA THR A 274 -10.45 -5.15 6.10
C THR A 274 -10.16 -4.57 7.48
N SER A 275 -8.89 -4.52 7.85
CA SER A 275 -8.44 -3.80 9.02
C SER A 275 -7.23 -2.94 8.66
N GLY A 276 -6.62 -2.30 9.66
CA GLY A 276 -5.59 -1.31 9.43
C GLY A 276 -4.52 -1.67 8.40
N PRO A 277 -3.86 -2.82 8.58
CA PRO A 277 -2.85 -3.24 7.58
C PRO A 277 -3.41 -3.31 6.18
N GLY A 278 -4.63 -3.82 6.02
CA GLY A 278 -5.22 -3.90 4.70
C GLY A 278 -5.56 -2.55 4.12
N LEU A 279 -6.07 -1.64 4.94
CA LEU A 279 -6.37 -0.29 4.45
C LEU A 279 -5.11 0.41 3.96
N ALA A 280 -3.98 0.18 4.64
CA ALA A 280 -2.73 0.79 4.21
C ALA A 280 -2.30 0.25 2.84
N LEU A 281 -2.49 -1.06 2.61
CA LEU A 281 -2.18 -1.60 1.29
C LEU A 281 -3.11 -1.05 0.21
N MET A 282 -4.34 -0.70 0.57
CA MET A 282 -5.32 -0.21 -0.40
C MET A 282 -5.11 1.26 -0.76
N SER A 283 -4.13 1.94 -0.15
CA SER A 283 -4.02 3.38 -0.31
C SER A 283 -3.90 3.80 -1.77
N GLU A 284 -3.09 3.09 -2.57
CA GLU A 284 -2.91 3.49 -3.96
C GLU A 284 -4.21 3.36 -4.74
N MET A 285 -4.91 2.24 -4.58
CA MET A 285 -6.14 2.02 -5.34
C MET A 285 -7.25 2.98 -4.91
N LEU A 286 -7.28 3.37 -3.64
CA LEU A 286 -8.26 4.39 -3.24
C LEU A 286 -7.95 5.74 -3.90
N GLY A 287 -6.69 6.00 -4.23
CA GLY A 287 -6.37 7.15 -5.06
C GLY A 287 -6.99 7.07 -6.45
N MET A 288 -6.92 5.89 -7.08
CA MET A 288 -7.57 5.68 -8.37
C MET A 288 -9.08 5.90 -8.27
N ALA A 289 -9.71 5.40 -7.20
CA ALA A 289 -11.14 5.59 -7.01
C ALA A 289 -11.49 7.07 -6.96
N HIS A 290 -10.70 7.85 -6.23
CA HIS A 290 -10.96 9.29 -6.14
C HIS A 290 -10.80 9.96 -7.49
N MET A 291 -9.65 9.73 -8.15
CA MET A 291 -9.35 10.43 -9.39
C MET A 291 -10.31 10.06 -10.50
N SER A 292 -10.61 8.77 -10.64
CA SER A 292 -11.49 8.32 -11.70
C SER A 292 -12.97 8.47 -11.35
N GLU A 293 -13.27 8.91 -10.14
CA GLU A 293 -14.64 9.08 -9.66
C GLU A 293 -15.44 7.79 -9.77
N THR A 294 -14.87 6.71 -9.23
CA THR A 294 -15.51 5.40 -9.27
C THR A 294 -15.99 5.02 -7.88
N PRO A 295 -17.29 4.78 -7.68
CA PRO A 295 -17.78 4.44 -6.33
C PRO A 295 -17.10 3.21 -5.77
N CYS A 296 -16.74 3.27 -4.49
CA CYS A 296 -16.33 2.06 -3.78
C CYS A 296 -16.46 2.26 -2.28
N LEU A 297 -16.63 1.15 -1.57
CA LEU A 297 -16.81 1.17 -0.12
C LEU A 297 -15.79 0.24 0.52
N VAL A 298 -15.07 0.75 1.51
CA VAL A 298 -14.17 -0.05 2.33
C VAL A 298 -14.61 0.09 3.78
N VAL A 299 -14.87 -1.03 4.43
CA VAL A 299 -15.09 -1.03 5.87
C VAL A 299 -13.79 -1.44 6.54
N ASP A 300 -13.27 -0.59 7.40
CA ASP A 300 -12.07 -0.87 8.16
C ASP A 300 -12.48 -1.15 9.60
N VAL A 301 -12.43 -2.41 10.00
CA VAL A 301 -12.66 -2.78 11.40
C VAL A 301 -11.35 -2.57 12.13
N GLN A 302 -11.22 -1.41 12.78
CA GLN A 302 -9.95 -0.99 13.35
C GLN A 302 -9.53 -1.93 14.48
N ARG A 303 -8.22 -2.16 14.57
CA ARG A 303 -7.60 -2.98 15.60
C ARG A 303 -6.40 -2.24 16.17
N GLY A 304 -5.71 -2.87 17.12
CA GLY A 304 -4.55 -2.26 17.72
C GLY A 304 -3.41 -2.13 16.71
N GLY A 305 -2.87 -0.93 16.58
CA GLY A 305 -1.68 -0.70 15.80
C GLY A 305 -0.60 -0.12 16.70
N PRO A 306 0.50 0.35 16.12
CA PRO A 306 0.82 0.37 14.68
C PRO A 306 1.32 -0.99 14.18
N SER A 307 1.56 -1.10 12.88
CA SER A 307 2.07 -2.31 12.26
C SER A 307 1.17 -3.50 12.61
N THR A 308 1.76 -4.68 12.84
CA THR A 308 0.93 -5.84 13.22
C THR A 308 0.18 -5.55 14.51
N GLY A 309 0.84 -4.93 15.48
CA GLY A 309 0.11 -4.26 16.55
C GLY A 309 -0.51 -5.21 17.56
N LEU A 310 -1.81 -5.01 17.81
CA LEU A 310 -2.58 -5.78 18.78
C LEU A 310 -3.87 -6.18 18.08
N PRO A 311 -3.86 -7.27 17.32
CA PRO A 311 -5.00 -7.57 16.42
C PRO A 311 -6.32 -7.76 17.14
N THR A 312 -6.30 -8.24 18.38
CA THR A 312 -7.52 -8.59 19.09
C THR A 312 -7.98 -7.51 20.07
N LYS A 313 -7.28 -6.38 20.14
CA LYS A 313 -7.56 -5.38 21.17
C LYS A 313 -8.35 -4.21 20.59
N HIS A 314 -8.72 -3.29 21.48
CA HIS A 314 -9.60 -2.17 21.14
C HIS A 314 -8.78 -0.91 20.84
N GLU A 315 -9.05 -0.29 19.69
CA GLU A 315 -8.35 0.92 19.31
C GLU A 315 -9.09 1.58 18.15
N GLN A 316 -9.10 2.90 18.13
CA GLN A 316 -9.65 3.67 17.02
C GLN A 316 -8.57 4.61 16.50
N SER A 317 -7.54 4.06 15.86
CA SER A 317 -6.35 4.81 15.49
C SER A 317 -6.09 4.84 14.00
N ASP A 318 -7.10 4.56 13.17
CA ASP A 318 -6.94 4.61 11.71
C ASP A 318 -7.55 5.87 11.10
N LEU A 319 -7.82 6.90 11.90
CA LEU A 319 -8.45 8.10 11.36
C LEU A 319 -7.47 8.87 10.48
N PHE A 320 -6.21 8.97 10.91
CA PHE A 320 -5.19 9.63 10.08
C PHE A 320 -5.07 8.95 8.73
N LEU A 321 -4.98 7.61 8.73
CA LEU A 321 -4.83 6.87 7.47
C LEU A 321 -6.07 7.00 6.59
N ALA A 322 -7.27 6.92 7.18
CA ALA A 322 -8.48 7.00 6.37
C ALA A 322 -8.60 8.34 5.66
N ILE A 323 -8.19 9.41 6.32
CA ILE A 323 -8.35 10.75 5.75
C ILE A 323 -7.17 11.14 4.88
N HIS A 324 -5.94 10.85 5.31
CA HIS A 324 -4.74 11.35 4.66
C HIS A 324 -3.89 10.26 4.01
N GLY A 325 -4.41 9.06 3.83
CA GLY A 325 -3.63 7.94 3.34
C GLY A 325 -3.29 7.95 1.85
N GLY A 326 -3.79 8.90 1.08
CA GLY A 326 -3.55 8.93 -0.34
C GLY A 326 -2.44 9.91 -0.70
N HIS A 327 -1.66 9.56 -1.72
CA HIS A 327 -0.67 10.50 -2.22
C HIS A 327 -1.34 11.58 -3.03
N GLY A 328 -0.70 12.75 -3.11
CA GLY A 328 -1.37 13.88 -3.71
C GLY A 328 -2.49 14.39 -2.81
N ASP A 329 -3.30 15.26 -3.39
CA ASP A 329 -4.54 15.73 -2.76
C ASP A 329 -5.63 14.75 -3.16
N SER A 330 -5.95 13.82 -2.25
CA SER A 330 -6.69 12.60 -2.59
C SER A 330 -7.72 12.28 -1.50
N PRO A 331 -8.81 13.04 -1.43
CA PRO A 331 -9.73 12.93 -0.30
C PRO A 331 -10.66 11.72 -0.38
N ARG A 332 -11.03 11.23 0.80
CA ARG A 332 -12.02 10.16 0.98
C ARG A 332 -13.19 10.70 1.79
N ILE A 333 -14.34 10.06 1.64
CA ILE A 333 -15.46 10.26 2.55
C ILE A 333 -15.34 9.20 3.64
N VAL A 334 -15.37 9.64 4.90
CA VAL A 334 -15.06 8.74 6.02
C VAL A 334 -16.20 8.79 7.03
N LEU A 335 -16.78 7.64 7.34
CA LEU A 335 -17.78 7.49 8.39
C LEU A 335 -17.24 6.59 9.48
N SER A 336 -17.88 6.63 10.64
CA SER A 336 -17.52 5.69 11.70
C SER A 336 -18.76 5.36 12.53
N VAL A 337 -18.90 4.07 12.86
CA VAL A 337 -20.10 3.52 13.49
C VAL A 337 -19.94 3.52 15.01
N GLU A 338 -21.07 3.65 15.70
CA GLU A 338 -21.12 3.59 17.16
C GLU A 338 -21.48 2.20 17.66
N ASP A 339 -22.49 1.56 17.07
CA ASP A 339 -23.11 0.38 17.66
C ASP A 339 -23.52 -0.58 16.54
N VAL A 340 -24.20 -1.65 16.93
CA VAL A 340 -24.63 -2.66 15.96
C VAL A 340 -25.67 -2.07 15.00
N LYS A 341 -26.55 -1.21 15.50
CA LYS A 341 -27.51 -0.53 14.62
C LYS A 341 -26.80 0.20 13.50
N ASP A 342 -25.77 0.98 13.85
CA ASP A 342 -25.00 1.72 12.85
C ASP A 342 -24.35 0.77 11.84
N CYS A 343 -23.85 -0.37 12.32
CA CYS A 343 -23.20 -1.32 11.43
C CYS A 343 -24.11 -1.71 10.28
N ILE A 344 -25.42 -1.78 10.51
CA ILE A 344 -26.37 -1.98 9.42
C ILE A 344 -26.59 -0.68 8.65
N SER A 345 -27.11 0.33 9.33
CA SER A 345 -27.63 1.50 8.61
C SER A 345 -26.50 2.34 8.02
N MET A 346 -25.33 2.36 8.65
CA MET A 346 -24.25 3.17 8.11
C MET A 346 -23.46 2.45 7.03
N THR A 347 -23.55 1.13 6.95
CA THR A 347 -23.03 0.47 5.76
C THR A 347 -23.94 0.74 4.57
N VAL A 348 -25.26 0.78 4.81
CA VAL A 348 -26.19 1.28 3.79
C VAL A 348 -25.84 2.72 3.43
N ASP A 349 -25.63 3.58 4.44
CA ASP A 349 -25.19 4.94 4.17
C ASP A 349 -23.93 4.94 3.32
N GLY A 350 -22.96 4.09 3.68
CA GLY A 350 -21.69 4.07 2.97
C GLY A 350 -21.85 3.76 1.49
N LEU A 351 -22.64 2.73 1.17
CA LEU A 351 -22.89 2.42 -0.23
C LEU A 351 -23.66 3.54 -0.92
N ASN A 352 -24.64 4.14 -0.23
CA ASN A 352 -25.43 5.21 -0.82
C ASN A 352 -24.56 6.42 -1.15
N LEU A 353 -23.66 6.78 -0.23
CA LEU A 353 -22.78 7.93 -0.47
C LEU A 353 -21.74 7.64 -1.53
N ALA A 354 -21.25 6.40 -1.61
CA ALA A 354 -20.35 6.05 -2.71
C ALA A 354 -21.06 6.18 -4.05
N GLU A 355 -22.33 5.74 -4.11
CA GLU A 355 -23.14 5.90 -5.31
C GLU A 355 -23.36 7.37 -5.65
N LYS A 356 -23.80 8.15 -4.67
CA LYS A 356 -24.24 9.51 -4.93
C LYS A 356 -23.08 10.41 -5.33
N TYR A 357 -21.91 10.20 -4.73
CA TYR A 357 -20.78 11.09 -4.92
C TYR A 357 -19.64 10.48 -5.71
N GLN A 358 -19.81 9.25 -6.21
CA GLN A 358 -18.84 8.60 -7.09
C GLN A 358 -17.43 8.73 -6.54
N ALA A 359 -17.25 8.19 -5.34
CA ALA A 359 -16.07 8.49 -4.54
C ALA A 359 -15.78 7.31 -3.63
N PRO A 360 -14.54 7.18 -3.15
CA PRO A 360 -14.24 6.15 -2.15
C PRO A 360 -14.78 6.56 -0.80
N VAL A 361 -15.50 5.63 -0.16
CA VAL A 361 -16.03 5.82 1.19
C VAL A 361 -15.37 4.79 2.09
N ILE A 362 -14.91 5.24 3.26
CA ILE A 362 -14.38 4.36 4.30
C ILE A 362 -15.29 4.44 5.51
N VAL A 363 -15.71 3.28 6.02
CA VAL A 363 -16.48 3.19 7.26
C VAL A 363 -15.57 2.56 8.30
N LEU A 364 -15.34 3.29 9.39
CA LEU A 364 -14.45 2.84 10.46
C LEU A 364 -15.28 2.17 11.56
N SER A 365 -15.05 0.87 11.76
CA SER A 365 -15.62 0.14 12.88
C SER A 365 -14.47 -0.18 13.84
N ASP A 366 -14.68 -1.12 14.75
CA ASP A 366 -13.59 -1.52 15.64
C ASP A 366 -13.81 -2.95 16.10
N GLY A 367 -12.75 -3.52 16.68
CA GLY A 367 -12.71 -4.93 17.03
C GLY A 367 -13.58 -5.33 18.21
N SER A 368 -13.92 -4.40 19.08
CA SER A 368 -14.87 -4.72 20.14
C SER A 368 -16.28 -4.84 19.58
N LEU A 369 -16.71 -3.82 18.83
CA LEU A 369 -18.02 -3.84 18.19
C LEU A 369 -18.16 -5.03 17.25
N ALA A 370 -17.08 -5.41 16.57
CA ALA A 370 -17.12 -6.55 15.65
C ALA A 370 -17.65 -7.81 16.30
N PHE A 371 -17.31 -8.04 17.57
CA PHE A 371 -17.73 -9.26 18.26
C PHE A 371 -18.77 -9.02 19.34
N SER A 372 -19.09 -7.76 19.64
CA SER A 372 -20.18 -7.48 20.55
C SER A 372 -21.51 -7.75 19.87
N THR A 373 -22.48 -8.26 20.63
CA THR A 373 -23.84 -8.40 20.13
C THR A 373 -24.78 -7.48 20.91
N GLN A 374 -25.87 -7.09 20.25
CA GLN A 374 -26.88 -6.24 20.84
C GLN A 374 -28.25 -6.69 20.36
N THR A 375 -29.26 -6.48 21.21
CA THR A 375 -30.63 -6.43 20.70
C THR A 375 -30.78 -5.14 19.92
N ILE A 376 -31.27 -5.25 18.69
CA ILE A 376 -31.52 -4.06 17.86
C ILE A 376 -32.90 -4.25 17.26
N PRO A 377 -33.60 -3.16 16.90
CA PRO A 377 -34.89 -3.33 16.22
C PRO A 377 -34.72 -4.12 14.94
N ARG A 378 -35.64 -5.03 14.69
CA ARG A 378 -35.57 -5.86 13.49
C ARG A 378 -35.53 -4.97 12.26
N PRO A 379 -34.52 -5.08 11.40
CA PRO A 379 -34.48 -4.25 10.20
C PRO A 379 -35.58 -4.65 9.23
N LYS A 380 -36.22 -3.64 8.65
CA LYS A 380 -37.22 -3.85 7.61
C LYS A 380 -36.66 -3.35 6.29
N PRO A 381 -36.48 -4.24 5.31
CA PRO A 381 -35.80 -3.83 4.06
C PRO A 381 -36.45 -2.65 3.37
N GLU A 382 -37.77 -2.51 3.45
CA GLU A 382 -38.45 -1.44 2.74
C GLU A 382 -38.29 -0.09 3.42
N ASP A 383 -37.71 -0.03 4.61
CA ASP A 383 -37.51 1.23 5.33
C ASP A 383 -36.19 1.91 5.01
N PHE A 384 -35.31 1.29 4.23
CA PHE A 384 -34.00 1.87 3.95
C PHE A 384 -34.08 2.67 2.67
N THR A 385 -33.74 3.95 2.75
CA THR A 385 -33.56 4.73 1.53
C THR A 385 -32.34 4.20 0.79
N ILE A 386 -32.52 3.90 -0.49
CA ILE A 386 -31.46 3.39 -1.36
C ILE A 386 -31.17 4.45 -2.41
N ILE A 387 -29.89 4.77 -2.59
CA ILE A 387 -29.46 5.73 -3.59
C ILE A 387 -28.66 4.99 -4.65
N ASN A 388 -28.93 5.31 -5.91
CA ASN A 388 -28.23 4.75 -7.05
C ASN A 388 -27.44 5.84 -7.75
N ARG A 389 -26.29 5.46 -8.31
CA ARG A 389 -25.44 6.39 -9.02
C ARG A 389 -26.23 7.12 -10.09
N LYS A 390 -25.94 8.41 -10.26
CA LYS A 390 -26.55 9.19 -11.34
C LYS A 390 -26.17 8.57 -12.68
N THR A 391 -27.16 8.19 -13.47
CA THR A 391 -26.90 7.51 -14.73
C THR A 391 -27.35 8.40 -15.90
N TRP A 392 -26.62 8.28 -17.00
CA TRP A 392 -26.85 9.15 -18.16
C TRP A 392 -28.25 8.93 -18.73
N ASP A 393 -28.94 10.03 -19.06
CA ASP A 393 -30.26 9.92 -19.66
C ASP A 393 -30.22 9.60 -21.16
N GLY A 394 -29.04 9.42 -21.74
CA GLY A 394 -28.95 9.09 -23.14
C GLY A 394 -29.14 10.24 -24.11
N GLN A 395 -29.33 11.46 -23.61
CA GLN A 395 -29.54 12.62 -24.47
C GLN A 395 -28.21 13.32 -24.73
N GLY A 396 -28.02 13.76 -25.97
CA GLY A 396 -26.83 14.53 -26.29
C GLY A 396 -25.60 13.65 -26.47
N THR A 397 -24.45 14.21 -26.09
CA THR A 397 -23.18 13.51 -26.18
C THR A 397 -22.71 13.13 -24.78
N TYR A 398 -22.30 11.88 -24.61
CA TYR A 398 -21.82 11.44 -23.32
C TYR A 398 -20.34 11.79 -23.15
N LYS A 399 -20.02 12.41 -22.02
CA LYS A 399 -18.63 12.64 -21.60
C LYS A 399 -18.52 12.21 -20.14
N ARG A 400 -17.67 11.21 -19.88
CA ARG A 400 -17.61 10.58 -18.56
C ARG A 400 -17.43 11.60 -17.44
N TYR A 401 -16.60 12.62 -17.65
CA TYR A 401 -16.32 13.61 -16.62
C TYR A 401 -16.92 14.98 -16.96
N GLU A 402 -18.12 14.96 -17.55
CA GLU A 402 -18.81 16.20 -17.89
C GLU A 402 -18.91 17.13 -16.70
N LEU A 403 -18.60 18.39 -16.92
CA LEU A 403 -18.70 19.40 -15.86
C LEU A 403 -20.16 19.83 -15.72
N THR A 404 -20.75 19.54 -14.57
CA THR A 404 -22.13 19.87 -14.28
C THR A 404 -22.19 20.86 -13.13
N GLU A 405 -23.39 21.38 -12.87
CA GLU A 405 -23.55 22.36 -11.80
C GLU A 405 -23.26 21.74 -10.43
N ASP A 406 -23.64 20.48 -10.22
CA ASP A 406 -23.43 19.82 -8.94
C ASP A 406 -22.13 19.02 -8.88
N ASN A 407 -21.29 19.11 -9.90
CA ASN A 407 -19.99 18.46 -9.99
C ASN A 407 -20.07 16.94 -10.06
N ILE A 408 -21.26 16.37 -10.24
CA ILE A 408 -21.45 14.92 -10.35
C ILE A 408 -21.75 14.59 -11.79
N SER A 409 -20.85 13.85 -12.44
CA SER A 409 -20.97 13.48 -13.85
C SER A 409 -21.80 12.21 -14.00
N PRO A 410 -22.82 12.19 -14.86
CA PRO A 410 -23.59 10.96 -15.05
C PRO A 410 -22.71 9.79 -15.46
N MET A 411 -23.00 8.63 -14.89
CA MET A 411 -22.27 7.42 -15.20
C MET A 411 -23.00 6.59 -16.24
N ALA A 412 -22.26 5.66 -16.84
CA ALA A 412 -22.85 4.73 -17.79
C ALA A 412 -22.10 3.41 -17.70
N ALA A 413 -22.82 2.34 -17.41
CA ALA A 413 -22.20 1.03 -17.32
C ALA A 413 -21.86 0.54 -18.73
N PRO A 414 -20.82 -0.28 -18.87
CA PRO A 414 -20.53 -0.90 -20.17
C PRO A 414 -21.77 -1.58 -20.72
N GLY A 415 -21.94 -1.50 -22.04
CA GLY A 415 -23.15 -1.94 -22.69
C GLY A 415 -24.14 -0.86 -23.00
N THR A 416 -23.99 0.32 -22.39
CA THR A 416 -24.87 1.44 -22.69
C THR A 416 -24.57 1.98 -24.09
N PRO A 417 -25.54 2.00 -24.99
CA PRO A 417 -25.28 2.55 -26.33
C PRO A 417 -24.83 4.00 -26.24
N ASN A 418 -23.83 4.36 -27.06
CA ASN A 418 -23.34 5.73 -27.22
C ASN A 418 -22.70 6.30 -25.98
N ALA A 419 -22.26 5.46 -25.03
CA ALA A 419 -21.60 5.98 -23.83
C ALA A 419 -20.24 5.35 -23.61
N LYS A 420 -19.60 4.81 -24.65
CA LYS A 420 -18.22 4.33 -24.54
C LYS A 420 -17.35 5.44 -23.98
N HIS A 421 -16.52 5.09 -22.99
CA HIS A 421 -15.69 6.07 -22.30
C HIS A 421 -14.60 5.33 -21.56
N ILE A 422 -13.62 6.10 -21.08
CA ILE A 422 -12.55 5.56 -20.26
C ILE A 422 -12.65 6.16 -18.87
N ALA A 423 -12.48 5.32 -17.85
CA ALA A 423 -12.19 5.79 -16.51
C ALA A 423 -10.68 5.70 -16.33
N THR A 424 -10.08 6.73 -15.75
CA THR A 424 -8.63 6.82 -15.74
C THR A 424 -8.12 7.46 -14.45
N GLY A 425 -6.92 7.04 -14.05
CA GLY A 425 -6.18 7.62 -12.95
C GLY A 425 -5.25 8.75 -13.33
N LEU A 426 -5.00 8.96 -14.62
CA LEU A 426 -4.32 10.17 -15.04
C LEU A 426 -5.24 11.37 -14.89
N GLU A 427 -4.65 12.53 -14.58
CA GLU A 427 -5.44 13.75 -14.67
C GLU A 427 -5.91 13.93 -16.10
N HIS A 428 -7.13 14.46 -16.25
CA HIS A 428 -7.86 14.28 -17.48
C HIS A 428 -8.85 15.43 -17.65
N GLY A 429 -9.31 15.61 -18.88
CA GLY A 429 -10.38 16.54 -19.18
C GLY A 429 -11.74 15.86 -19.14
N GLU A 430 -12.74 16.56 -19.67
CA GLU A 430 -14.13 16.13 -19.57
C GLU A 430 -14.39 14.77 -20.21
N THR A 431 -13.64 14.42 -21.25
CA THR A 431 -13.85 13.16 -21.93
C THR A 431 -12.99 12.03 -21.38
N GLY A 432 -12.18 12.30 -20.35
CA GLY A 432 -11.27 11.31 -19.83
C GLY A 432 -9.96 11.22 -20.55
N ALA A 433 -9.70 12.07 -21.54
CA ALA A 433 -8.40 12.06 -22.18
C ALA A 433 -7.38 12.70 -21.24
N PRO A 434 -6.16 12.16 -21.18
CA PRO A 434 -5.15 12.75 -20.29
C PRO A 434 -4.93 14.22 -20.60
N ASN A 435 -4.78 15.01 -19.55
CA ASN A 435 -4.71 16.46 -19.67
C ASN A 435 -3.82 16.98 -18.55
N TYR A 436 -2.68 17.56 -18.90
CA TYR A 436 -1.72 18.03 -17.91
C TYR A 436 -1.65 19.55 -17.81
N SER A 437 -2.61 20.26 -18.39
CA SER A 437 -2.55 21.72 -18.38
C SER A 437 -2.90 22.27 -16.98
N PRO A 438 -2.30 23.40 -16.61
CA PRO A 438 -2.58 23.98 -15.28
C PRO A 438 -4.05 24.28 -15.05
N ALA A 439 -4.72 24.93 -16.01
CA ALA A 439 -6.11 25.33 -15.80
C ALA A 439 -6.99 24.11 -15.57
N ASN A 440 -6.71 23.01 -16.27
CA ASN A 440 -7.55 21.82 -16.13
C ASN A 440 -7.34 21.15 -14.77
N HIS A 441 -6.08 21.07 -14.32
CA HIS A 441 -5.81 20.47 -13.01
C HIS A 441 -6.50 21.26 -11.90
N GLU A 442 -6.40 22.60 -11.96
CA GLU A 442 -7.12 23.44 -11.00
C GLU A 442 -8.62 23.21 -11.10
N LEU A 443 -9.12 23.10 -12.33
CA LEU A 443 -10.55 22.96 -12.55
C LEU A 443 -11.07 21.61 -12.07
N MET A 444 -10.32 20.54 -12.32
CA MET A 444 -10.77 19.20 -11.95
C MET A 444 -10.60 18.92 -10.46
N HIS A 445 -9.57 19.49 -9.83
CA HIS A 445 -9.50 19.46 -8.37
C HIS A 445 -10.74 20.08 -7.76
N ARG A 446 -11.13 21.25 -8.25
CA ARG A 446 -12.33 21.90 -7.72
C ARG A 446 -13.57 21.06 -7.99
N LYS A 447 -13.64 20.42 -9.16
CA LYS A 447 -14.79 19.55 -9.43
C LYS A 447 -14.90 18.42 -8.40
N ARG A 448 -13.81 17.66 -8.22
CA ARG A 448 -13.86 16.49 -7.35
C ARG A 448 -13.95 16.88 -5.88
N PHE A 449 -13.24 17.94 -5.47
CA PHE A 449 -13.33 18.38 -4.08
C PHE A 449 -14.70 18.98 -3.76
N ASN A 450 -15.21 19.86 -4.64
CA ASN A 450 -16.53 20.43 -4.39
C ASN A 450 -17.59 19.34 -4.35
N LYS A 451 -17.46 18.34 -5.22
CA LYS A 451 -18.37 17.20 -5.21
C LYS A 451 -18.38 16.51 -3.86
N GLN A 452 -17.23 16.00 -3.43
CA GLN A 452 -17.20 15.24 -2.18
C GLN A 452 -17.53 16.13 -0.99
N ASN A 453 -17.11 17.39 -1.02
CA ASN A 453 -17.45 18.28 0.08
C ASN A 453 -18.94 18.59 0.14
N SER A 454 -19.68 18.40 -0.95
CA SER A 454 -21.12 18.66 -0.87
C SER A 454 -21.87 17.59 -0.10
N VAL A 455 -21.19 16.54 0.39
CA VAL A 455 -21.81 15.61 1.34
C VAL A 455 -22.33 16.37 2.54
N LEU A 456 -21.62 17.44 2.94
CA LEU A 456 -22.01 18.22 4.12
C LEU A 456 -23.41 18.81 3.99
N ASP A 457 -23.86 19.09 2.78
CA ASP A 457 -25.19 19.65 2.59
C ASP A 457 -26.27 18.58 2.56
N PHE A 458 -25.90 17.31 2.52
CA PHE A 458 -26.86 16.24 2.30
C PHE A 458 -26.89 15.22 3.44
N TYR A 459 -25.73 14.82 3.95
CA TYR A 459 -25.63 13.79 4.98
C TYR A 459 -25.21 14.47 6.28
N LYS A 460 -26.13 14.50 7.25
CA LYS A 460 -25.86 15.03 8.58
C LYS A 460 -26.05 13.91 9.59
N ASN A 461 -25.00 13.64 10.36
CA ASN A 461 -25.04 12.56 11.36
C ASN A 461 -24.09 12.97 12.48
N MET A 462 -24.53 13.94 13.28
CA MET A 462 -23.75 14.48 14.39
C MET A 462 -24.70 14.90 15.51
N GLU A 463 -25.26 13.90 16.20
CA GLU A 463 -26.26 14.15 17.23
C GLU A 463 -25.68 14.93 18.41
N VAL A 464 -26.49 15.83 18.97
CA VAL A 464 -26.13 16.60 20.16
C VAL A 464 -27.14 16.31 21.25
N GLU A 465 -26.66 16.12 22.48
CA GLU A 465 -27.55 15.90 23.62
C GLU A 465 -26.98 16.60 24.85
N GLY A 466 -27.83 16.75 25.85
CA GLY A 466 -27.46 17.43 27.08
C GLY A 466 -28.22 18.72 27.28
N VAL A 467 -27.62 19.62 28.08
CA VAL A 467 -28.29 20.87 28.42
C VAL A 467 -28.43 21.74 27.19
N GLU A 468 -29.48 22.57 27.16
CA GLU A 468 -29.78 23.37 25.98
C GLU A 468 -28.99 24.67 25.96
N GLY A 469 -28.77 25.28 27.12
CA GLY A 469 -28.06 26.54 27.20
C GLY A 469 -26.55 26.37 27.21
N GLU A 470 -25.89 27.27 27.94
CA GLU A 470 -24.45 27.20 28.11
C GLU A 470 -24.07 25.98 28.95
N ALA A 471 -23.01 25.29 28.53
CA ALA A 471 -22.52 24.12 29.25
C ALA A 471 -21.14 24.43 29.82
N ASP A 472 -20.86 23.86 30.99
CA ASP A 472 -19.51 23.95 31.55
C ASP A 472 -18.54 23.10 30.76
N VAL A 473 -18.99 21.95 30.27
CA VAL A 473 -18.16 21.02 29.51
C VAL A 473 -18.98 20.46 28.36
N GLY A 474 -18.42 20.49 27.16
CA GLY A 474 -18.93 19.75 26.02
C GLY A 474 -18.02 18.56 25.74
N ILE A 475 -18.62 17.43 25.39
CA ILE A 475 -17.89 16.22 25.06
C ILE A 475 -18.14 15.90 23.58
N ILE A 476 -17.06 15.74 22.84
CA ILE A 476 -17.13 15.30 21.45
C ILE A 476 -16.34 14.00 21.34
N THR A 477 -16.95 12.97 20.75
CA THR A 477 -16.25 11.71 20.55
C THR A 477 -16.82 11.01 19.31
N TRP A 478 -16.20 9.89 18.94
CA TRP A 478 -16.56 9.19 17.72
C TRP A 478 -16.39 7.69 17.91
N GLY A 479 -16.90 6.92 16.96
CA GLY A 479 -16.78 5.47 17.06
C GLY A 479 -17.64 4.90 18.20
N SER A 480 -17.28 3.70 18.65
CA SER A 480 -18.05 3.10 19.74
C SER A 480 -17.86 3.86 21.05
N THR A 481 -16.85 4.73 21.15
CA THR A 481 -16.72 5.61 22.31
C THR A 481 -17.96 6.48 22.51
N ILE A 482 -18.72 6.74 21.45
CA ILE A 482 -19.99 7.47 21.58
C ILE A 482 -20.90 6.80 22.61
N GLY A 483 -21.03 5.48 22.52
CA GLY A 483 -21.92 4.79 23.45
C GLY A 483 -21.49 4.94 24.89
N VAL A 484 -20.18 4.91 25.14
CA VAL A 484 -19.68 5.10 26.50
C VAL A 484 -20.06 6.48 27.02
N VAL A 485 -19.87 7.50 26.19
CA VAL A 485 -20.22 8.87 26.59
C VAL A 485 -21.72 9.03 26.78
N ARG A 486 -22.53 8.30 26.02
CA ARG A 486 -23.98 8.33 26.24
C ARG A 486 -24.32 7.96 27.68
N GLU A 487 -23.73 6.87 28.18
CA GLU A 487 -24.02 6.46 29.56
C GLU A 487 -23.46 7.46 30.56
N ALA A 488 -22.25 7.97 30.31
CA ALA A 488 -21.68 8.99 31.19
C ALA A 488 -22.58 10.23 31.24
N MET A 489 -23.16 10.62 30.10
CA MET A 489 -24.05 11.77 30.06
C MET A 489 -25.30 11.54 30.91
N GLN A 490 -25.83 10.32 30.91
CA GLN A 490 -26.94 10.01 31.80
C GLN A 490 -26.59 10.31 33.24
N ARG A 491 -25.39 9.88 33.67
CA ARG A 491 -24.96 10.11 35.05
C ARG A 491 -24.70 11.58 35.33
N LEU A 492 -24.02 12.27 34.41
CA LEU A 492 -23.68 13.67 34.64
C LEU A 492 -24.93 14.54 34.71
N THR A 493 -25.91 14.29 33.83
CA THR A 493 -27.12 15.09 33.87
C THR A 493 -28.02 14.72 35.04
N ALA A 494 -27.95 13.47 35.53
CA ALA A 494 -28.67 13.12 36.74
C ALA A 494 -28.10 13.85 37.95
N GLU A 495 -26.81 14.18 37.93
CA GLU A 495 -26.20 14.98 38.99
C GLU A 495 -26.42 16.48 38.79
N GLY A 496 -27.21 16.89 37.81
CA GLY A 496 -27.48 18.29 37.58
C GLY A 496 -26.33 19.08 37.00
N LEU A 497 -25.33 18.41 36.43
CA LEU A 497 -24.16 19.11 35.90
C LEU A 497 -24.47 19.69 34.51
N LYS A 498 -23.83 20.82 34.22
CA LYS A 498 -24.07 21.55 32.96
C LYS A 498 -23.16 20.98 31.88
N VAL A 499 -23.62 19.89 31.26
CA VAL A 499 -22.82 19.18 30.27
C VAL A 499 -23.64 18.94 29.01
N LYS A 500 -22.96 18.91 27.87
CA LYS A 500 -23.57 18.48 26.62
C LYS A 500 -22.54 17.67 25.83
N ALA A 501 -23.03 16.92 24.85
CA ALA A 501 -22.19 15.99 24.10
C ALA A 501 -22.56 16.00 22.63
N MET A 502 -21.58 15.72 21.78
CA MET A 502 -21.79 15.69 20.33
C MET A 502 -21.09 14.48 19.75
N TYR A 503 -21.75 13.82 18.79
CA TYR A 503 -21.38 12.48 18.34
C TYR A 503 -21.19 12.43 16.83
N PRO A 504 -20.10 13.01 16.31
CA PRO A 504 -19.86 12.96 14.85
C PRO A 504 -19.74 11.52 14.35
N LYS A 505 -20.52 11.22 13.32
CA LYS A 505 -20.40 9.95 12.61
C LYS A 505 -20.01 10.14 11.16
N LEU A 506 -20.13 11.36 10.63
CA LEU A 506 -19.42 11.77 9.42
C LEU A 506 -18.10 12.40 9.86
N LEU A 507 -16.99 11.72 9.58
CA LEU A 507 -15.69 12.19 10.06
C LEU A 507 -14.97 13.05 9.03
N TRP A 508 -15.14 12.77 7.74
CA TRP A 508 -14.54 13.60 6.70
C TRP A 508 -15.45 13.53 5.48
N PRO A 509 -15.76 14.67 4.84
CA PRO A 509 -15.36 16.04 5.21
C PRO A 509 -15.99 16.48 6.52
N MET A 510 -15.41 17.47 7.21
CA MET A 510 -16.14 17.62 8.47
C MET A 510 -17.04 18.86 8.45
N PRO A 511 -18.20 18.76 9.11
CA PRO A 511 -19.15 19.88 9.15
C PRO A 511 -18.68 20.96 10.14
N VAL A 512 -17.78 21.81 9.64
CA VAL A 512 -17.07 22.75 10.50
C VAL A 512 -18.04 23.69 11.21
N ALA A 513 -19.03 24.21 10.47
CA ALA A 513 -19.97 25.16 11.05
C ALA A 513 -20.74 24.55 12.22
N ASP A 514 -21.15 23.29 12.09
CA ASP A 514 -21.81 22.61 13.19
C ASP A 514 -20.87 22.39 14.38
N TYR A 515 -19.59 22.14 14.12
CA TYR A 515 -18.61 22.07 15.21
C TYR A 515 -18.51 23.40 15.93
N ASP A 516 -18.36 24.48 15.16
CA ASP A 516 -18.18 25.81 15.75
C ASP A 516 -19.41 26.23 16.55
N ALA A 517 -20.60 25.89 16.07
CA ALA A 517 -21.82 26.21 16.78
C ALA A 517 -21.91 25.48 18.11
N PHE A 518 -21.52 24.20 18.14
CA PHE A 518 -21.50 23.44 19.38
C PHE A 518 -20.49 24.01 20.37
N GLY A 519 -19.23 24.19 19.94
CA GLY A 519 -18.19 24.62 20.85
C GLY A 519 -18.45 25.99 21.45
N ALA A 520 -19.09 26.88 20.69
CA ALA A 520 -19.39 28.21 21.19
C ALA A 520 -20.29 28.20 22.42
N THR A 521 -20.99 27.09 22.67
CA THR A 521 -21.91 26.99 23.80
C THR A 521 -21.31 26.25 25.00
N CYS A 522 -20.03 25.90 24.95
CA CYS A 522 -19.36 25.16 26.02
C CYS A 522 -18.16 25.95 26.52
N LYS A 523 -18.00 26.03 27.84
CA LYS A 523 -16.81 26.67 28.38
C LYS A 523 -15.55 25.89 28.01
N LYS A 524 -15.64 24.56 28.04
CA LYS A 524 -14.54 23.68 27.69
C LYS A 524 -15.08 22.54 26.83
N VAL A 525 -14.22 21.98 25.99
CA VAL A 525 -14.58 20.85 25.14
C VAL A 525 -13.54 19.75 25.34
N ILE A 526 -14.00 18.59 25.77
CA ILE A 526 -13.15 17.41 25.98
C ILE A 526 -13.43 16.42 24.87
N VAL A 527 -12.38 15.81 24.34
CA VAL A 527 -12.47 14.84 23.25
C VAL A 527 -11.82 13.54 23.70
N PRO A 528 -12.60 12.58 24.19
CA PRO A 528 -12.04 11.26 24.50
C PRO A 528 -12.00 10.40 23.26
N GLU A 529 -10.87 9.72 23.04
CA GLU A 529 -10.74 8.75 21.96
C GLU A 529 -9.63 7.77 22.30
N VAL A 530 -9.74 6.56 21.75
CA VAL A 530 -8.73 5.53 21.99
C VAL A 530 -7.71 5.54 20.85
N ASN A 531 -6.79 6.49 20.91
CA ASN A 531 -5.59 6.48 20.08
C ASN A 531 -4.55 7.34 20.79
N PHE A 532 -3.30 7.17 20.41
CA PHE A 532 -2.22 7.80 21.15
C PHE A 532 -2.10 9.29 20.85
N GLN A 533 -2.33 9.69 19.59
CA GLN A 533 -2.06 11.06 19.18
C GLN A 533 -3.24 12.01 19.33
N GLY A 534 -4.43 11.52 19.68
CA GLY A 534 -5.61 12.37 19.67
C GLY A 534 -6.01 12.78 18.27
N GLN A 535 -6.42 11.81 17.46
CA GLN A 535 -6.54 12.03 16.02
C GLN A 535 -7.73 12.93 15.68
N LEU A 536 -8.89 12.73 16.31
CA LEU A 536 -10.00 13.64 16.05
C LEU A 536 -9.68 15.04 16.55
N SER A 537 -9.07 15.15 17.73
CA SER A 537 -8.68 16.46 18.26
C SER A 537 -7.76 17.19 17.27
N HIS A 538 -6.86 16.44 16.62
CA HIS A 538 -6.00 17.03 15.60
C HIS A 538 -6.81 17.72 14.53
N PHE A 539 -7.84 17.06 14.00
CA PHE A 539 -8.64 17.66 12.94
C PHE A 539 -9.55 18.76 13.48
N ILE A 540 -10.00 18.64 14.73
CA ILE A 540 -10.75 19.74 15.35
C ILE A 540 -9.88 20.98 15.44
N ARG A 541 -8.60 20.83 15.82
CA ARG A 541 -7.69 21.97 15.84
C ARG A 541 -7.45 22.51 14.44
N ALA A 542 -7.27 21.62 13.46
CA ALA A 542 -6.88 22.06 12.12
C ALA A 542 -8.02 22.77 11.39
N GLU A 543 -9.27 22.37 11.63
CA GLU A 543 -10.38 22.77 10.79
C GLU A 543 -11.43 23.65 11.46
N THR A 544 -11.47 23.72 12.80
CA THR A 544 -12.49 24.51 13.49
C THR A 544 -11.81 25.56 14.37
N SER A 545 -12.66 26.35 15.03
CA SER A 545 -12.21 27.34 16.01
C SER A 545 -12.16 26.78 17.43
N ILE A 546 -12.44 25.48 17.61
CA ILE A 546 -12.31 24.82 18.91
C ILE A 546 -10.86 24.42 19.13
N LYS A 547 -10.34 24.67 20.33
CA LYS A 547 -9.12 24.02 20.77
C LYS A 547 -9.48 23.04 21.88
N PRO A 548 -9.61 21.75 21.59
CA PRO A 548 -10.14 20.82 22.57
C PRO A 548 -9.11 20.42 23.61
N ILE A 549 -9.62 19.85 24.71
CA ILE A 549 -8.80 19.17 25.70
C ILE A 549 -8.79 17.69 25.36
N PRO A 550 -7.70 17.13 24.84
CA PRO A 550 -7.72 15.72 24.49
C PRO A 550 -7.70 14.85 25.73
N TYR A 551 -8.51 13.80 25.71
CA TYR A 551 -8.46 12.74 26.73
C TYR A 551 -8.16 11.45 25.96
N THR A 552 -6.88 11.12 25.81
CA THR A 552 -6.47 9.98 25.02
C THR A 552 -6.03 8.82 25.92
N ILE A 553 -6.45 7.62 25.55
CA ILE A 553 -5.92 6.39 26.11
C ILE A 553 -5.56 5.49 24.93
N CYS A 554 -4.60 4.59 25.16
CA CYS A 554 -4.17 3.68 24.10
C CYS A 554 -3.56 2.44 24.72
N GLY A 555 -4.39 1.64 25.38
CA GLY A 555 -3.91 0.44 26.03
C GLY A 555 -4.68 -0.79 25.58
N GLY A 556 -5.31 -0.71 24.41
CA GLY A 556 -6.07 -1.83 23.89
C GLY A 556 -7.42 -2.04 24.53
N LEU A 557 -7.90 -1.10 25.35
CA LEU A 557 -9.20 -1.19 26.01
C LEU A 557 -10.07 0.01 25.67
N PRO A 558 -11.39 -0.15 25.65
CA PRO A 558 -12.28 1.00 25.50
C PRO A 558 -12.35 1.81 26.79
N PHE A 559 -12.87 3.03 26.66
CA PHE A 559 -13.28 3.80 27.82
C PHE A 559 -14.44 3.11 28.55
N THR A 560 -14.57 3.41 29.83
CA THR A 560 -15.77 3.10 30.60
C THR A 560 -16.47 4.38 31.01
N PRO A 561 -17.77 4.33 31.32
CA PRO A 561 -18.46 5.57 31.68
C PRO A 561 -17.85 6.31 32.84
N GLU A 562 -17.39 5.62 33.89
CA GLU A 562 -16.86 6.33 35.05
C GLU A 562 -15.61 7.11 34.71
N MET A 563 -14.78 6.61 33.78
CA MET A 563 -13.61 7.37 33.33
C MET A 563 -14.03 8.70 32.70
N ILE A 564 -15.09 8.68 31.89
CA ILE A 564 -15.57 9.93 31.28
C ILE A 564 -16.15 10.84 32.35
N VAL A 565 -16.95 10.28 33.26
CA VAL A 565 -17.54 11.07 34.33
C VAL A 565 -16.45 11.75 35.15
N ASN A 566 -15.42 10.98 35.54
CA ASN A 566 -14.37 11.55 36.38
C ASN A 566 -13.59 12.63 35.64
N ARG A 567 -13.25 12.39 34.36
CA ARG A 567 -12.54 13.40 33.59
C ARG A 567 -13.35 14.67 33.45
N VAL A 568 -14.67 14.55 33.26
CA VAL A 568 -15.51 15.73 33.10
C VAL A 568 -15.59 16.52 34.40
N LYS A 569 -15.74 15.82 35.53
CA LYS A 569 -15.83 16.53 36.81
C LYS A 569 -14.54 17.26 37.15
N GLU A 570 -13.39 16.73 36.74
CA GLU A 570 -12.13 17.44 36.94
C GLU A 570 -12.11 18.79 36.24
N GLU A 571 -12.91 18.96 35.19
CA GLU A 571 -12.88 20.20 34.42
C GLU A 571 -13.96 21.19 34.83
N ILE A 572 -14.91 20.78 35.67
CA ILE A 572 -15.94 21.67 36.18
C ILE A 572 -15.44 22.30 37.47
N GLN A 573 -15.53 23.62 37.57
CA GLN A 573 -15.03 24.34 38.75
C GLN A 573 -16.18 24.71 39.68
N THR B 2 29.35 -17.45 0.75
CA THR B 2 29.66 -18.66 1.50
C THR B 2 29.14 -18.57 2.94
N VAL B 3 28.15 -19.39 3.25
CA VAL B 3 27.52 -19.36 4.57
C VAL B 3 28.52 -19.83 5.62
N GLU B 4 28.67 -19.04 6.68
CA GLU B 4 29.65 -19.34 7.73
C GLU B 4 29.01 -19.91 8.99
N ALA B 5 27.74 -20.31 8.92
CA ALA B 5 27.06 -20.89 10.07
C ALA B 5 27.27 -22.40 10.19
N PHE B 6 27.72 -23.05 9.13
CA PHE B 6 27.75 -24.51 9.10
C PHE B 6 29.01 -25.06 9.77
N HIS B 7 28.86 -26.20 10.47
CA HIS B 7 29.98 -26.97 11.01
C HIS B 7 30.87 -26.11 11.90
N LYS B 8 30.26 -25.31 12.76
CA LYS B 8 30.98 -24.50 13.74
C LYS B 8 30.84 -25.02 15.16
N MET B 9 29.91 -25.93 15.41
CA MET B 9 29.65 -26.47 16.73
C MET B 9 29.78 -27.99 16.69
N GLU B 10 30.36 -28.56 17.74
CA GLU B 10 30.54 -30.00 17.82
C GLU B 10 29.52 -30.62 18.78
N ASN B 11 29.13 -31.86 18.46
CA ASN B 11 28.31 -32.68 19.36
C ASN B 11 27.01 -31.98 19.73
N MET B 12 26.34 -31.43 18.72
CA MET B 12 25.07 -30.76 18.90
C MET B 12 23.91 -31.74 18.78
N LYS B 13 22.88 -31.52 19.60
CA LYS B 13 21.65 -32.29 19.59
C LYS B 13 20.47 -31.40 19.22
N PRO B 14 19.39 -31.98 18.66
CA PRO B 14 18.25 -31.14 18.25
C PRO B 14 17.76 -30.20 19.33
N LYS B 15 17.78 -30.62 20.60
CA LYS B 15 17.31 -29.80 21.70
C LYS B 15 18.15 -28.55 21.90
N ASP B 16 19.40 -28.55 21.44
CA ASP B 16 20.25 -27.36 21.57
C ASP B 16 19.73 -26.19 20.75
N TYR B 17 18.85 -26.43 19.79
CA TYR B 17 18.30 -25.37 18.95
C TYR B 17 16.87 -25.00 19.34
N LYS B 18 16.36 -25.55 20.44
CA LYS B 18 15.07 -25.15 20.99
C LYS B 18 15.24 -23.86 21.76
N SER B 19 14.34 -22.91 21.54
CA SER B 19 14.32 -21.71 22.36
C SER B 19 13.56 -21.98 23.66
N GLU B 20 13.48 -20.97 24.51
CA GLU B 20 12.75 -21.05 25.76
C GLU B 20 11.25 -20.86 25.59
N VAL B 21 10.80 -20.46 24.39
CA VAL B 21 9.40 -20.17 24.13
C VAL B 21 8.57 -21.45 24.03
N PRO B 22 7.53 -21.60 24.84
CA PRO B 22 6.65 -22.77 24.72
C PRO B 22 5.87 -22.77 23.42
N THR B 23 5.75 -23.96 22.83
CA THR B 23 5.07 -24.15 21.55
C THR B 23 3.55 -24.09 21.74
N THR B 24 2.90 -23.19 21.00
CA THR B 24 1.47 -22.94 21.19
C THR B 24 0.59 -23.52 20.09
N TRP B 25 1.12 -24.36 19.21
CA TRP B 25 0.29 -24.97 18.17
C TRP B 25 -0.67 -25.99 18.77
N CYS B 26 -1.77 -26.22 18.07
CA CYS B 26 -2.78 -27.19 18.49
C CYS B 26 -2.14 -28.57 18.62
N PRO B 27 -2.63 -29.42 19.52
CA PRO B 27 -2.18 -30.81 19.55
C PRO B 27 -2.55 -31.51 18.24
N GLY B 28 -1.61 -32.29 17.72
CA GLY B 28 -1.80 -32.93 16.44
C GLY B 28 -1.52 -32.06 15.24
N CYS B 29 -1.15 -30.79 15.45
CA CYS B 29 -0.82 -29.92 14.32
C CYS B 29 0.44 -30.43 13.63
N GLY B 30 0.40 -30.47 12.30
CA GLY B 30 1.55 -30.95 11.56
C GLY B 30 2.79 -30.09 11.71
N HIS B 31 2.63 -28.82 12.07
CA HIS B 31 3.79 -27.94 12.19
C HIS B 31 4.82 -28.46 13.19
N PHE B 32 4.39 -29.27 14.16
CA PHE B 32 5.33 -29.85 15.13
C PHE B 32 6.37 -30.72 14.43
N GLY B 33 5.93 -31.55 13.48
CA GLY B 33 6.87 -32.41 12.78
C GLY B 33 7.89 -31.64 11.98
N ILE B 34 7.47 -30.52 11.38
CA ILE B 34 8.42 -29.69 10.63
C ILE B 34 9.41 -29.03 11.57
N LEU B 35 8.93 -28.54 12.71
CA LEU B 35 9.81 -27.96 13.72
C LEU B 35 10.86 -28.96 14.17
N ASN B 36 10.44 -30.22 14.37
CA ASN B 36 11.37 -31.28 14.73
C ASN B 36 12.40 -31.51 13.62
N GLY B 37 11.95 -31.49 12.37
CA GLY B 37 12.89 -31.61 11.26
C GLY B 37 13.88 -30.47 11.23
N VAL B 38 13.42 -29.25 11.52
CA VAL B 38 14.31 -28.09 11.55
C VAL B 38 15.38 -28.27 12.63
N TYR B 39 14.97 -28.68 13.83
CA TYR B 39 15.93 -28.92 14.90
C TYR B 39 16.99 -29.93 14.47
N ARG B 40 16.55 -31.03 13.85
CA ARG B 40 17.49 -32.09 13.48
C ARG B 40 18.45 -31.62 12.41
N ALA B 41 17.94 -30.88 11.41
CA ALA B 41 18.82 -30.35 10.36
C ALA B 41 19.89 -29.44 10.96
N MET B 42 19.50 -28.53 11.85
CA MET B 42 20.47 -27.59 12.40
C MET B 42 21.53 -28.31 13.23
N ALA B 43 21.13 -29.36 13.96
CA ALA B 43 22.09 -30.11 14.76
C ALA B 43 23.03 -30.92 13.88
N GLU B 44 22.48 -31.55 12.83
CA GLU B 44 23.32 -32.32 11.92
C GLU B 44 24.31 -31.45 11.15
N LEU B 45 24.02 -30.16 10.97
CA LEU B 45 24.95 -29.24 10.32
C LEU B 45 25.90 -28.57 11.30
N GLY B 46 25.80 -28.86 12.60
CA GLY B 46 26.65 -28.19 13.58
C GLY B 46 26.56 -26.68 13.51
N ILE B 47 25.34 -26.17 13.34
CA ILE B 47 25.16 -24.74 13.03
C ILE B 47 25.41 -23.89 14.27
N ASP B 48 26.15 -22.80 14.09
CA ASP B 48 26.21 -21.73 15.08
C ASP B 48 25.07 -20.78 14.75
N SER B 49 24.00 -20.84 15.55
CA SER B 49 22.81 -20.08 15.21
C SER B 49 22.98 -18.58 15.46
N THR B 50 24.14 -18.15 15.95
CA THR B 50 24.45 -16.73 15.93
C THR B 50 24.55 -16.20 14.51
N LYS B 51 24.83 -17.07 13.55
CA LYS B 51 24.96 -16.74 12.14
C LYS B 51 23.77 -17.25 11.33
N PHE B 52 22.63 -17.39 12.00
CA PHE B 52 21.42 -17.98 11.42
C PHE B 52 20.30 -16.97 11.58
N ALA B 53 19.61 -16.65 10.49
CA ALA B 53 18.55 -15.64 10.47
C ALA B 53 17.28 -16.26 9.93
N ALA B 54 16.28 -16.41 10.81
CA ALA B 54 14.97 -16.94 10.45
C ALA B 54 13.98 -15.79 10.32
N ILE B 55 13.29 -15.73 9.18
CA ILE B 55 12.39 -14.63 8.89
C ILE B 55 11.04 -15.22 8.51
N SER B 56 9.97 -14.68 9.09
CA SER B 56 8.64 -15.20 8.80
C SER B 56 7.65 -14.07 8.71
N GLY B 57 6.52 -14.35 8.08
CA GLY B 57 5.42 -13.41 7.96
C GLY B 57 4.37 -13.67 9.01
N ILE B 58 3.13 -13.92 8.60
CA ILE B 58 2.05 -14.13 9.56
C ILE B 58 1.31 -15.41 9.20
N GLY B 59 0.94 -16.16 10.22
CA GLY B 59 0.28 -17.45 10.09
C GLY B 59 0.73 -18.35 11.23
N CYS B 60 0.00 -19.44 11.43
CA CYS B 60 0.44 -20.45 12.40
C CYS B 60 1.83 -20.95 12.04
N SER B 61 2.04 -21.30 10.77
CA SER B 61 3.35 -21.72 10.30
C SER B 61 4.42 -20.70 10.67
N SER B 62 4.11 -19.40 10.48
CA SER B 62 5.06 -18.31 10.64
C SER B 62 5.51 -18.10 12.08
N ARG B 63 4.89 -18.76 13.04
CA ARG B 63 5.34 -18.64 14.43
CA ARG B 63 5.32 -18.68 14.43
C ARG B 63 6.52 -19.56 14.73
N MET B 64 6.92 -20.42 13.80
CA MET B 64 7.98 -21.38 14.08
C MET B 64 9.30 -20.77 14.53
N PRO B 65 9.81 -19.67 13.96
CA PRO B 65 11.09 -19.12 14.47
C PRO B 65 11.09 -18.78 15.95
N TYR B 66 9.92 -18.50 16.55
CA TYR B 66 9.85 -18.26 17.98
C TYR B 66 10.39 -19.44 18.77
N PHE B 67 10.22 -20.65 18.26
CA PHE B 67 10.62 -21.87 18.95
C PHE B 67 12.05 -22.31 18.60
N VAL B 68 12.75 -21.54 17.78
CA VAL B 68 14.10 -21.87 17.34
C VAL B 68 15.06 -20.82 17.91
N ASP B 69 16.18 -21.28 18.44
CA ASP B 69 17.19 -20.41 19.03
C ASP B 69 18.09 -19.87 17.93
N SER B 70 17.87 -18.61 17.54
CA SER B 70 18.65 -17.96 16.49
C SER B 70 18.25 -16.49 16.47
N TYR B 71 18.82 -15.76 15.52
CA TYR B 71 18.28 -14.45 15.18
C TYR B 71 17.00 -14.61 14.36
N LYS B 72 16.07 -13.68 14.54
CA LYS B 72 14.80 -13.82 13.83
C LYS B 72 14.18 -12.45 13.67
N MET B 73 13.35 -12.33 12.64
CA MET B 73 12.50 -11.17 12.46
C MET B 73 11.11 -11.68 12.12
N HIS B 74 10.12 -11.15 12.82
CA HIS B 74 8.71 -11.44 12.55
C HIS B 74 8.14 -10.22 11.85
N THR B 75 7.97 -10.33 10.53
CA THR B 75 7.61 -9.18 9.71
C THR B 75 6.16 -9.32 9.24
N LEU B 76 5.84 -8.79 8.07
CA LEU B 76 4.46 -8.66 7.64
C LEU B 76 4.03 -9.84 6.77
N HIS B 77 2.72 -10.05 6.75
CA HIS B 77 2.10 -11.15 6.03
C HIS B 77 2.49 -11.11 4.55
N GLY B 78 3.17 -12.16 4.09
CA GLY B 78 3.54 -12.28 2.69
C GLY B 78 4.87 -11.66 2.31
N ARG B 79 5.55 -10.97 3.23
CA ARG B 79 6.74 -10.21 2.89
C ARG B 79 8.03 -10.83 3.42
N ALA B 80 7.96 -11.98 4.08
CA ALA B 80 9.17 -12.56 4.68
C ALA B 80 10.24 -12.84 3.65
N GLY B 81 9.86 -13.39 2.49
CA GLY B 81 10.86 -13.73 1.49
C GLY B 81 11.50 -12.51 0.85
N ALA B 82 10.72 -11.45 0.62
CA ALA B 82 11.31 -10.22 0.10
C ALA B 82 12.20 -9.57 1.15
N VAL B 83 11.78 -9.58 2.42
CA VAL B 83 12.64 -9.09 3.49
C VAL B 83 13.92 -9.92 3.56
N ALA B 84 13.78 -11.24 3.48
CA ALA B 84 14.93 -12.12 3.60
C ALA B 84 15.92 -11.91 2.46
N THR B 85 15.44 -11.53 1.28
CA THR B 85 16.33 -11.20 0.18
C THR B 85 17.27 -10.06 0.56
N GLY B 86 16.72 -9.01 1.20
CA GLY B 86 17.57 -7.92 1.63
C GLY B 86 18.57 -8.33 2.70
N THR B 87 18.12 -9.14 3.67
CA THR B 87 19.03 -9.63 4.69
C THR B 87 20.14 -10.46 4.06
N GLN B 88 19.77 -11.35 3.14
CA GLN B 88 20.74 -12.26 2.53
C GLN B 88 21.76 -11.49 1.68
N VAL B 89 21.27 -10.56 0.86
CA VAL B 89 22.16 -9.78 -0.01
C VAL B 89 23.09 -8.92 0.82
N ALA B 90 22.56 -8.33 1.90
CA ALA B 90 23.39 -7.50 2.78
C ALA B 90 24.46 -8.32 3.49
N ARG B 91 24.15 -9.57 3.85
CA ARG B 91 25.04 -10.39 4.67
C ARG B 91 25.05 -11.82 4.13
N PRO B 92 25.79 -12.06 3.04
CA PRO B 92 25.83 -13.42 2.47
C PRO B 92 26.51 -14.45 3.38
N ASP B 93 27.15 -14.04 4.47
CA ASP B 93 27.72 -15.00 5.41
C ASP B 93 26.65 -15.69 6.26
N LEU B 94 25.45 -15.12 6.36
CA LEU B 94 24.41 -15.68 7.21
C LEU B 94 23.73 -16.86 6.54
N CYS B 95 23.20 -17.75 7.37
CA CYS B 95 22.25 -18.77 6.91
C CYS B 95 20.85 -18.20 7.07
N VAL B 96 20.19 -17.94 5.95
CA VAL B 96 18.89 -17.26 5.93
C VAL B 96 17.81 -18.27 5.59
N VAL B 97 16.79 -18.37 6.44
CA VAL B 97 15.71 -19.33 6.27
C VAL B 97 14.38 -18.60 6.44
N VAL B 98 13.46 -18.84 5.52
CA VAL B 98 12.08 -18.38 5.63
C VAL B 98 11.20 -19.58 5.91
N ALA B 99 10.28 -19.43 6.86
CA ALA B 99 9.25 -20.42 7.11
C ALA B 99 7.89 -19.74 7.05
N GLY B 100 6.91 -20.42 6.47
CA GLY B 100 5.59 -19.84 6.34
C GLY B 100 4.64 -20.82 5.67
N GLY B 101 3.36 -20.45 5.69
CA GLY B 101 2.32 -21.34 5.23
C GLY B 101 1.93 -21.11 3.78
N ASP B 102 0.90 -21.84 3.36
CA ASP B 102 0.49 -21.79 1.96
C ASP B 102 -0.15 -20.46 1.60
N GLY B 103 -0.89 -19.84 2.53
CA GLY B 103 -1.48 -18.54 2.24
C GLY B 103 -0.48 -17.42 2.27
N ASP B 104 0.33 -17.39 3.33
CA ASP B 104 1.40 -16.42 3.45
C ASP B 104 2.33 -16.44 2.24
N GLY B 105 2.64 -17.63 1.73
CA GLY B 105 3.60 -17.78 0.65
C GLY B 105 3.04 -17.56 -0.75
N PHE B 106 1.85 -18.10 -1.02
CA PHE B 106 1.33 -18.12 -2.37
C PHE B 106 0.06 -17.31 -2.58
N SER B 107 -0.54 -16.77 -1.53
CA SER B 107 -1.60 -15.79 -1.73
C SER B 107 -0.99 -14.40 -1.72
N ILE B 108 -0.94 -13.76 -0.55
CA ILE B 108 -0.38 -12.41 -0.47
C ILE B 108 1.11 -12.39 -0.80
N GLY B 109 1.83 -13.48 -0.53
CA GLY B 109 3.23 -13.52 -0.87
C GLY B 109 3.55 -14.01 -2.26
N GLY B 110 2.54 -14.32 -3.06
CA GLY B 110 2.77 -14.99 -4.34
C GLY B 110 3.52 -14.17 -5.36
N GLY B 111 3.48 -12.83 -5.26
CA GLY B 111 4.20 -11.99 -6.20
C GLY B 111 5.69 -11.91 -5.97
N HIS B 112 6.14 -12.20 -4.75
CA HIS B 112 7.56 -12.20 -4.45
C HIS B 112 8.23 -13.53 -4.75
N MET B 113 7.46 -14.61 -4.72
CA MET B 113 8.00 -15.96 -4.95
C MET B 113 8.77 -16.10 -6.27
N PRO B 114 8.25 -15.66 -7.43
CA PRO B 114 9.00 -15.90 -8.67
C PRO B 114 10.39 -15.28 -8.66
N HIS B 115 10.53 -14.10 -8.09
CA HIS B 115 11.79 -13.36 -8.23
C HIS B 115 12.86 -13.86 -7.29
N MET B 116 12.48 -14.34 -6.09
CA MET B 116 13.44 -15.02 -5.24
C MET B 116 14.05 -16.22 -5.94
N ALA B 117 13.19 -17.05 -6.54
CA ALA B 117 13.67 -18.26 -7.20
C ALA B 117 14.44 -17.91 -8.47
N ARG B 118 13.86 -17.04 -9.30
CA ARG B 118 14.51 -16.65 -10.55
C ARG B 118 15.91 -16.08 -10.30
N LYS B 119 16.05 -15.22 -9.30
CA LYS B 119 17.34 -14.64 -8.99
C LYS B 119 18.25 -15.58 -8.22
N ASN B 120 17.77 -16.78 -7.85
CA ASN B 120 18.57 -17.79 -7.17
C ASN B 120 19.20 -17.25 -5.90
N VAL B 121 18.38 -16.57 -5.09
CA VAL B 121 18.86 -16.05 -3.81
C VAL B 121 19.25 -17.22 -2.92
N ASN B 122 20.41 -17.13 -2.28
CA ASN B 122 20.91 -18.23 -1.44
C ASN B 122 20.17 -18.23 -0.11
N MET B 123 19.02 -18.88 -0.10
CA MET B 123 18.20 -18.98 1.11
C MET B 123 17.41 -20.29 1.03
N THR B 124 16.80 -20.63 2.16
CA THR B 124 15.92 -21.79 2.26
C THR B 124 14.51 -21.31 2.53
N TYR B 125 13.55 -21.87 1.81
CA TYR B 125 12.13 -21.56 2.02
C TYR B 125 11.43 -22.87 2.40
N VAL B 126 10.99 -22.97 3.65
CA VAL B 126 10.22 -24.11 4.13
C VAL B 126 8.75 -23.70 4.13
N LEU B 127 7.99 -24.22 3.19
CA LEU B 127 6.56 -23.90 3.11
C LEU B 127 5.76 -25.03 3.74
N MET B 128 4.98 -24.70 4.77
CA MET B 128 4.21 -25.66 5.55
C MET B 128 2.78 -25.65 5.03
N ASP B 129 2.47 -26.62 4.17
CA ASP B 129 1.25 -26.62 3.37
C ASP B 129 0.18 -27.41 4.10
N ASN B 130 -0.80 -26.71 4.69
CA ASN B 130 -1.92 -27.36 5.35
C ASN B 130 -3.23 -27.19 4.60
N GLY B 131 -3.19 -26.60 3.40
CA GLY B 131 -4.38 -26.48 2.58
C GLY B 131 -5.45 -25.57 3.14
N ILE B 132 -5.08 -24.60 3.97
CA ILE B 132 -6.05 -23.74 4.64
C ILE B 132 -5.34 -22.55 5.27
N TYR B 133 -6.09 -21.51 5.64
CA TYR B 133 -5.57 -20.45 6.50
C TYR B 133 -5.89 -20.81 7.95
N GLY B 134 -4.88 -21.27 8.67
CA GLY B 134 -5.11 -21.68 10.05
C GLY B 134 -5.29 -20.51 10.99
N LEU B 135 -4.35 -19.56 10.97
CA LEU B 135 -4.30 -18.55 12.02
C LEU B 135 -5.52 -17.65 12.01
N THR B 136 -6.08 -17.36 10.84
CA THR B 136 -7.30 -16.56 10.74
C THR B 136 -8.57 -17.38 10.91
N LYS B 137 -8.42 -18.64 11.31
CA LYS B 137 -9.51 -19.53 11.74
C LYS B 137 -10.30 -20.12 10.58
N GLY B 138 -9.61 -20.58 9.54
CA GLY B 138 -10.20 -21.52 8.60
C GLY B 138 -10.81 -21.03 7.30
N GLN B 139 -10.13 -20.15 6.58
CA GLN B 139 -10.53 -19.84 5.21
C GLN B 139 -9.66 -20.65 4.24
N TYR B 140 -10.18 -20.88 3.04
CA TYR B 140 -9.46 -21.72 2.10
C TYR B 140 -8.27 -20.97 1.51
N SER B 141 -7.34 -21.74 0.95
CA SER B 141 -6.05 -21.28 0.47
C SER B 141 -5.87 -21.68 -0.98
N PRO B 142 -4.80 -21.21 -1.63
CA PRO B 142 -4.53 -21.64 -3.03
C PRO B 142 -4.25 -23.12 -3.19
N THR B 143 -4.02 -23.87 -2.11
CA THR B 143 -3.82 -25.31 -2.20
C THR B 143 -5.02 -26.11 -1.73
N SER B 144 -6.09 -25.45 -1.29
CA SER B 144 -7.29 -26.15 -0.85
C SER B 144 -7.92 -26.90 -2.01
N ARG B 145 -8.49 -28.07 -1.71
CA ARG B 145 -9.25 -28.80 -2.71
C ARG B 145 -10.65 -28.19 -2.87
N PRO B 146 -11.20 -28.23 -4.08
CA PRO B 146 -12.48 -27.52 -4.32
C PRO B 146 -13.66 -28.05 -3.54
N GLU B 147 -13.65 -29.35 -3.19
CA GLU B 147 -14.74 -29.92 -2.43
C GLU B 147 -14.75 -29.47 -0.97
N MET B 148 -13.66 -28.89 -0.48
CA MET B 148 -13.63 -28.40 0.89
C MET B 148 -14.58 -27.22 1.05
N THR B 149 -15.29 -27.20 2.17
CA THR B 149 -16.04 -26.02 2.58
C THR B 149 -15.28 -25.32 3.71
N ALA B 150 -15.27 -24.00 3.67
CA ALA B 150 -14.55 -23.21 4.66
C ALA B 150 -15.33 -21.93 4.91
N TYR B 151 -14.81 -21.06 5.77
CA TYR B 151 -15.64 -20.00 6.34
C TYR B 151 -15.97 -18.87 5.38
N THR B 152 -15.17 -18.66 4.32
CA THR B 152 -15.58 -17.76 3.26
C THR B 152 -16.07 -18.52 2.02
N THR B 153 -15.99 -19.85 2.06
CA THR B 153 -16.48 -20.70 0.97
C THR B 153 -17.42 -21.76 1.54
N PRO B 154 -18.54 -21.34 2.13
CA PRO B 154 -19.47 -22.34 2.70
C PRO B 154 -20.11 -23.22 1.65
N TYR B 155 -20.01 -22.86 0.37
CA TYR B 155 -20.59 -23.65 -0.71
C TYR B 155 -19.52 -24.29 -1.59
N GLY B 156 -18.32 -24.50 -1.06
CA GLY B 156 -17.23 -25.08 -1.80
C GLY B 156 -16.37 -24.01 -2.48
N GLY B 157 -15.15 -24.42 -2.86
CA GLY B 157 -14.24 -23.53 -3.54
C GLY B 157 -14.51 -23.44 -5.02
N PRO B 158 -14.68 -22.21 -5.53
CA PRO B 158 -15.06 -22.06 -6.94
C PRO B 158 -13.88 -22.07 -7.90
N GLU B 159 -12.78 -22.72 -7.52
CA GLU B 159 -11.62 -22.82 -8.39
C GLU B 159 -10.77 -24.01 -7.96
N ASN B 160 -9.84 -24.40 -8.84
CA ASN B 160 -8.88 -25.46 -8.59
C ASN B 160 -7.68 -24.94 -7.82
N PRO B 161 -6.97 -25.80 -7.11
CA PRO B 161 -5.75 -25.39 -6.42
C PRO B 161 -4.55 -25.33 -7.35
N MET B 162 -3.52 -24.64 -6.88
CA MET B 162 -2.27 -24.54 -7.62
C MET B 162 -1.29 -25.63 -7.19
N ASN B 163 -0.17 -25.70 -7.91
CA ASN B 163 0.85 -26.71 -7.68
C ASN B 163 2.14 -26.03 -7.22
N PRO B 164 2.43 -26.01 -5.91
CA PRO B 164 3.61 -25.27 -5.42
C PRO B 164 4.93 -25.75 -6.00
N LEU B 165 5.11 -27.07 -6.10
CA LEU B 165 6.35 -27.60 -6.65
C LEU B 165 6.51 -27.19 -8.10
N LEU B 166 5.43 -27.26 -8.88
CA LEU B 166 5.51 -26.91 -10.29
C LEU B 166 5.78 -25.41 -10.47
N TYR B 167 5.11 -24.57 -9.66
CA TYR B 167 5.43 -23.15 -9.63
C TYR B 167 6.94 -22.94 -9.43
N MET B 168 7.49 -23.53 -8.37
CA MET B 168 8.89 -23.27 -8.01
C MET B 168 9.85 -23.81 -9.05
N LEU B 169 9.53 -24.95 -9.66
CA LEU B 169 10.36 -25.45 -10.76
C LEU B 169 10.30 -24.50 -11.96
N THR B 170 9.09 -24.08 -12.32
CA THR B 170 8.92 -23.12 -13.41
C THR B 170 9.62 -21.80 -13.10
N TYR B 171 9.57 -21.37 -11.84
CA TYR B 171 10.22 -20.13 -11.43
C TYR B 171 11.74 -20.20 -11.51
N GLY B 172 12.32 -21.40 -11.46
CA GLY B 172 13.75 -21.55 -11.53
C GLY B 172 14.44 -21.84 -10.21
N ALA B 173 13.70 -22.27 -9.19
CA ALA B 173 14.35 -22.70 -7.96
C ALA B 173 15.36 -23.81 -8.27
N THR B 174 16.53 -23.71 -7.65
CA THR B 174 17.62 -24.62 -7.96
C THR B 174 17.72 -25.79 -6.98
N TYR B 175 16.80 -25.86 -6.02
CA TYR B 175 16.66 -27.02 -5.14
C TYR B 175 15.19 -27.08 -4.76
N VAL B 176 14.51 -28.16 -5.14
CA VAL B 176 13.07 -28.32 -4.96
C VAL B 176 12.80 -29.70 -4.38
N ALA B 177 12.14 -29.75 -3.22
CA ALA B 177 11.88 -30.99 -2.51
C ALA B 177 10.49 -30.94 -1.86
N GLN B 178 9.99 -32.12 -1.48
CA GLN B 178 8.68 -32.22 -0.84
C GLN B 178 8.72 -33.31 0.21
N ALA B 179 7.97 -33.12 1.29
CA ALA B 179 7.92 -34.10 2.36
C ALA B 179 6.58 -33.99 3.07
N PHE B 180 6.36 -34.89 4.02
CA PHE B 180 5.19 -34.89 4.89
C PHE B 180 5.65 -34.75 6.33
N ALA B 181 4.96 -33.90 7.09
CA ALA B 181 5.35 -33.62 8.47
C ALA B 181 5.31 -34.86 9.35
N GLY B 182 4.53 -35.88 8.99
CA GLY B 182 4.52 -37.11 9.76
C GLY B 182 5.83 -37.88 9.72
N LYS B 183 6.72 -37.54 8.78
CA LYS B 183 8.03 -38.15 8.68
C LYS B 183 9.11 -37.12 9.00
N PRO B 184 9.31 -36.78 10.28
CA PRO B 184 10.23 -35.67 10.61
C PRO B 184 11.67 -35.93 10.21
N LYS B 185 12.09 -37.19 10.07
CA LYS B 185 13.45 -37.45 9.61
C LYS B 185 13.57 -37.16 8.12
N ASP B 186 12.51 -37.42 7.36
CA ASP B 186 12.49 -37.00 5.96
C ASP B 186 12.57 -35.48 5.86
N CYS B 187 11.81 -34.77 6.69
CA CYS B 187 11.87 -33.31 6.69
C CYS B 187 13.29 -32.84 7.01
N ALA B 188 13.93 -33.45 8.01
CA ALA B 188 15.25 -33.01 8.44
C ALA B 188 16.27 -33.17 7.33
N GLU B 189 16.22 -34.29 6.60
CA GLU B 189 17.22 -34.51 5.55
C GLU B 189 17.04 -33.53 4.40
N LEU B 190 15.78 -33.30 3.98
CA LEU B 190 15.53 -32.39 2.87
C LEU B 190 15.75 -30.95 3.28
N ILE B 191 15.44 -30.59 4.52
CA ILE B 191 15.73 -29.25 5.03
C ILE B 191 17.23 -29.05 5.17
N LYS B 192 17.95 -30.08 5.62
CA LYS B 192 19.40 -29.98 5.72
C LYS B 192 20.02 -29.77 4.35
N GLY B 193 19.57 -30.54 3.35
CA GLY B 193 20.10 -30.35 2.01
C GLY B 193 19.77 -28.99 1.44
N ALA B 194 18.60 -28.45 1.78
CA ALA B 194 18.21 -27.13 1.30
C ALA B 194 19.10 -26.04 1.87
N MET B 195 19.47 -26.14 3.15
CA MET B 195 20.34 -25.15 3.78
C MET B 195 21.74 -25.16 3.17
N GLU B 196 22.30 -26.36 2.95
CA GLU B 196 23.65 -26.43 2.39
C GLU B 196 23.70 -26.04 0.92
N HIS B 197 22.60 -26.25 0.20
CA HIS B 197 22.55 -25.88 -1.21
C HIS B 197 22.83 -24.40 -1.38
N GLU B 198 23.65 -24.06 -2.38
CA GLU B 198 23.95 -22.68 -2.72
C GLU B 198 22.98 -22.21 -3.80
N GLY B 199 21.96 -21.48 -3.40
CA GLY B 199 20.93 -21.03 -4.32
C GLY B 199 19.57 -21.07 -3.63
N PHE B 200 18.50 -20.76 -4.35
CA PHE B 200 17.16 -20.76 -3.75
C PHE B 200 16.66 -22.19 -3.62
N ALA B 201 16.50 -22.64 -2.38
CA ALA B 201 16.09 -24.00 -2.06
C ALA B 201 14.70 -23.99 -1.44
N TYR B 202 13.78 -24.76 -2.02
CA TYR B 202 12.38 -24.75 -1.62
C TYR B 202 11.95 -26.14 -1.17
N VAL B 203 11.38 -26.22 0.03
CA VAL B 203 10.87 -27.48 0.56
C VAL B 203 9.40 -27.29 0.90
N ASN B 204 8.53 -27.96 0.15
CA ASN B 204 7.09 -27.98 0.44
C ASN B 204 6.80 -29.17 1.33
N ILE B 205 6.24 -28.94 2.51
CA ILE B 205 5.98 -30.01 3.47
C ILE B 205 4.51 -30.00 3.84
N PHE B 206 3.80 -31.09 3.51
CA PHE B 206 2.42 -31.25 3.94
C PHE B 206 2.35 -31.31 5.45
N SER B 207 1.42 -30.56 6.02
CA SER B 207 1.28 -30.43 7.48
C SER B 207 -0.20 -30.37 7.80
N GLN B 208 -0.69 -31.29 8.60
CA GLN B 208 -2.12 -31.32 8.87
C GLN B 208 -2.53 -30.17 9.79
N CYS B 209 -3.70 -29.61 9.51
CA CYS B 209 -4.38 -28.69 10.42
C CYS B 209 -5.66 -29.37 10.88
N PRO B 210 -5.61 -30.18 11.95
CA PRO B 210 -6.82 -30.90 12.37
C PRO B 210 -7.93 -29.99 12.84
N THR B 211 -7.59 -28.80 13.33
CA THR B 211 -8.61 -27.92 13.94
C THR B 211 -9.58 -27.38 12.90
N PHE B 212 -9.09 -27.02 11.71
CA PHE B 212 -9.93 -26.41 10.68
C PHE B 212 -10.03 -27.20 9.39
N ASN B 213 -8.98 -27.93 8.99
CA ASN B 213 -9.00 -28.67 7.73
C ASN B 213 -9.39 -30.12 8.04
N LYS B 214 -10.64 -30.47 7.75
CA LYS B 214 -11.18 -31.78 8.10
C LYS B 214 -11.02 -32.81 7.01
N ILE B 215 -10.52 -32.45 5.82
CA ILE B 215 -10.36 -33.41 4.75
C ILE B 215 -8.89 -33.69 4.42
N ASP B 216 -8.00 -32.72 4.58
CA ASP B 216 -6.56 -32.96 4.41
C ASP B 216 -5.96 -33.42 5.74
N THR B 217 -6.34 -34.63 6.13
CA THR B 217 -5.95 -35.21 7.40
C THR B 217 -4.61 -35.93 7.30
N VAL B 218 -4.13 -36.45 8.43
CA VAL B 218 -2.91 -37.25 8.42
C VAL B 218 -3.07 -38.45 7.50
N ASP B 219 -4.19 -39.17 7.64
CA ASP B 219 -4.43 -40.35 6.82
C ASP B 219 -4.49 -40.00 5.34
N PHE B 220 -5.08 -38.84 5.02
CA PHE B 220 -5.10 -38.40 3.62
C PHE B 220 -3.68 -38.13 3.12
N TYR B 221 -2.88 -37.41 3.90
CA TYR B 221 -1.52 -37.09 3.46
C TYR B 221 -0.65 -38.35 3.37
N ARG B 222 -0.81 -39.27 4.33
CA ARG B 222 -0.05 -40.51 4.27
C ARG B 222 -0.37 -41.29 3.01
N ASP B 223 -1.64 -41.33 2.63
CA ASP B 223 -2.05 -42.03 1.41
C ASP B 223 -1.68 -41.25 0.16
N LEU B 224 -1.57 -39.92 0.26
CA LEU B 224 -1.31 -39.11 -0.91
C LEU B 224 0.13 -39.24 -1.38
N VAL B 225 1.08 -39.27 -0.44
CA VAL B 225 2.48 -39.16 -0.80
C VAL B 225 2.98 -40.47 -1.43
N GLU B 226 4.07 -40.33 -2.18
CA GLU B 226 4.76 -41.44 -2.83
C GLU B 226 6.24 -41.08 -2.92
N PRO B 227 7.12 -41.83 -2.27
CA PRO B 227 8.55 -41.49 -2.32
C PRO B 227 9.08 -41.52 -3.74
N ILE B 228 9.98 -40.60 -4.04
CA ILE B 228 10.56 -40.49 -5.38
C ILE B 228 11.51 -41.67 -5.61
N PRO B 229 11.40 -42.39 -6.72
CA PRO B 229 12.32 -43.50 -6.97
C PRO B 229 13.76 -43.04 -7.05
N GLU B 230 14.66 -43.92 -6.62
CA GLU B 230 16.08 -43.58 -6.55
C GLU B 230 16.70 -43.36 -7.93
N ASP B 231 16.12 -43.92 -8.99
CA ASP B 231 16.69 -43.73 -10.32
C ASP B 231 16.28 -42.40 -10.96
N HIS B 232 15.47 -41.60 -10.27
CA HIS B 232 15.08 -40.30 -10.81
C HIS B 232 16.29 -39.39 -10.88
N ASP B 233 16.45 -38.72 -12.03
CA ASP B 233 17.57 -37.83 -12.29
C ASP B 233 17.21 -36.43 -11.80
N THR B 234 17.81 -36.02 -10.67
CA THR B 234 17.50 -34.73 -10.05
C THR B 234 18.09 -33.55 -10.82
N SER B 235 18.79 -33.78 -11.93
CA SER B 235 19.25 -32.71 -12.80
C SER B 235 18.35 -32.55 -14.01
N ASP B 236 17.33 -33.39 -14.16
CA ASP B 236 16.40 -33.35 -15.30
C ASP B 236 15.20 -32.52 -14.90
N LEU B 237 15.15 -31.27 -15.36
CA LEU B 237 14.05 -30.39 -15.00
C LEU B 237 12.72 -30.92 -15.52
N GLY B 238 12.70 -31.41 -16.76
CA GLY B 238 11.47 -31.96 -17.30
C GLY B 238 10.92 -33.12 -16.49
N ALA B 239 11.81 -34.01 -16.04
CA ALA B 239 11.36 -35.13 -15.21
C ALA B 239 10.88 -34.64 -13.86
N ALA B 240 11.54 -33.63 -13.29
CA ALA B 240 11.07 -33.07 -12.03
C ALA B 240 9.68 -32.48 -12.17
N MET B 241 9.41 -31.79 -13.29
CA MET B 241 8.09 -31.20 -13.50
C MET B 241 7.03 -32.27 -13.69
N GLU B 242 7.38 -33.37 -14.37
CA GLU B 242 6.47 -34.50 -14.47
C GLU B 242 6.12 -35.05 -13.08
N LEU B 243 7.13 -35.18 -12.21
CA LEU B 243 6.89 -35.62 -10.84
C LEU B 243 5.98 -34.64 -10.09
N ALA B 244 6.24 -33.34 -10.26
CA ALA B 244 5.45 -32.34 -9.54
C ALA B 244 3.98 -32.42 -9.93
N ARG B 245 3.68 -32.82 -11.16
CA ARG B 245 2.31 -32.95 -11.62
C ARG B 245 1.64 -34.24 -11.14
N ARG B 246 2.31 -35.01 -10.27
CA ARG B 246 1.72 -36.12 -9.56
C ARG B 246 1.26 -37.23 -10.50
N PRO B 247 2.17 -38.08 -10.98
CA PRO B 247 1.74 -39.23 -11.78
C PRO B 247 0.85 -40.15 -10.94
N GLY B 248 -0.27 -40.56 -11.53
CA GLY B 248 -1.22 -41.37 -10.80
C GLY B 248 -1.93 -40.65 -9.67
N GLY B 249 -1.82 -39.32 -9.60
CA GLY B 249 -2.41 -38.57 -8.52
C GLY B 249 -1.64 -38.58 -7.22
N LYS B 250 -0.42 -39.10 -7.20
CA LYS B 250 0.36 -39.23 -5.98
C LYS B 250 1.39 -38.11 -5.88
N ALA B 251 1.46 -37.48 -4.71
CA ALA B 251 2.40 -36.38 -4.49
C ALA B 251 3.80 -36.93 -4.20
N PRO B 252 4.81 -36.50 -4.95
CA PRO B 252 6.16 -37.02 -4.72
C PRO B 252 6.78 -36.47 -3.45
N THR B 253 7.58 -37.29 -2.78
CA THR B 253 8.37 -36.89 -1.63
C THR B 253 9.82 -37.30 -1.83
N GLY B 254 10.73 -36.46 -1.35
CA GLY B 254 12.14 -36.61 -1.63
C GLY B 254 12.65 -35.39 -2.38
N LEU B 255 13.82 -35.50 -2.99
CA LEU B 255 14.42 -34.38 -3.72
C LEU B 255 14.03 -34.48 -5.20
N LEU B 256 13.30 -33.48 -5.69
CA LEU B 256 12.88 -33.47 -7.10
C LEU B 256 13.96 -32.91 -8.02
N TYR B 257 14.69 -31.90 -7.57
CA TYR B 257 15.51 -31.14 -8.50
C TYR B 257 16.61 -30.43 -7.73
N LYS B 258 17.83 -30.46 -8.28
CA LYS B 258 18.97 -29.77 -7.69
C LYS B 258 19.97 -29.44 -8.79
N THR B 259 20.34 -28.17 -8.90
CA THR B 259 21.29 -27.74 -9.92
C THR B 259 22.14 -26.61 -9.37
N SER B 260 23.33 -26.46 -9.92
CA SER B 260 24.29 -25.46 -9.47
C SER B 260 24.34 -24.33 -10.47
N ALA B 261 23.98 -23.12 -10.03
CA ALA B 261 23.97 -21.94 -10.87
C ALA B 261 24.37 -20.76 -10.00
N PRO B 262 24.85 -19.67 -10.61
CA PRO B 262 25.25 -18.50 -9.80
C PRO B 262 24.08 -17.98 -8.97
N THR B 263 24.38 -17.52 -7.76
CA THR B 263 23.39 -16.94 -6.89
C THR B 263 23.36 -15.42 -7.06
N LEU B 264 22.31 -14.80 -6.51
CA LEU B 264 22.17 -13.36 -6.64
C LEU B 264 23.35 -12.63 -6.02
N ASP B 265 23.74 -13.01 -4.79
CA ASP B 265 24.85 -12.32 -4.15
C ASP B 265 26.16 -12.54 -4.91
N GLN B 266 26.31 -13.69 -5.57
CA GLN B 266 27.50 -13.93 -6.38
C GLN B 266 27.51 -13.02 -7.61
N ASN B 267 26.35 -12.85 -8.27
CA ASN B 267 26.28 -11.97 -9.42
C ASN B 267 26.48 -10.52 -9.03
N LEU B 268 25.92 -10.11 -7.89
CA LEU B 268 26.16 -8.77 -7.40
C LEU B 268 27.63 -8.54 -7.08
N ALA B 269 28.29 -9.58 -6.52
CA ALA B 269 29.71 -9.46 -6.24
C ALA B 269 30.53 -9.31 -7.53
N LYS B 270 30.16 -10.06 -8.57
CA LYS B 270 30.84 -9.92 -9.86
C LYS B 270 30.78 -8.48 -10.36
N ILE B 271 29.64 -7.80 -10.17
CA ILE B 271 29.53 -6.41 -10.58
C ILE B 271 30.53 -5.55 -9.82
N ARG B 272 30.60 -5.72 -8.50
CA ARG B 272 31.55 -4.95 -7.71
C ARG B 272 32.98 -5.29 -8.10
N GLU B 273 33.24 -6.57 -8.37
CA GLU B 273 34.60 -6.99 -8.70
C GLU B 273 35.06 -6.37 -10.03
N ARG B 274 34.17 -6.32 -11.02
CA ARG B 274 34.54 -5.72 -12.30
C ARG B 274 34.78 -4.22 -12.17
N LEU B 275 34.30 -3.59 -11.11
CA LEU B 275 34.57 -2.19 -10.83
C LEU B 275 35.72 -1.99 -9.86
N GLY B 276 36.31 -3.06 -9.34
CA GLY B 276 37.28 -2.90 -8.27
C GLY B 276 36.69 -2.25 -7.05
N GLY B 277 35.40 -2.48 -6.78
CA GLY B 277 34.75 -1.78 -5.70
C GLY B 277 35.22 -2.26 -4.34
N HIS B 278 35.29 -1.32 -3.40
CA HIS B 278 35.70 -1.62 -2.03
C HIS B 278 35.27 -0.45 -1.16
N VAL B 279 35.17 -0.71 0.15
CA VAL B 279 34.61 0.28 1.07
C VAL B 279 35.49 1.53 1.16
N GLY B 280 36.79 1.37 0.97
CA GLY B 280 37.68 2.52 1.03
C GLY B 280 37.78 3.32 -0.23
N TYR B 281 36.94 3.05 -1.23
CA TYR B 281 37.03 3.72 -2.51
C TYR B 281 37.00 5.23 -2.33
N ASP B 282 37.85 5.91 -3.09
CA ASP B 282 37.99 7.36 -3.00
C ASP B 282 36.76 8.02 -3.62
N LYS B 283 35.84 8.47 -2.77
CA LYS B 283 34.60 9.07 -3.26
C LYS B 283 34.83 10.36 -4.03
N ASN B 284 36.01 10.99 -3.90
CA ASN B 284 36.32 12.16 -4.70
C ASN B 284 36.35 11.83 -6.19
N LYS B 285 36.64 10.57 -6.54
CA LYS B 285 36.63 10.17 -7.94
C LYS B 285 35.22 10.26 -8.52
N ILE B 286 34.22 9.86 -7.74
CA ILE B 286 32.83 9.97 -8.17
C ILE B 286 32.42 11.43 -8.29
N ILE B 287 32.73 12.23 -7.27
CA ILE B 287 32.37 13.64 -7.27
C ILE B 287 33.00 14.34 -8.46
N ALA B 288 34.25 13.99 -8.79
CA ALA B 288 34.97 14.69 -9.85
C ALA B 288 34.27 14.57 -11.19
N LEU B 289 33.48 13.50 -11.38
CA LEU B 289 32.77 13.34 -12.65
C LEU B 289 31.76 14.44 -12.89
N ALA B 290 31.34 15.16 -11.85
CA ALA B 290 30.35 16.21 -11.97
C ALA B 290 30.94 17.59 -12.20
N LYS B 291 32.26 17.70 -12.35
CA LYS B 291 32.87 19.00 -12.60
C LYS B 291 32.48 19.49 -14.00
N PRO B 292 32.22 20.80 -14.16
CA PRO B 292 31.76 21.40 -15.42
C PRO B 292 32.75 21.19 -16.57
N GLU C 2 20.31 46.60 -10.34
CA GLU C 2 21.15 46.21 -11.46
C GLU C 2 20.98 44.73 -11.79
N LYS C 3 20.66 44.43 -13.04
CA LYS C 3 20.41 43.06 -13.47
C LYS C 3 21.72 42.28 -13.52
N LYS C 4 21.85 41.27 -12.67
CA LYS C 4 23.04 40.43 -12.61
C LYS C 4 22.90 39.11 -13.35
N ASP C 5 21.68 38.68 -13.65
CA ASP C 5 21.42 37.38 -14.26
C ASP C 5 20.96 37.55 -15.70
N LEU C 6 20.99 36.44 -16.43
CA LEU C 6 20.35 36.36 -17.74
C LEU C 6 19.65 35.02 -17.83
N ILE C 7 18.40 35.03 -18.29
CA ILE C 7 17.60 33.81 -18.44
C ILE C 7 17.41 33.55 -19.92
N ILE C 8 17.93 32.43 -20.39
CA ILE C 8 17.87 32.02 -21.79
C ILE C 8 17.03 30.76 -21.86
N ARG C 9 15.94 30.81 -22.60
CA ARG C 9 15.13 29.62 -22.86
C ARG C 9 15.37 29.16 -24.29
N VAL C 10 15.68 27.88 -24.45
CA VAL C 10 15.86 27.24 -25.74
C VAL C 10 14.78 26.17 -25.87
N ALA C 11 14.12 26.12 -27.02
CA ALA C 11 12.99 25.23 -27.16
C ALA C 11 12.86 24.78 -28.61
N GLY C 12 12.32 23.57 -28.79
CA GLY C 12 12.13 23.03 -30.10
C GLY C 12 11.92 21.53 -30.03
N GLU C 13 12.14 20.88 -31.18
CA GLU C 13 12.00 19.44 -31.28
C GLU C 13 13.08 18.75 -30.46
N GLY C 14 12.68 18.01 -29.44
CA GLY C 14 13.61 17.13 -28.76
C GLY C 14 14.22 16.14 -29.73
N GLY C 15 15.52 15.94 -29.62
CA GLY C 15 16.26 15.15 -30.60
C GLY C 15 17.14 15.98 -31.49
N GLU C 16 16.86 17.28 -31.62
CA GLU C 16 17.75 18.21 -32.29
C GLU C 16 18.78 18.81 -31.33
N GLY C 17 18.87 18.27 -30.11
CA GLY C 17 19.86 18.74 -29.17
C GLY C 17 19.44 19.92 -28.33
N ILE C 18 18.15 20.04 -27.99
CA ILE C 18 17.73 21.12 -27.11
C ILE C 18 18.36 20.94 -25.73
N ILE C 19 18.28 19.72 -25.19
CA ILE C 19 18.78 19.48 -23.83
C ILE C 19 20.30 19.59 -23.78
N SER C 20 20.97 18.93 -24.73
CA SER C 20 22.43 18.99 -24.75
C SER C 20 22.94 20.42 -24.93
N SER C 21 22.23 21.21 -25.75
CA SER C 21 22.62 22.60 -25.94
C SER C 21 22.57 23.37 -24.62
N GLY C 22 21.48 23.20 -23.86
CA GLY C 22 21.39 23.86 -22.57
C GLY C 22 22.48 23.41 -21.61
N ASP C 23 22.75 22.10 -21.57
CA ASP C 23 23.81 21.59 -20.70
C ASP C 23 25.18 22.13 -21.11
N PHE C 24 25.41 22.33 -22.41
CA PHE C 24 26.66 22.92 -22.85
C PHE C 24 26.78 24.37 -22.36
N ILE C 25 25.69 25.14 -22.48
CA ILE C 25 25.70 26.52 -22.03
C ILE C 25 25.94 26.57 -20.52
N ALA C 26 25.25 25.72 -19.77
CA ALA C 26 25.42 25.69 -18.32
C ALA C 26 26.87 25.40 -17.93
N ALA C 27 27.46 24.38 -18.55
CA ALA C 27 28.84 24.01 -18.21
C ALA C 27 29.81 25.13 -18.57
N ALA C 28 29.60 25.77 -19.73
CA ALA C 28 30.49 26.86 -20.15
C ALA C 28 30.41 28.03 -19.18
N CYS C 29 29.20 28.39 -18.74
CA CYS C 29 29.06 29.50 -17.79
C CYS C 29 29.68 29.15 -16.45
N ALA C 30 29.60 27.89 -16.03
CA ALA C 30 30.25 27.49 -14.78
C ALA C 30 31.76 27.56 -14.90
N ARG C 31 32.31 27.10 -16.03
CA ARG C 31 33.75 27.23 -16.25
C ARG C 31 34.20 28.68 -16.28
N ALA C 32 33.31 29.62 -16.59
CA ALA C 32 33.61 31.03 -16.57
C ALA C 32 33.32 31.70 -15.22
N GLY C 33 33.21 30.91 -14.15
CA GLY C 33 33.04 31.48 -12.83
C GLY C 33 31.65 32.01 -12.53
N LEU C 34 30.64 31.55 -13.24
CA LEU C 34 29.28 32.05 -13.04
C LEU C 34 28.45 31.02 -12.28
N GLU C 35 27.43 31.52 -11.58
CA GLU C 35 26.42 30.66 -10.99
C GLU C 35 25.37 30.31 -12.03
N VAL C 36 24.84 29.09 -11.95
CA VAL C 36 23.94 28.56 -12.96
C VAL C 36 22.78 27.84 -12.28
N TYR C 37 21.57 28.06 -12.81
CA TYR C 37 20.38 27.32 -12.41
C TYR C 37 19.63 26.96 -13.68
N THR C 38 19.37 25.66 -13.90
CA THR C 38 18.71 25.21 -15.11
C THR C 38 17.40 24.49 -14.78
N PHE C 39 16.55 24.42 -15.81
CA PHE C 39 15.36 23.57 -15.80
C PHE C 39 15.09 23.12 -17.21
N LYS C 40 14.35 22.02 -17.33
CA LYS C 40 14.05 21.45 -18.64
C LYS C 40 12.75 20.66 -18.56
N THR C 41 12.10 20.53 -19.71
CA THR C 41 11.02 19.57 -19.89
C THR C 41 11.33 18.74 -21.11
N PHE C 42 11.35 17.42 -20.93
CA PHE C 42 11.53 16.50 -22.03
C PHE C 42 10.28 16.47 -22.90
N PRO C 43 10.36 15.92 -24.11
CA PRO C 43 9.15 15.78 -24.93
C PRO C 43 8.07 15.01 -24.16
N ALA C 44 6.81 15.41 -24.38
CA ALA C 44 5.71 14.79 -23.66
C ALA C 44 5.62 13.30 -23.95
N GLU C 45 5.94 12.90 -25.17
CA GLU C 45 5.99 11.50 -25.56
C GLU C 45 7.43 11.13 -25.87
N ILE C 46 7.77 9.86 -25.65
CA ILE C 46 9.14 9.39 -25.83
C ILE C 46 9.56 9.52 -27.28
N LYS C 47 8.64 9.32 -28.22
CA LYS C 47 9.00 9.42 -29.64
C LYS C 47 9.55 10.80 -30.00
N GLY C 48 9.22 11.83 -29.22
CA GLY C 48 9.75 13.15 -29.41
C GLY C 48 8.66 14.18 -29.42
N GLY C 49 9.03 15.40 -29.77
CA GLY C 49 8.11 16.52 -29.73
C GLY C 49 8.76 17.69 -29.03
N TYR C 50 7.92 18.66 -28.66
CA TYR C 50 8.42 19.88 -28.07
C TYR C 50 9.19 19.60 -26.78
N ALA C 51 10.45 20.04 -26.75
CA ALA C 51 11.29 20.01 -25.57
C ALA C 51 11.71 21.43 -25.24
N MET C 52 12.04 21.65 -23.98
CA MET C 52 12.40 22.98 -23.50
C MET C 52 13.57 22.88 -22.53
N TYR C 53 14.49 23.84 -22.63
CA TYR C 53 15.58 23.98 -21.68
C TYR C 53 15.72 25.45 -21.32
N GLN C 54 15.82 25.75 -20.04
CA GLN C 54 15.98 27.12 -19.59
C GLN C 54 17.17 27.20 -18.66
N VAL C 55 18.18 27.99 -19.04
CA VAL C 55 19.41 28.16 -18.28
C VAL C 55 19.49 29.59 -17.79
N ARG C 56 19.71 29.75 -16.50
CA ARG C 56 19.91 31.05 -15.87
C ARG C 56 21.34 31.14 -15.37
N ALA C 57 22.03 32.22 -15.68
CA ALA C 57 23.42 32.41 -15.32
C ALA C 57 23.61 33.78 -14.70
N SER C 58 24.46 33.87 -13.68
CA SER C 58 24.57 35.10 -12.92
C SER C 58 25.93 35.20 -12.27
N SER C 59 26.32 36.44 -11.97
CA SER C 59 27.50 36.70 -11.15
C SER C 59 27.22 36.51 -9.67
N GLU C 60 25.96 36.32 -9.27
CA GLU C 60 25.59 36.12 -7.88
C GLU C 60 24.77 34.84 -7.76
N LYS C 61 24.56 34.42 -6.51
CA LYS C 61 23.88 33.16 -6.24
C LYS C 61 22.47 33.16 -6.82
N LEU C 62 22.06 32.00 -7.33
CA LEU C 62 20.73 31.79 -7.87
C LEU C 62 20.00 30.75 -7.03
N TYR C 63 18.71 30.98 -6.79
CA TYR C 63 17.93 30.12 -5.93
C TYR C 63 16.70 29.52 -6.61
N CYS C 64 16.36 29.96 -7.81
CA CYS C 64 15.25 29.39 -8.58
C CYS C 64 15.43 29.77 -10.03
N GLN C 65 14.45 29.37 -10.86
CA GLN C 65 14.51 29.57 -12.30
C GLN C 65 14.23 31.00 -12.74
N GLY C 66 13.59 31.80 -11.90
CA GLY C 66 13.22 33.15 -12.27
C GLY C 66 11.79 33.25 -12.77
N ASP C 67 11.40 34.50 -13.06
CA ASP C 67 10.02 34.79 -13.46
C ASP C 67 9.72 34.31 -14.87
N THR C 68 10.58 34.66 -15.81
CA THR C 68 10.39 34.36 -17.23
C THR C 68 11.70 34.65 -17.94
N PHE C 69 11.81 34.19 -19.18
CA PHE C 69 13.07 34.33 -19.89
C PHE C 69 13.29 35.76 -20.36
N ASP C 70 14.57 36.14 -20.43
CA ASP C 70 15.00 37.36 -21.12
C ASP C 70 15.23 37.10 -22.60
N VAL C 71 15.80 35.94 -22.92
CA VAL C 71 16.15 35.55 -24.28
C VAL C 71 15.47 34.23 -24.58
N PHE C 72 14.85 34.14 -25.76
CA PHE C 72 14.21 32.91 -26.20
C PHE C 72 14.75 32.52 -27.57
N CYS C 73 15.10 31.24 -27.73
CA CYS C 73 15.64 30.72 -28.99
C CYS C 73 14.75 29.57 -29.45
N ALA C 74 14.07 29.77 -30.57
CA ALA C 74 13.13 28.78 -31.11
C ALA C 74 13.79 28.03 -32.26
N PHE C 75 13.88 26.71 -32.13
CA PHE C 75 14.42 25.87 -33.20
C PHE C 75 13.41 25.58 -34.30
N ASN C 76 12.12 25.80 -34.04
CA ASN C 76 11.07 25.50 -35.00
C ASN C 76 9.84 26.32 -34.64
N GLY C 77 8.79 26.18 -35.44
CA GLY C 77 7.60 26.99 -35.24
C GLY C 77 6.80 26.59 -34.02
N GLU C 78 6.74 25.29 -33.74
CA GLU C 78 6.03 24.82 -32.56
C GLU C 78 6.59 25.45 -31.28
N ALA C 79 7.91 25.60 -31.20
CA ALA C 79 8.51 26.23 -30.03
C ALA C 79 8.08 27.69 -29.92
N TYR C 80 7.99 28.39 -31.05
CA TYR C 80 7.51 29.77 -31.04
C TYR C 80 6.07 29.84 -30.55
N GLU C 81 5.20 28.95 -31.03
CA GLU C 81 3.81 28.98 -30.61
C GLU C 81 3.66 28.65 -29.13
N GLN C 82 4.42 27.67 -28.64
CA GLN C 82 4.33 27.28 -27.23
C GLN C 82 4.72 28.41 -26.29
N ASN C 83 5.54 29.35 -26.74
CA ASN C 83 6.03 30.43 -25.90
C ASN C 83 5.58 31.81 -26.39
N LYS C 84 4.63 31.86 -27.33
CA LYS C 84 4.25 33.13 -27.95
C LYS C 84 3.84 34.17 -26.91
N ASP C 85 3.08 33.76 -25.88
CA ASP C 85 2.58 34.72 -24.91
C ASP C 85 3.67 35.30 -24.03
N LYS C 86 4.83 34.65 -23.95
CA LYS C 86 5.94 35.17 -23.15
C LYS C 86 6.96 35.97 -23.96
N ILE C 87 6.85 35.97 -25.29
CA ILE C 87 7.70 36.80 -26.14
C ILE C 87 7.15 38.22 -26.11
N LYS C 88 7.50 38.96 -25.06
CA LYS C 88 6.95 40.27 -24.79
C LYS C 88 7.94 41.37 -25.15
N PRO C 89 7.46 42.59 -25.37
CA PRO C 89 8.36 43.71 -25.65
C PRO C 89 9.44 43.85 -24.58
N GLY C 90 10.68 43.99 -25.05
CA GLY C 90 11.84 44.04 -24.20
C GLY C 90 12.68 42.77 -24.25
N THR C 91 12.08 41.65 -24.59
CA THR C 91 12.78 40.38 -24.67
C THR C 91 13.51 40.25 -26.01
N ALA C 92 14.53 39.39 -26.02
CA ALA C 92 15.24 39.03 -27.23
C ALA C 92 14.74 37.69 -27.74
N PHE C 93 14.59 37.59 -29.06
CA PHE C 93 13.98 36.43 -29.71
C PHE C 93 14.87 35.99 -30.87
N VAL C 94 15.48 34.82 -30.75
CA VAL C 94 16.25 34.20 -31.81
C VAL C 94 15.44 33.07 -32.41
N TYR C 95 15.44 32.96 -33.73
CA TYR C 95 14.57 31.98 -34.38
C TYR C 95 15.19 31.53 -35.69
N ASP C 96 14.79 30.33 -36.10
CA ASP C 96 15.30 29.62 -37.27
C ASP C 96 14.75 30.28 -38.53
N TYR C 97 15.56 31.13 -39.18
CA TYR C 97 15.13 31.88 -40.36
C TYR C 97 16.34 32.45 -41.09
N PRO C 98 16.39 32.38 -42.43
CA PRO C 98 15.41 31.69 -43.27
C PRO C 98 15.63 30.18 -43.31
N GLY C 99 14.75 29.45 -43.99
CA GLY C 99 14.91 28.02 -44.13
C GLY C 99 14.28 27.17 -43.04
N GLY C 100 13.58 27.77 -42.08
CA GLY C 100 12.91 27.01 -41.05
C GLY C 100 11.58 26.46 -41.53
N ASP C 101 10.80 25.95 -40.57
CA ASP C 101 9.55 25.28 -40.89
C ASP C 101 8.33 26.14 -40.61
N PHE C 102 8.50 27.44 -40.40
CA PHE C 102 7.38 28.28 -40.05
C PHE C 102 7.64 29.71 -40.52
N GLU C 103 6.53 30.42 -40.74
CA GLU C 103 6.58 31.85 -40.98
C GLU C 103 6.20 32.54 -39.69
N PRO C 104 7.07 33.33 -39.09
CA PRO C 104 6.75 33.93 -37.79
C PRO C 104 5.60 34.93 -37.91
N ASP C 105 4.72 34.89 -36.91
CA ASP C 105 3.62 35.84 -36.84
C ASP C 105 4.17 37.24 -36.60
N GLU C 106 3.27 38.22 -36.46
CA GLU C 106 3.71 39.57 -36.18
C GLU C 106 4.48 39.62 -34.87
N ILE C 107 5.80 39.69 -34.95
CA ILE C 107 6.64 39.87 -33.77
C ILE C 107 6.29 41.24 -33.19
N PRO C 108 5.78 41.31 -31.96
CA PRO C 108 5.36 42.60 -31.41
C PRO C 108 6.51 43.60 -31.39
N GLU C 109 6.17 44.86 -31.63
CA GLU C 109 7.17 45.92 -31.58
C GLU C 109 7.75 46.01 -30.16
N GLY C 110 9.07 46.22 -30.09
CA GLY C 110 9.79 46.22 -28.85
C GLY C 110 10.48 44.90 -28.54
N VAL C 111 10.14 43.85 -29.29
CA VAL C 111 10.83 42.57 -29.18
C VAL C 111 12.06 42.61 -30.09
N PHE C 112 13.23 42.34 -29.52
CA PHE C 112 14.47 42.34 -30.29
C PHE C 112 14.62 40.99 -30.97
N ALA C 113 14.30 40.93 -32.26
CA ALA C 113 14.28 39.69 -33.01
C ALA C 113 15.59 39.49 -33.76
N TYR C 114 16.08 38.25 -33.75
CA TYR C 114 17.37 37.89 -34.34
C TYR C 114 17.24 36.60 -35.12
N PRO C 115 16.88 36.66 -36.40
CA PRO C 115 16.79 35.43 -37.20
C PRO C 115 18.15 34.85 -37.51
N ILE C 116 18.26 33.52 -37.36
CA ILE C 116 19.47 32.78 -37.65
C ILE C 116 19.10 31.53 -38.44
N PRO C 117 19.67 31.31 -39.63
CA PRO C 117 19.34 30.10 -40.39
C PRO C 117 20.00 28.85 -39.83
N MET C 118 19.49 28.36 -38.69
CA MET C 118 20.10 27.21 -38.03
C MET C 118 19.94 25.94 -38.86
N SER C 119 18.71 25.65 -39.31
CA SER C 119 18.44 24.42 -40.03
C SER C 119 19.17 24.38 -41.37
N GLN C 120 19.05 25.45 -42.17
CA GLN C 120 19.64 25.46 -43.49
C GLN C 120 21.17 25.42 -43.43
N THR C 121 21.78 26.19 -42.52
CA THR C 121 23.23 26.16 -42.38
C THR C 121 23.72 24.75 -42.08
N ALA C 122 23.00 24.03 -41.21
CA ALA C 122 23.36 22.65 -40.91
C ALA C 122 23.21 21.77 -42.16
N LYS C 123 22.20 22.05 -42.97
CA LYS C 123 21.99 21.28 -44.19
C LYS C 123 23.10 21.53 -45.21
N GLU C 124 23.57 22.78 -45.32
CA GLU C 124 24.65 23.07 -46.26
C GLU C 124 25.91 22.30 -45.90
N MET C 125 26.12 22.00 -44.62
CA MET C 125 27.24 21.19 -44.16
C MET C 125 26.97 19.69 -44.27
N LYS C 126 25.80 19.30 -44.76
CA LYS C 126 25.41 17.89 -44.90
C LYS C 126 25.31 17.21 -43.54
N SER C 127 24.90 17.95 -42.51
CA SER C 127 24.73 17.38 -41.17
C SER C 127 23.67 18.22 -40.44
N TYR C 128 22.40 17.87 -40.65
CA TYR C 128 21.32 18.58 -39.98
C TYR C 128 21.42 18.44 -38.45
N ARG C 129 21.97 17.33 -37.98
CA ARG C 129 22.10 17.11 -36.53
C ARG C 129 23.05 18.10 -35.88
N SER C 130 23.86 18.82 -36.66
CA SER C 130 24.71 19.88 -36.15
C SER C 130 23.98 21.22 -36.06
N LYS C 131 22.66 21.22 -36.25
CA LYS C 131 21.87 22.44 -36.15
C LYS C 131 22.09 23.17 -34.83
N ASN C 132 22.13 22.41 -33.72
CA ASN C 132 22.27 23.05 -32.42
C ASN C 132 23.63 23.72 -32.25
N MET C 133 24.66 23.23 -32.94
CA MET C 133 25.96 23.89 -32.90
C MET C 133 25.86 25.30 -33.48
N VAL C 134 25.12 25.45 -34.58
CA VAL C 134 24.91 26.77 -35.18
C VAL C 134 24.20 27.70 -34.20
N ALA C 135 23.15 27.19 -33.55
CA ALA C 135 22.44 28.00 -32.56
C ALA C 135 23.37 28.45 -31.44
N LEU C 136 24.22 27.54 -30.95
CA LEU C 136 25.13 27.89 -29.86
C LEU C 136 26.08 29.02 -30.27
N GLY C 137 26.61 28.96 -31.49
CA GLY C 137 27.47 30.04 -31.95
C GLY C 137 26.77 31.39 -31.94
N ALA C 138 25.54 31.42 -32.44
CA ALA C 138 24.77 32.67 -32.48
C ALA C 138 24.48 33.20 -31.08
N LEU C 139 24.02 32.30 -30.19
CA LEU C 139 23.72 32.71 -28.82
C LEU C 139 24.96 33.22 -28.11
N SER C 140 26.10 32.53 -28.30
CA SER C 140 27.35 32.97 -27.69
C SER C 140 27.72 34.37 -28.14
N GLU C 141 27.63 34.62 -29.45
CA GLU C 141 27.99 35.93 -29.98
C GLU C 141 27.01 37.00 -29.52
N LEU C 142 25.71 36.72 -29.63
CA LEU C 142 24.70 37.74 -29.35
C LEU C 142 24.65 38.12 -27.87
N PHE C 143 24.85 37.14 -26.98
CA PHE C 143 24.54 37.34 -25.57
C PHE C 143 25.74 37.05 -24.66
N ASN C 144 26.95 37.03 -25.22
CA ASN C 144 28.19 37.00 -24.44
C ASN C 144 28.28 35.75 -23.57
N ILE C 145 27.91 34.61 -24.14
CA ILE C 145 28.26 33.33 -23.55
C ILE C 145 29.68 33.00 -24.00
N SER C 146 30.60 32.87 -23.04
CA SER C 146 32.03 32.75 -23.31
C SER C 146 32.34 31.73 -24.42
N GLU C 147 32.83 32.23 -25.56
CA GLU C 147 33.25 31.34 -26.64
C GLU C 147 34.37 30.41 -26.19
N ASN C 148 35.29 30.93 -25.35
CA ASN C 148 36.42 30.13 -24.90
C ASN C 148 35.97 28.90 -24.12
N THR C 149 35.15 29.09 -23.09
CA THR C 149 34.73 27.95 -22.28
C THR C 149 33.71 27.07 -23.01
N LEU C 150 32.93 27.67 -23.92
CA LEU C 150 32.00 26.88 -24.71
C LEU C 150 32.73 25.89 -25.62
N LYS C 151 33.81 26.34 -26.26
CA LYS C 151 34.58 25.42 -27.11
C LYS C 151 35.35 24.38 -26.29
N GLU C 152 35.80 24.76 -25.10
CA GLU C 152 36.35 23.77 -24.18
C GLU C 152 35.35 22.66 -23.93
N VAL C 153 34.11 23.03 -23.61
CA VAL C 153 33.07 22.05 -23.33
C VAL C 153 32.80 21.18 -24.56
N LEU C 154 32.72 21.79 -25.74
CA LEU C 154 32.52 21.01 -26.96
C LEU C 154 33.72 20.10 -27.24
N SER C 155 34.93 20.59 -27.00
CA SER C 155 36.12 19.77 -27.19
C SER C 155 36.13 18.56 -26.26
N ASP C 156 35.73 18.76 -25.00
CA ASP C 156 35.66 17.64 -24.06
C ASP C 156 34.66 16.60 -24.53
N LYS C 157 33.57 17.03 -25.16
CA LYS C 157 32.53 16.09 -25.61
C LYS C 157 32.92 15.39 -26.90
N PHE C 158 33.44 16.12 -27.89
CA PHE C 158 33.67 15.58 -29.22
C PHE C 158 35.13 15.30 -29.54
N GLY C 159 36.05 15.64 -28.63
CA GLY C 159 37.45 15.29 -28.86
C GLY C 159 37.67 13.80 -28.89
N LYS C 160 36.89 13.05 -28.12
CA LYS C 160 37.01 11.60 -28.09
C LYS C 160 36.58 10.95 -29.40
N LYS C 161 35.87 11.68 -30.26
CA LYS C 161 35.41 11.16 -31.53
C LYS C 161 36.36 11.43 -32.69
N GLY C 162 37.43 12.19 -32.46
CA GLY C 162 38.38 12.47 -33.51
C GLY C 162 38.48 13.94 -33.84
N GLU C 163 39.64 14.39 -34.32
CA GLU C 163 39.84 15.80 -34.62
C GLU C 163 38.98 16.28 -35.78
N GLU C 164 38.55 15.36 -36.67
CA GLU C 164 37.68 15.77 -37.77
C GLU C 164 36.27 16.07 -37.26
N VAL C 165 35.73 15.19 -36.41
CA VAL C 165 34.40 15.39 -35.87
C VAL C 165 34.35 16.67 -35.04
N LEU C 166 35.37 16.88 -34.20
CA LEU C 166 35.41 18.08 -33.38
C LEU C 166 35.55 19.35 -34.22
N ALA C 167 36.50 19.35 -35.17
CA ALA C 167 36.67 20.53 -36.01
C ALA C 167 35.44 20.80 -36.87
N PHE C 168 34.65 19.76 -37.16
CA PHE C 168 33.41 19.95 -37.88
C PHE C 168 32.39 20.70 -37.02
N ASN C 169 32.22 20.26 -35.76
CA ASN C 169 31.27 20.92 -34.88
C ASN C 169 31.72 22.33 -34.53
N LEU C 170 33.03 22.56 -34.43
CA LEU C 170 33.51 23.92 -34.19
C LEU C 170 33.25 24.83 -35.39
N GLU C 171 33.29 24.28 -36.61
CA GLU C 171 32.99 25.09 -37.78
C GLU C 171 31.52 25.49 -37.79
N ALA C 172 30.61 24.56 -37.51
CA ALA C 172 29.20 24.89 -37.39
C ALA C 172 28.98 25.96 -36.33
N PHE C 173 29.68 25.85 -35.20
CA PHE C 173 29.63 26.90 -34.18
C PHE C 173 30.09 28.24 -34.75
N ASP C 174 31.24 28.24 -35.44
CA ASP C 174 31.76 29.49 -36.01
C ASP C 174 30.81 30.05 -37.06
N LYS C 175 30.17 29.19 -37.85
CA LYS C 175 29.17 29.67 -38.79
C LYS C 175 28.03 30.39 -38.09
N GLY C 176 27.54 29.82 -36.98
CA GLY C 176 26.49 30.50 -36.23
C GLY C 176 26.97 31.79 -35.60
N LYS C 177 28.20 31.82 -35.12
CA LYS C 177 28.77 33.07 -34.60
C LYS C 177 28.81 34.15 -35.66
N ALA C 178 29.19 33.79 -36.89
CA ALA C 178 29.30 34.78 -37.97
C ALA C 178 27.94 35.34 -38.35
N LEU C 179 26.93 34.47 -38.47
CA LEU C 179 25.58 34.92 -38.78
C LEU C 179 25.07 35.94 -37.77
N ALA C 180 25.33 35.71 -36.49
CA ALA C 180 24.85 36.63 -35.45
C ALA C 180 25.64 37.93 -35.46
N LYS C 181 26.95 37.86 -35.75
CA LYS C 181 27.76 39.08 -35.79
C LYS C 181 27.28 40.01 -36.90
N ALA C 182 26.71 39.46 -37.98
CA ALA C 182 26.23 40.29 -39.07
C ALA C 182 25.01 41.10 -38.68
N LEU C 183 24.29 40.71 -37.64
CA LEU C 183 23.16 41.48 -37.15
C LEU C 183 23.64 42.56 -36.18
N THR C 184 22.81 43.59 -36.03
CA THR C 184 23.10 44.67 -35.10
C THR C 184 22.36 44.39 -33.79
N LYS C 185 23.11 44.33 -32.69
CA LYS C 185 22.54 44.01 -31.40
C LYS C 185 21.80 45.20 -30.83
N ALA C 186 20.47 45.08 -30.68
CA ALA C 186 19.65 46.14 -30.15
C ALA C 186 19.15 45.89 -28.73
N ASP C 187 19.32 44.67 -28.20
CA ASP C 187 18.82 44.32 -26.88
C ASP C 187 19.88 44.62 -25.82
N PRO C 188 19.46 44.84 -24.57
CA PRO C 188 20.42 45.11 -23.50
C PRO C 188 20.93 43.89 -22.75
N PHE C 189 20.72 42.68 -23.27
CA PHE C 189 20.99 41.46 -22.50
C PHE C 189 22.38 40.92 -22.80
N ARG C 190 23.18 40.73 -21.76
CA ARG C 190 24.49 40.10 -21.88
C ARG C 190 24.75 39.26 -20.63
N VAL C 191 25.19 38.02 -20.82
CA VAL C 191 25.64 37.21 -19.70
C VAL C 191 26.80 37.91 -19.01
N ALA C 192 26.84 37.84 -17.68
CA ALA C 192 27.89 38.50 -16.92
C ALA C 192 29.26 38.10 -17.45
N ASP C 193 30.21 39.04 -17.38
CA ASP C 193 31.57 38.76 -17.82
C ASP C 193 32.21 37.71 -16.93
N PRO C 194 33.11 36.90 -17.48
CA PRO C 194 33.73 35.82 -16.70
C PRO C 194 34.43 36.32 -15.45
N GLN C 195 34.47 35.45 -14.44
CA GLN C 195 35.12 35.66 -13.16
C GLN C 195 36.08 34.52 -12.91
N GLU C 196 36.78 34.58 -11.77
CA GLU C 196 37.62 33.46 -11.37
C GLU C 196 36.75 32.22 -11.25
N PRO C 197 37.04 31.14 -11.97
CA PRO C 197 36.23 29.93 -11.84
C PRO C 197 36.28 29.39 -10.42
N LYS C 198 35.12 29.02 -9.91
CA LYS C 198 35.01 28.52 -8.56
C LYS C 198 35.19 27.02 -8.53
N ASP C 199 35.50 26.50 -7.33
CA ASP C 199 35.65 25.08 -7.11
C ASP C 199 34.26 24.48 -6.92
N VAL C 200 33.60 24.23 -8.05
CA VAL C 200 32.20 23.83 -8.07
C VAL C 200 32.05 22.55 -8.88
N ILE C 201 30.88 21.92 -8.72
CA ILE C 201 30.38 20.92 -9.65
C ILE C 201 28.99 21.35 -10.09
N ILE C 202 28.52 20.75 -11.16
CA ILE C 202 27.15 20.92 -11.64
C ILE C 202 26.44 19.59 -11.50
N MET C 203 25.27 19.60 -10.86
CA MET C 203 24.57 18.35 -10.60
C MET C 203 23.06 18.56 -10.71
N ALA C 204 22.38 17.54 -11.22
CA ALA C 204 20.92 17.51 -11.18
C ALA C 204 20.45 16.98 -9.82
N GLY C 205 19.19 17.31 -9.49
CA GLY C 205 18.66 16.95 -8.17
C GLY C 205 18.70 15.46 -7.88
N ASN C 206 18.27 14.63 -8.84
CA ASN C 206 18.22 13.19 -8.57
C ASN C 206 19.62 12.60 -8.42
N ASP C 207 20.57 13.03 -9.26
CA ASP C 207 21.95 12.58 -9.10
C ASP C 207 22.49 12.99 -7.74
N ALA C 208 22.15 14.19 -7.29
CA ALA C 208 22.63 14.67 -6.00
C ALA C 208 22.08 13.83 -4.85
N VAL C 209 20.82 13.37 -4.95
CA VAL C 209 20.29 12.48 -3.93
C VAL C 209 21.10 11.20 -3.89
N GLY C 210 21.39 10.62 -5.07
CA GLY C 210 22.19 9.41 -5.11
C GLY C 210 23.58 9.61 -4.54
N LEU C 211 24.21 10.74 -4.86
CA LEU C 211 25.53 11.04 -4.30
C LEU C 211 25.44 11.27 -2.79
N GLY C 212 24.40 11.98 -2.33
CA GLY C 212 24.24 12.18 -0.91
C GLY C 212 24.10 10.87 -0.16
N GLY C 213 23.36 9.92 -0.75
CA GLY C 213 23.28 8.61 -0.14
C GLY C 213 24.64 7.96 0.00
N ILE C 214 25.41 7.95 -1.09
CA ILE C 214 26.74 7.34 -1.07
C ILE C 214 27.63 8.02 -0.04
N LEU C 215 27.61 9.37 -0.02
CA LEU C 215 28.42 10.11 0.95
C LEU C 215 27.98 9.86 2.39
N GLY C 216 26.71 9.52 2.60
CA GLY C 216 26.23 9.21 3.92
C GLY C 216 26.53 7.81 4.39
N GLY C 217 27.24 7.01 3.60
CA GLY C 217 27.56 5.65 3.99
C GLY C 217 26.58 4.61 3.52
N LEU C 218 25.79 4.91 2.49
CA LEU C 218 24.86 3.93 1.92
C LEU C 218 25.57 2.62 1.57
N GLU C 219 24.92 1.50 1.88
CA GLU C 219 25.50 0.19 1.58
C GLU C 219 24.56 -0.68 0.76
N PHE C 220 23.25 -0.44 0.86
CA PHE C 220 22.26 -1.22 0.14
C PHE C 220 21.14 -0.31 -0.36
N PHE C 221 20.84 -0.43 -1.65
CA PHE C 221 19.77 0.35 -2.28
C PHE C 221 18.88 -0.61 -3.03
N SER C 222 17.57 -0.51 -2.82
CA SER C 222 16.62 -1.27 -3.61
C SER C 222 15.56 -0.31 -4.13
N ALA C 223 15.26 -0.39 -5.42
CA ALA C 223 14.21 0.47 -5.94
C ALA C 223 13.51 -0.20 -7.10
N TYR C 224 12.38 0.40 -7.46
CA TYR C 224 11.60 0.04 -8.61
C TYR C 224 11.44 1.33 -9.39
N PRO C 225 11.63 1.30 -10.71
CA PRO C 225 11.60 2.55 -11.48
C PRO C 225 10.23 3.23 -11.40
N ILE C 226 10.26 4.56 -11.26
CA ILE C 226 9.05 5.38 -11.38
C ILE C 226 9.48 6.82 -11.66
N THR C 227 8.76 7.46 -12.57
CA THR C 227 8.97 8.88 -12.85
C THR C 227 8.42 9.72 -11.70
N PRO C 228 9.14 10.76 -11.26
CA PRO C 228 10.43 11.27 -11.73
C PRO C 228 11.60 10.91 -10.82
N ALA C 229 11.69 9.64 -10.40
CA ALA C 229 12.67 9.24 -9.40
C ALA C 229 13.74 8.29 -9.93
N THR C 230 13.59 7.76 -11.14
CA THR C 230 14.46 6.67 -11.57
C THR C 230 15.92 7.07 -11.66
N GLU C 231 16.22 8.35 -11.96
CA GLU C 231 17.61 8.75 -12.07
C GLU C 231 18.38 8.55 -10.77
N VAL C 232 17.70 8.53 -9.62
CA VAL C 232 18.38 8.23 -8.38
C VAL C 232 18.98 6.83 -8.43
N ALA C 233 18.14 5.84 -8.79
CA ALA C 233 18.61 4.46 -8.89
C ALA C 233 19.67 4.31 -9.97
N LYS C 234 19.52 5.06 -11.07
CA LYS C 234 20.53 5.00 -12.13
C LYS C 234 21.90 5.45 -11.61
N TYR C 235 21.93 6.57 -10.88
CA TYR C 235 23.19 7.06 -10.32
C TYR C 235 23.75 6.09 -9.28
N VAL C 236 22.90 5.58 -8.38
CA VAL C 236 23.37 4.64 -7.37
C VAL C 236 23.88 3.36 -8.01
N ALA C 237 23.15 2.85 -9.00
CA ALA C 237 23.57 1.63 -9.69
C ALA C 237 24.97 1.77 -10.30
N THR C 238 25.30 2.97 -10.78
CA THR C 238 26.59 3.18 -11.43
C THR C 238 27.73 3.28 -10.43
N HIS C 239 27.52 4.00 -9.32
CA HIS C 239 28.61 4.39 -8.44
C HIS C 239 28.64 3.66 -7.10
N LEU C 240 27.49 3.20 -6.58
CA LEU C 240 27.50 2.50 -5.30
C LEU C 240 28.36 1.24 -5.31
N PRO C 241 28.33 0.38 -6.35
CA PRO C 241 29.22 -0.79 -6.32
C PRO C 241 30.70 -0.45 -6.19
N LYS C 242 31.12 0.72 -6.68
CA LYS C 242 32.51 1.15 -6.50
C LYS C 242 32.88 1.24 -5.02
N CYS C 243 31.91 1.56 -4.17
CA CYS C 243 32.18 1.75 -2.75
C CYS C 243 31.85 0.51 -1.93
N GLY C 244 31.70 -0.64 -2.57
CA GLY C 244 31.43 -1.88 -1.88
C GLY C 244 29.97 -2.16 -1.57
N GLY C 245 29.05 -1.32 -2.06
CA GLY C 245 27.64 -1.50 -1.83
C GLY C 245 26.94 -2.18 -3.00
N ASP C 246 25.67 -2.48 -2.81
CA ASP C 246 24.89 -3.18 -3.82
C ASP C 246 23.59 -2.43 -4.09
N LEU C 247 23.24 -2.32 -5.37
CA LEU C 247 21.89 -1.94 -5.75
C LEU C 247 21.16 -3.16 -6.31
N VAL C 248 19.90 -3.30 -5.94
CA VAL C 248 19.02 -4.34 -6.47
C VAL C 248 17.76 -3.65 -6.99
N GLN C 249 17.31 -4.05 -8.16
CA GLN C 249 16.00 -3.61 -8.65
C GLN C 249 14.99 -4.66 -8.25
N ALA C 250 14.05 -4.28 -7.38
CA ALA C 250 13.03 -5.20 -6.92
C ALA C 250 11.89 -5.25 -7.93
N GLU C 251 10.95 -6.17 -7.70
CA GLU C 251 9.84 -6.34 -8.62
C GLU C 251 8.74 -5.29 -8.43
N ASP C 252 8.71 -4.62 -7.28
CA ASP C 252 7.80 -3.50 -7.06
C ASP C 252 8.23 -2.75 -5.79
N GLU C 253 7.46 -1.73 -5.43
CA GLU C 253 7.82 -0.88 -4.29
C GLU C 253 7.69 -1.60 -2.96
N ILE C 254 6.73 -2.52 -2.83
CA ILE C 254 6.62 -3.27 -1.58
C ILE C 254 7.85 -4.14 -1.39
N ALA C 255 8.27 -4.84 -2.46
CA ALA C 255 9.49 -5.64 -2.38
C ALA C 255 10.69 -4.77 -2.06
N SER C 256 10.75 -3.55 -2.61
CA SER C 256 11.90 -2.68 -2.40
C SER C 256 12.03 -2.25 -0.95
N ILE C 257 10.93 -1.79 -0.35
CA ILE C 257 11.02 -1.35 1.05
C ILE C 257 11.19 -2.56 1.96
N ALA C 258 10.65 -3.71 1.57
CA ALA C 258 10.90 -4.94 2.32
C ALA C 258 12.38 -5.28 2.32
N GLN C 259 13.02 -5.23 1.15
CA GLN C 259 14.46 -5.52 1.06
C GLN C 259 15.28 -4.50 1.84
N VAL C 260 14.87 -3.22 1.80
CA VAL C 260 15.55 -2.19 2.60
C VAL C 260 15.48 -2.56 4.08
N LEU C 261 14.30 -2.96 4.55
CA LEU C 261 14.18 -3.34 5.96
C LEU C 261 14.99 -4.59 6.28
N GLY C 262 15.04 -5.55 5.36
CA GLY C 262 15.81 -6.76 5.61
C GLY C 262 17.31 -6.48 5.66
N ALA C 263 17.79 -5.62 4.76
CA ALA C 263 19.20 -5.25 4.78
C ALA C 263 19.54 -4.40 5.99
N SER C 264 18.62 -3.53 6.41
CA SER C 264 18.85 -2.72 7.60
C SER C 264 18.86 -3.60 8.85
N TYR C 265 17.93 -4.54 8.94
CA TYR C 265 17.98 -5.53 10.01
C TYR C 265 19.33 -6.25 10.04
N ALA C 266 19.87 -6.57 8.86
CA ALA C 266 21.19 -7.19 8.78
C ALA C 266 22.33 -6.25 9.18
N GLY C 267 22.06 -4.98 9.41
CA GLY C 267 23.07 -4.05 9.86
C GLY C 267 23.60 -3.07 8.82
N LYS C 268 23.02 -3.00 7.63
CA LYS C 268 23.49 -2.14 6.56
C LYS C 268 22.61 -0.90 6.43
N LYS C 269 23.26 0.25 6.18
CA LYS C 269 22.52 1.47 5.88
C LYS C 269 21.84 1.34 4.53
N SER C 270 20.52 1.47 4.51
CA SER C 270 19.72 1.11 3.35
C SER C 270 18.71 2.19 3.04
N MET C 271 18.36 2.30 1.76
CA MET C 271 17.41 3.32 1.34
C MET C 271 16.74 2.90 0.04
N THR C 272 15.66 3.59 -0.28
CA THR C 272 15.00 3.50 -1.57
C THR C 272 14.60 4.90 -2.01
N ALA C 273 14.15 5.00 -3.26
CA ALA C 273 13.62 6.23 -3.82
C ALA C 273 12.40 5.87 -4.66
N THR C 274 11.41 6.75 -4.65
CA THR C 274 10.15 6.45 -5.32
C THR C 274 9.43 7.77 -5.57
N SER C 275 8.16 7.68 -5.98
CA SER C 275 7.29 8.84 -6.02
C SER C 275 5.96 8.49 -5.36
N GLY C 276 4.99 9.40 -5.42
CA GLY C 276 3.74 9.27 -4.69
C GLY C 276 3.08 7.91 -4.73
N PRO C 277 2.83 7.36 -5.93
CA PRO C 277 2.23 6.02 -6.00
C PRO C 277 3.04 4.97 -5.23
N GLY C 278 4.36 5.03 -5.34
CA GLY C 278 5.18 4.07 -4.62
C GLY C 278 5.15 4.26 -3.12
N LEU C 279 5.18 5.52 -2.66
CA LEU C 279 5.10 5.76 -1.23
C LEU C 279 3.79 5.23 -0.65
N ALA C 280 2.69 5.33 -1.42
CA ALA C 280 1.42 4.80 -0.93
C ALA C 280 1.47 3.29 -0.77
N LEU C 281 2.13 2.59 -1.71
CA LEU C 281 2.30 1.15 -1.57
C LEU C 281 3.17 0.79 -0.39
N MET C 282 4.11 1.67 -0.01
CA MET C 282 5.05 1.41 1.08
C MET C 282 4.46 1.63 2.46
N SER C 283 3.20 2.08 2.56
CA SER C 283 2.65 2.50 3.85
C SER C 283 2.70 1.39 4.89
N GLU C 284 2.32 0.16 4.52
CA GLU C 284 2.29 -0.93 5.50
C GLU C 284 3.69 -1.23 6.02
N MET C 285 4.67 -1.36 5.12
CA MET C 285 6.02 -1.70 5.55
C MET C 285 6.67 -0.57 6.34
N LEU C 286 6.32 0.69 6.07
CA LEU C 286 6.82 1.77 6.90
C LEU C 286 6.24 1.72 8.32
N GLY C 287 5.06 1.12 8.47
CA GLY C 287 4.57 0.83 9.82
C GLY C 287 5.46 -0.16 10.54
N MET C 288 5.90 -1.20 9.82
CA MET C 288 6.83 -2.18 10.39
C MET C 288 8.13 -1.51 10.82
N ALA C 289 8.65 -0.59 9.99
CA ALA C 289 9.87 0.11 10.36
C ALA C 289 9.69 0.88 11.65
N HIS C 290 8.57 1.59 11.80
CA HIS C 290 8.33 2.33 13.03
C HIS C 290 8.20 1.42 14.23
N MET C 291 7.34 0.40 14.14
CA MET C 291 7.05 -0.46 15.28
C MET C 291 8.27 -1.29 15.69
N SER C 292 8.99 -1.83 14.71
CA SER C 292 10.17 -2.65 15.01
C SER C 292 11.43 -1.83 15.26
N GLU C 293 11.34 -0.50 15.10
CA GLU C 293 12.45 0.42 15.29
C GLU C 293 13.65 0.05 14.39
N THR C 294 13.37 -0.10 13.10
CA THR C 294 14.38 -0.48 12.12
C THR C 294 14.67 0.69 11.20
N PRO C 295 15.93 1.15 11.13
CA PRO C 295 16.24 2.32 10.30
C PRO C 295 15.90 2.08 8.84
N CYS C 296 15.28 3.08 8.21
CA CYS C 296 15.12 3.04 6.77
C CYS C 296 14.87 4.44 6.25
N LEU C 297 15.27 4.66 5.00
CA LEU C 297 15.13 5.96 4.36
C LEU C 297 14.41 5.78 3.03
N VAL C 298 13.38 6.59 2.82
CA VAL C 298 12.66 6.66 1.56
C VAL C 298 12.73 8.10 1.06
N VAL C 299 13.22 8.29 -0.16
CA VAL C 299 13.15 9.58 -0.83
C VAL C 299 11.96 9.54 -1.78
N ASP C 300 11.01 10.46 -1.58
CA ASP C 300 9.84 10.59 -2.44
C ASP C 300 10.05 11.83 -3.28
N VAL C 301 10.34 11.62 -4.56
CA VAL C 301 10.43 12.72 -5.52
C VAL C 301 8.99 12.99 -5.96
N GLN C 302 8.36 13.97 -5.32
CA GLN C 302 6.94 14.21 -5.51
C GLN C 302 6.62 14.59 -6.96
N ARG C 303 5.47 14.14 -7.43
CA ARG C 303 4.97 14.47 -8.77
C ARG C 303 3.50 14.88 -8.63
N GLY C 304 2.88 15.20 -9.77
CA GLY C 304 1.48 15.58 -9.75
C GLY C 304 0.61 14.39 -9.38
N GLY C 305 -0.27 14.60 -8.40
CA GLY C 305 -1.28 13.63 -8.04
C GLY C 305 -2.64 14.25 -8.21
N PRO C 306 -3.71 13.59 -7.73
CA PRO C 306 -3.71 12.28 -7.07
C PRO C 306 -3.64 11.14 -8.10
N SER C 307 -3.57 9.90 -7.61
CA SER C 307 -3.51 8.72 -8.46
C SER C 307 -2.37 8.83 -9.46
N THR C 308 -2.57 8.34 -10.69
CA THR C 308 -1.52 8.46 -11.70
C THR C 308 -1.16 9.92 -11.93
N GLY C 309 -2.15 10.79 -11.97
CA GLY C 309 -1.90 12.21 -11.77
C GLY C 309 -1.25 12.86 -12.98
N LEU C 310 -0.15 13.57 -12.72
CA LEU C 310 0.61 14.29 -13.74
C LEU C 310 2.08 13.96 -13.51
N PRO C 311 2.57 12.86 -14.06
CA PRO C 311 3.89 12.35 -13.66
C PRO C 311 5.04 13.32 -13.92
N THR C 312 4.92 14.18 -14.92
CA THR C 312 6.03 15.05 -15.34
C THR C 312 5.93 16.47 -14.81
N LYS C 313 4.92 16.80 -14.01
CA LYS C 313 4.66 18.17 -13.61
C LYS C 313 5.13 18.43 -12.17
N HIS C 314 4.96 19.69 -11.74
CA HIS C 314 5.45 20.16 -10.46
C HIS C 314 4.35 20.15 -9.41
N GLU C 315 4.61 19.54 -8.26
CA GLU C 315 3.64 19.49 -7.18
C GLU C 315 4.34 19.04 -5.91
N GLN C 316 3.93 19.58 -4.78
CA GLN C 316 4.43 19.14 -3.47
C GLN C 316 3.22 18.77 -2.61
N SER C 317 2.57 17.65 -2.97
CA SER C 317 1.29 17.27 -2.38
C SER C 317 1.33 15.92 -1.67
N ASP C 318 2.52 15.42 -1.30
CA ASP C 318 2.65 14.17 -0.57
C ASP C 318 2.93 14.37 0.92
N LEU C 319 2.74 15.58 1.44
CA LEU C 319 3.01 15.81 2.86
C LEU C 319 2.00 15.08 3.75
N PHE C 320 0.73 15.07 3.35
CA PHE C 320 -0.29 14.33 4.08
C PHE C 320 0.07 12.84 4.17
N LEU C 321 0.42 12.23 3.04
CA LEU C 321 0.77 10.81 3.02
C LEU C 321 2.05 10.54 3.81
N ALA C 322 3.06 11.40 3.67
CA ALA C 322 4.32 11.16 4.35
C ALA C 322 4.14 11.17 5.87
N ILE C 323 3.28 12.05 6.38
CA ILE C 323 3.12 12.17 7.82
C ILE C 323 2.06 11.21 8.35
N HIS C 324 0.95 11.05 7.65
CA HIS C 324 -0.21 10.30 8.17
C HIS C 324 -0.49 9.02 7.41
N GLY C 325 0.44 8.53 6.60
CA GLY C 325 0.16 7.39 5.75
C GLY C 325 0.10 6.04 6.41
N GLY C 326 0.41 5.92 7.70
CA GLY C 326 0.43 4.63 8.36
C GLY C 326 -0.84 4.38 9.17
N HIS C 327 -1.25 3.11 9.22
CA HIS C 327 -2.37 2.75 10.07
C HIS C 327 -1.93 2.77 11.53
N GLY C 328 -2.89 2.98 12.42
CA GLY C 328 -2.53 3.16 13.82
C GLY C 328 -1.82 4.49 14.02
N ASP C 329 -1.26 4.64 15.22
CA ASP C 329 -0.40 5.79 15.54
C ASP C 329 1.02 5.40 15.10
N SER C 330 1.43 5.90 13.94
CA SER C 330 2.58 5.33 13.22
C SER C 330 3.42 6.45 12.62
N PRO C 331 4.15 7.19 13.44
CA PRO C 331 4.82 8.41 12.97
C PRO C 331 6.10 8.14 12.17
N ARG C 332 6.36 9.05 11.23
CA ARG C 332 7.59 9.09 10.44
C ARG C 332 8.34 10.38 10.73
N ILE C 333 9.64 10.36 10.48
CA ILE C 333 10.42 11.58 10.44
C ILE C 333 10.44 12.06 8.99
N VAL C 334 10.05 13.31 8.76
CA VAL C 334 9.83 13.81 7.41
C VAL C 334 10.64 15.09 7.21
N LEU C 335 11.51 15.08 6.20
CA LEU C 335 12.29 16.22 5.75
C LEU C 335 11.88 16.57 4.32
N SER C 336 12.25 17.78 3.88
CA SER C 336 12.01 18.15 2.49
C SER C 336 13.11 19.10 2.02
N VAL C 337 13.63 18.87 0.79
CA VAL C 337 14.79 19.58 0.27
C VAL C 337 14.37 20.80 -0.52
N GLU C 338 15.23 21.82 -0.53
CA GLU C 338 15.04 23.04 -1.31
C GLU C 338 15.76 23.02 -2.65
N ASP C 339 17.01 22.57 -2.68
CA ASP C 339 17.87 22.78 -3.86
C ASP C 339 18.80 21.58 -4.02
N VAL C 340 19.71 21.69 -4.99
CA VAL C 340 20.63 20.58 -5.27
C VAL C 340 21.58 20.35 -4.10
N LYS C 341 22.02 21.43 -3.44
CA LYS C 341 22.86 21.26 -2.27
C LYS C 341 22.18 20.39 -1.22
N ASP C 342 20.90 20.68 -0.92
CA ASP C 342 20.13 19.90 0.04
C ASP C 342 19.99 18.44 -0.40
N CYS C 343 19.79 18.20 -1.70
CA CYS C 343 19.66 16.83 -2.17
C CYS C 343 20.86 15.99 -1.75
N ILE C 344 22.03 16.60 -1.68
CA ILE C 344 23.20 15.90 -1.13
C ILE C 344 23.13 15.82 0.39
N SER C 345 23.13 16.98 1.06
CA SER C 345 23.35 16.97 2.51
C SER C 345 22.16 16.44 3.28
N MET C 346 20.94 16.65 2.77
CA MET C 346 19.78 16.18 3.52
C MET C 346 19.49 14.71 3.27
N THR C 347 20.03 14.14 2.20
CA THR C 347 20.02 12.69 2.10
C THR C 347 21.01 12.08 3.09
N VAL C 348 22.15 12.73 3.29
CA VAL C 348 23.04 12.35 4.39
C VAL C 348 22.31 12.52 5.72
N ASP C 349 21.67 13.67 5.93
CA ASP C 349 20.86 13.88 7.12
C ASP C 349 19.84 12.77 7.29
N GLY C 350 19.15 12.43 6.20
CA GLY C 350 18.12 11.39 6.27
C GLY C 350 18.69 10.06 6.71
N LEU C 351 19.83 9.65 6.14
CA LEU C 351 20.47 8.42 6.58
C LEU C 351 20.94 8.53 8.03
N ASN C 352 21.49 9.69 8.41
CA ASN C 352 21.95 9.89 9.78
C ASN C 352 20.80 9.79 10.78
N LEU C 353 19.66 10.40 10.47
CA LEU C 353 18.55 10.42 11.41
C LEU C 353 17.92 9.04 11.52
N ALA C 354 17.85 8.30 10.42
CA ALA C 354 17.38 6.91 10.49
C ALA C 354 18.30 6.07 11.37
N GLU C 355 19.61 6.27 11.27
CA GLU C 355 20.54 5.57 12.15
C GLU C 355 20.33 5.95 13.61
N LYS C 356 20.29 7.25 13.88
CA LYS C 356 20.27 7.72 15.27
C LYS C 356 18.98 7.36 15.98
N TYR C 357 17.85 7.41 15.26
CA TYR C 357 16.55 7.26 15.88
C TYR C 357 15.85 5.96 15.50
N GLN C 358 16.51 5.09 14.75
CA GLN C 358 16.00 3.75 14.42
C GLN C 358 14.55 3.84 13.99
N ALA C 359 14.31 4.59 12.92
CA ALA C 359 12.96 5.00 12.57
C ALA C 359 12.89 5.21 11.07
N PRO C 360 11.70 5.15 10.48
CA PRO C 360 11.56 5.47 9.05
C PRO C 360 11.67 6.97 8.83
N VAL C 361 12.52 7.34 7.87
CA VAL C 361 12.70 8.73 7.47
C VAL C 361 12.24 8.86 6.03
N ILE C 362 11.44 9.89 5.76
CA ILE C 362 11.03 10.22 4.40
C ILE C 362 11.58 11.59 4.06
N VAL C 363 12.27 11.68 2.93
CA VAL C 363 12.79 12.95 2.41
C VAL C 363 11.98 13.29 1.16
N LEU C 364 11.31 14.44 1.18
CA LEU C 364 10.45 14.87 0.09
C LEU C 364 11.20 15.80 -0.85
N SER C 365 11.35 15.38 -2.10
CA SER C 365 11.85 16.21 -3.19
C SER C 365 10.71 16.48 -4.17
N ASP C 366 11.03 16.94 -5.37
CA ASP C 366 9.99 17.17 -6.37
C ASP C 366 10.58 17.02 -7.76
N GLY C 367 9.66 16.91 -8.73
CA GLY C 367 10.04 16.58 -10.11
C GLY C 367 10.76 17.68 -10.85
N SER C 368 10.61 18.94 -10.42
CA SER C 368 11.40 20.02 -11.03
C SER C 368 12.84 19.98 -10.53
N LEU C 369 13.02 19.91 -9.21
CA LEU C 369 14.36 19.80 -8.64
C LEU C 369 15.08 18.56 -9.17
N ALA C 370 14.34 17.47 -9.38
CA ALA C 370 14.92 16.22 -9.86
C ALA C 370 15.73 16.42 -11.14
N PHE C 371 15.25 17.26 -12.05
CA PHE C 371 15.92 17.47 -13.32
C PHE C 371 16.58 18.84 -13.43
N SER C 372 16.37 19.73 -12.48
CA SER C 372 17.10 20.99 -12.46
C SER C 372 18.55 20.74 -12.06
N THR C 373 19.48 21.47 -12.68
CA THR C 373 20.87 21.43 -12.29
C THR C 373 21.30 22.77 -11.73
N GLN C 374 22.32 22.74 -10.87
CA GLN C 374 22.86 23.93 -10.24
C GLN C 374 24.36 23.79 -10.13
N THR C 375 25.05 24.93 -10.19
CA THR C 375 26.41 24.99 -9.67
C THR C 375 26.35 24.97 -8.15
N ILE C 376 27.10 24.06 -7.55
CA ILE C 376 27.21 23.97 -6.09
C ILE C 376 28.68 23.84 -5.74
N PRO C 377 29.12 24.30 -4.57
CA PRO C 377 30.51 24.07 -4.17
C PRO C 377 30.83 22.58 -4.15
N ARG C 378 32.00 22.23 -4.67
CA ARG C 378 32.40 20.83 -4.80
C ARG C 378 32.37 20.13 -3.44
N PRO C 379 31.59 19.05 -3.29
CA PRO C 379 31.53 18.35 -2.00
C PRO C 379 32.83 17.62 -1.71
N LYS C 380 33.24 17.66 -0.45
CA LYS C 380 34.37 16.89 0.06
C LYS C 380 33.85 15.86 1.04
N PRO C 381 34.11 14.57 0.85
CA PRO C 381 33.50 13.56 1.73
C PRO C 381 33.76 13.80 3.21
N GLU C 382 34.91 14.37 3.56
CA GLU C 382 35.26 14.59 4.96
C GLU C 382 34.49 15.74 5.58
N ASP C 383 33.70 16.48 4.81
CA ASP C 383 32.92 17.59 5.36
C ASP C 383 31.56 17.15 5.89
N PHE C 384 31.18 15.90 5.71
CA PHE C 384 29.87 15.40 6.14
C PHE C 384 30.02 14.64 7.45
N THR C 385 29.29 15.08 8.48
CA THR C 385 29.17 14.30 9.70
C THR C 385 28.36 13.03 9.45
N ILE C 386 28.89 11.89 9.90
CA ILE C 386 28.24 10.59 9.74
C ILE C 386 27.83 10.07 11.11
N ILE C 387 26.58 9.62 11.22
CA ILE C 387 26.06 9.01 12.44
C ILE C 387 25.79 7.54 12.17
N ASN C 388 26.16 6.70 13.14
CA ASN C 388 25.91 5.27 13.08
C ASN C 388 24.95 4.83 14.19
N ARG C 389 24.14 3.83 13.89
CA ARG C 389 23.20 3.30 14.86
C ARG C 389 23.92 2.91 16.14
N LYS C 390 23.25 3.16 17.27
CA LYS C 390 23.74 2.72 18.58
C LYS C 390 23.80 1.20 18.66
N THR C 391 24.98 0.68 18.98
CA THR C 391 25.21 -0.76 19.05
C THR C 391 25.44 -1.21 20.49
N TRP C 392 25.10 -2.47 20.75
CA TRP C 392 25.19 -3.04 22.09
C TRP C 392 26.64 -3.12 22.55
N ASP C 393 26.88 -2.73 23.80
CA ASP C 393 28.23 -2.79 24.38
C ASP C 393 28.63 -4.21 24.79
N GLY C 394 27.76 -5.20 24.57
CA GLY C 394 28.07 -6.58 24.88
C GLY C 394 27.97 -6.97 26.33
N GLN C 395 27.60 -6.05 27.22
CA GLN C 395 27.54 -6.36 28.65
C GLN C 395 26.13 -6.78 29.05
N GLY C 396 26.06 -7.80 29.92
CA GLY C 396 24.79 -8.24 30.46
C GLY C 396 24.03 -9.14 29.48
N THR C 397 22.70 -9.03 29.54
CA THR C 397 21.83 -9.76 28.64
C THR C 397 21.26 -8.78 27.63
N TYR C 398 21.29 -9.15 26.36
CA TYR C 398 20.84 -8.24 25.31
C TYR C 398 19.32 -8.27 25.21
N LYS C 399 18.73 -7.08 25.16
CA LYS C 399 17.29 -6.93 24.97
C LYS C 399 17.10 -5.92 23.84
N ARG C 400 16.55 -6.39 22.71
CA ARG C 400 16.45 -5.57 21.51
C ARG C 400 15.76 -4.24 21.77
N TYR C 401 14.70 -4.26 22.58
CA TYR C 401 13.92 -3.05 22.83
C TYR C 401 14.09 -2.55 24.26
N GLU C 402 15.33 -2.64 24.76
CA GLU C 402 15.66 -2.17 26.10
C GLU C 402 15.19 -0.75 26.34
N LEU C 403 14.55 -0.53 27.48
CA LEU C 403 14.06 0.80 27.85
C LEU C 403 15.22 1.58 28.45
N THR C 404 15.66 2.62 27.73
CA THR C 404 16.76 3.45 28.15
C THR C 404 16.25 4.86 28.41
N GLU C 405 17.10 5.69 29.01
CA GLU C 405 16.69 7.05 29.32
C GLU C 405 16.43 7.88 28.06
N ASP C 406 17.19 7.63 26.99
CA ASP C 406 16.99 8.35 25.74
C ASP C 406 16.03 7.63 24.79
N ASN C 407 15.42 6.53 25.21
CA ASN C 407 14.42 5.77 24.47
C ASN C 407 14.97 5.12 23.21
N ILE C 408 16.29 5.08 23.03
CA ILE C 408 16.94 4.47 21.88
C ILE C 408 17.62 3.19 22.37
N SER C 409 17.16 2.06 21.87
CA SER C 409 17.65 0.74 22.26
C SER C 409 18.86 0.36 21.42
N PRO C 410 19.96 -0.05 22.03
CA PRO C 410 21.12 -0.50 21.23
C PRO C 410 20.72 -1.61 20.28
N MET C 411 21.22 -1.52 19.05
CA MET C 411 20.97 -2.53 18.03
C MET C 411 22.13 -3.52 17.97
N ALA C 412 21.85 -4.67 17.37
CA ALA C 412 22.87 -5.70 17.16
C ALA C 412 22.56 -6.43 15.87
N ALA C 413 23.53 -6.43 14.96
CA ALA C 413 23.37 -7.13 13.70
C ALA C 413 23.47 -8.64 13.91
N PRO C 414 22.75 -9.43 13.11
CA PRO C 414 22.94 -10.88 13.16
C PRO C 414 24.41 -11.24 13.01
N GLY C 415 24.84 -12.27 13.75
CA GLY C 415 26.24 -12.62 13.84
C GLY C 415 26.93 -12.07 15.07
N THR C 416 26.32 -11.10 15.75
CA THR C 416 26.86 -10.59 17.00
C THR C 416 26.74 -11.65 18.08
N PRO C 417 27.83 -12.07 18.71
CA PRO C 417 27.72 -13.08 19.77
C PRO C 417 26.84 -12.59 20.91
N ASN C 418 26.02 -13.51 21.43
CA ASN C 418 25.18 -13.29 22.60
C ASN C 418 24.10 -12.23 22.39
N ALA C 419 23.77 -11.89 21.14
CA ALA C 419 22.74 -10.90 20.87
C ALA C 419 21.60 -11.42 20.02
N LYS C 420 21.39 -12.74 19.97
CA LYS C 420 20.21 -13.30 19.34
C LYS C 420 18.97 -12.64 19.89
N HIS C 421 18.06 -12.24 19.01
CA HIS C 421 16.89 -11.46 19.40
C HIS C 421 15.85 -11.54 18.30
N ILE C 422 14.67 -11.00 18.60
CA ILE C 422 13.62 -10.85 17.61
C ILE C 422 13.35 -9.38 17.37
N ALA C 423 13.30 -9.01 16.08
CA ALA C 423 12.72 -7.76 15.64
C ALA C 423 11.31 -8.07 15.12
N THR C 424 10.34 -7.24 15.49
CA THR C 424 8.97 -7.67 15.31
C THR C 424 8.06 -6.48 15.02
N GLY C 425 7.00 -6.73 14.25
CA GLY C 425 5.93 -5.79 14.02
C GLY C 425 4.75 -5.88 14.98
N LEU C 426 4.68 -6.96 15.78
CA LEU C 426 3.70 -7.02 16.86
C LEU C 426 4.11 -6.08 17.98
N GLU C 427 3.13 -5.54 18.70
CA GLU C 427 3.45 -4.85 19.93
C GLU C 427 4.11 -5.85 20.88
N HIS C 428 5.09 -5.36 21.64
CA HIS C 428 6.07 -6.26 22.23
C HIS C 428 6.67 -5.62 23.47
N GLY C 429 7.31 -6.45 24.29
CA GLY C 429 8.08 -5.98 25.43
C GLY C 429 9.54 -5.77 25.09
N GLU C 430 10.35 -5.61 26.15
CA GLU C 430 11.76 -5.27 26.00
C GLU C 430 12.54 -6.32 25.22
N THR C 431 12.12 -7.57 25.28
CA THR C 431 12.79 -8.66 24.57
C THR C 431 12.19 -8.93 23.19
N GLY C 432 11.20 -8.15 22.76
CA GLY C 432 10.58 -8.38 21.47
C GLY C 432 9.51 -9.44 21.46
N ALA C 433 9.20 -10.04 22.60
CA ALA C 433 8.13 -11.01 22.67
C ALA C 433 6.79 -10.30 22.56
N PRO C 434 5.81 -10.89 21.87
CA PRO C 434 4.50 -10.24 21.75
C PRO C 434 3.92 -9.94 23.13
N ASN C 435 3.35 -8.75 23.26
CA ASN C 435 2.85 -8.26 24.54
C ASN C 435 1.65 -7.37 24.23
N TYR C 436 0.45 -7.79 24.64
CA TYR C 436 -0.77 -7.05 24.33
C TYR C 436 -1.37 -6.38 25.57
N SER C 437 -0.60 -6.28 26.65
CA SER C 437 -1.12 -5.70 27.88
C SER C 437 -1.29 -4.19 27.74
N PRO C 438 -2.28 -3.62 28.42
CA PRO C 438 -2.48 -2.15 28.31
C PRO C 438 -1.26 -1.35 28.71
N ALA C 439 -0.66 -1.65 29.86
CA ALA C 439 0.46 -0.84 30.34
C ALA C 439 1.63 -0.87 29.36
N ASN C 440 1.87 -2.01 28.72
CA ASN C 440 3.02 -2.09 27.83
C ASN C 440 2.79 -1.29 26.55
N HIS C 441 1.56 -1.32 26.02
CA HIS C 441 1.26 -0.56 24.82
C HIS C 441 1.43 0.94 25.08
N GLU C 442 0.89 1.42 26.22
CA GLU C 442 1.09 2.81 26.60
C GLU C 442 2.56 3.16 26.76
N LEU C 443 3.31 2.25 27.39
CA LEU C 443 4.73 2.48 27.65
C LEU C 443 5.54 2.49 26.36
N MET C 444 5.26 1.56 25.45
CA MET C 444 6.04 1.47 24.22
C MET C 444 5.67 2.55 23.22
N HIS C 445 4.39 2.96 23.17
CA HIS C 445 4.04 4.15 22.41
C HIS C 445 4.86 5.34 22.85
N ARG C 446 4.93 5.56 24.17
CA ARG C 446 5.71 6.67 24.68
C ARG C 446 7.20 6.52 24.37
N LYS C 447 7.72 5.28 24.41
CA LYS C 447 9.11 5.08 24.04
C LYS C 447 9.38 5.52 22.60
N ARG C 448 8.60 5.00 21.64
CA ARG C 448 8.86 5.27 20.24
C ARG C 448 8.53 6.71 19.87
N PHE C 449 7.45 7.27 20.42
CA PHE C 449 7.11 8.65 20.13
C PHE C 449 8.11 9.63 20.77
N ASN C 450 8.45 9.42 22.05
CA ASN C 450 9.44 10.30 22.67
C ASN C 450 10.77 10.19 21.94
N LYS C 451 11.14 8.99 21.50
CA LYS C 451 12.34 8.80 20.72
C LYS C 451 12.31 9.67 19.46
N GLN C 452 11.30 9.45 18.60
CA GLN C 452 11.26 10.18 17.34
C GLN C 452 11.06 11.67 17.54
N ASN C 453 10.26 12.06 18.54
CA ASN C 453 10.07 13.49 18.78
C ASN C 453 11.35 14.18 19.25
N SER C 454 12.31 13.44 19.81
CA SER C 454 13.54 14.07 20.25
C SER C 454 14.45 14.49 19.09
N VAL C 455 14.06 14.22 17.84
CA VAL C 455 14.74 14.84 16.71
C VAL C 455 14.71 16.35 16.84
N LEU C 456 13.63 16.89 17.42
CA LEU C 456 13.46 18.33 17.58
C LEU C 456 14.57 18.94 18.44
N ASP C 457 15.16 18.17 19.35
CA ASP C 457 16.23 18.66 20.20
C ASP C 457 17.60 18.60 19.54
N PHE C 458 17.71 17.92 18.40
CA PHE C 458 18.98 17.57 17.80
C PHE C 458 19.15 18.12 16.39
N TYR C 459 18.10 18.06 15.58
CA TYR C 459 18.15 18.49 14.18
C TYR C 459 17.29 19.74 14.04
N LYS C 460 17.95 20.87 13.79
CA LYS C 460 17.26 22.13 13.56
C LYS C 460 17.58 22.59 12.14
N ASN C 461 16.54 22.80 11.33
CA ASN C 461 16.73 23.19 9.96
C ASN C 461 15.51 24.00 9.56
N MET C 462 15.43 25.23 10.08
CA MET C 462 14.31 26.11 9.81
C MET C 462 14.82 27.55 9.85
N GLU C 463 15.53 27.92 8.78
CA GLU C 463 16.19 29.22 8.68
C GLU C 463 15.16 30.35 8.65
N VAL C 464 15.49 31.46 9.30
CA VAL C 464 14.68 32.67 9.28
C VAL C 464 15.51 33.81 8.71
N GLU C 465 14.93 34.60 7.81
CA GLU C 465 15.60 35.75 7.25
C GLU C 465 14.61 36.90 7.09
N GLY C 466 15.14 38.10 6.90
CA GLY C 466 14.33 39.29 6.78
C GLY C 466 14.54 40.25 7.94
N VAL C 467 13.52 41.07 8.18
CA VAL C 467 13.63 42.11 9.20
C VAL C 467 13.73 41.48 10.59
N GLU C 468 14.44 42.16 11.48
CA GLU C 468 14.68 41.61 12.82
C GLU C 468 13.54 41.90 13.77
N GLY C 469 12.89 43.06 13.63
CA GLY C 469 11.79 43.43 14.51
C GLY C 469 10.47 42.85 14.06
N GLU C 470 9.39 43.54 14.41
CA GLU C 470 8.06 43.09 14.00
C GLU C 470 7.88 43.28 12.50
N ALA C 471 7.25 42.30 11.86
CA ALA C 471 7.01 42.33 10.43
C ALA C 471 5.52 42.45 10.14
N ASP C 472 5.20 43.13 9.04
CA ASP C 472 3.82 43.19 8.58
C ASP C 472 3.39 41.86 7.99
N VAL C 473 4.30 41.15 7.32
CA VAL C 473 4.00 39.88 6.68
C VAL C 473 5.16 38.92 6.92
N GLY C 474 4.84 37.73 7.38
CA GLY C 474 5.79 36.62 7.42
C GLY C 474 5.42 35.61 6.35
N ILE C 475 6.44 35.00 5.75
CA ILE C 475 6.25 33.97 4.73
C ILE C 475 6.84 32.67 5.26
N ILE C 476 6.04 31.61 5.25
CA ILE C 476 6.51 30.27 5.58
C ILE C 476 6.26 29.38 4.38
N THR C 477 7.29 28.64 3.95
CA THR C 477 7.12 27.72 2.84
C THR C 477 8.12 26.58 2.98
N TRP C 478 8.00 25.60 2.09
CA TRP C 478 8.80 24.39 2.18
C TRP C 478 9.08 23.85 0.79
N GLY C 479 9.99 22.88 0.72
CA GLY C 479 10.34 22.33 -0.58
C GLY C 479 11.13 23.34 -1.39
N SER C 480 11.11 23.14 -2.72
CA SER C 480 11.81 24.06 -3.63
C SER C 480 11.15 25.43 -3.70
N THR C 481 9.91 25.55 -3.21
CA THR C 481 9.28 26.85 -3.09
C THR C 481 10.10 27.80 -2.21
N ILE C 482 10.93 27.24 -1.30
CA ILE C 482 11.83 28.07 -0.50
C ILE C 482 12.71 28.92 -1.40
N GLY C 483 13.26 28.32 -2.46
CA GLY C 483 14.12 29.06 -3.36
C GLY C 483 13.41 30.21 -4.05
N VAL C 484 12.14 30.00 -4.42
CA VAL C 484 11.35 31.07 -5.02
C VAL C 484 11.15 32.21 -4.03
N VAL C 485 10.81 31.88 -2.79
CA VAL C 485 10.59 32.89 -1.76
C VAL C 485 11.88 33.61 -1.41
N ARG C 486 13.03 32.91 -1.45
CA ARG C 486 14.31 33.57 -1.22
C ARG C 486 14.52 34.74 -2.16
N GLU C 487 14.26 34.55 -3.46
CA GLU C 487 14.43 35.64 -4.40
C GLU C 487 13.39 36.72 -4.16
N ALA C 488 12.15 36.33 -3.85
CA ALA C 488 11.14 37.32 -3.52
C ALA C 488 11.55 38.17 -2.33
N MET C 489 12.18 37.55 -1.33
CA MET C 489 12.63 38.29 -0.15
C MET C 489 13.70 39.31 -0.52
N GLN C 490 14.58 38.96 -1.45
CA GLN C 490 15.57 39.95 -1.93
C GLN C 490 14.87 41.20 -2.45
N ARG C 491 13.84 41.01 -3.28
CA ARG C 491 13.13 42.15 -3.86
C ARG C 491 12.36 42.93 -2.80
N LEU C 492 11.66 42.22 -1.90
CA LEU C 492 10.85 42.89 -0.90
C LEU C 492 11.70 43.65 0.11
N THR C 493 12.82 43.06 0.55
CA THR C 493 13.68 43.73 1.53
C THR C 493 14.48 44.86 0.89
N ALA C 494 14.70 44.81 -0.43
CA ALA C 494 15.32 45.94 -1.11
C ALA C 494 14.40 47.15 -1.15
N GLU C 495 13.08 46.93 -1.17
CA GLU C 495 12.13 48.03 -1.10
C GLU C 495 11.89 48.52 0.31
N GLY C 496 12.62 48.00 1.29
CA GLY C 496 12.42 48.43 2.67
C GLY C 496 11.13 47.93 3.30
N LEU C 497 10.51 46.91 2.75
CA LEU C 497 9.27 46.39 3.31
C LEU C 497 9.54 45.51 4.53
N LYS C 498 8.61 45.56 5.49
CA LYS C 498 8.77 44.87 6.77
C LYS C 498 8.27 43.43 6.61
N VAL C 499 9.14 42.59 6.06
CA VAL C 499 8.80 41.20 5.76
C VAL C 499 9.90 40.30 6.32
N LYS C 500 9.50 39.10 6.70
CA LYS C 500 10.43 38.07 7.10
C LYS C 500 9.92 36.73 6.59
N ALA C 501 10.82 35.75 6.55
CA ALA C 501 10.52 34.46 5.95
C ALA C 501 11.13 33.34 6.78
N MET C 502 10.48 32.19 6.76
CA MET C 502 10.94 31.02 7.50
C MET C 502 10.81 29.79 6.62
N TYR C 503 11.83 28.91 6.68
CA TYR C 503 12.02 27.86 5.70
C TYR C 503 12.14 26.50 6.40
N PRO C 504 11.03 25.94 6.90
CA PRO C 504 11.11 24.62 7.53
C PRO C 504 11.60 23.55 6.54
N LYS C 505 12.64 22.83 6.96
CA LYS C 505 13.09 21.66 6.21
C LYS C 505 12.97 20.39 7.03
N LEU C 506 12.76 20.50 8.33
CA LEU C 506 12.20 19.42 9.14
C LEU C 506 10.69 19.62 9.17
N LEU C 507 9.95 18.71 8.54
CA LEU C 507 8.50 18.86 8.42
C LEU C 507 7.75 18.12 9.52
N TRP C 508 8.27 16.97 9.97
CA TRP C 508 7.66 16.22 11.04
C TRP C 508 8.75 15.45 11.78
N PRO C 509 8.76 15.48 13.13
CA PRO C 509 7.86 16.24 14.00
C PRO C 509 8.08 17.74 13.85
N MET C 510 7.10 18.60 14.24
CA MET C 510 7.43 19.97 13.91
C MET C 510 7.83 20.75 15.16
N PRO C 511 8.78 21.68 15.02
CA PRO C 511 9.26 22.50 16.17
C PRO C 511 8.28 23.64 16.48
N VAL C 512 7.26 23.29 17.27
CA VAL C 512 6.12 24.19 17.49
C VAL C 512 6.58 25.51 18.08
N ALA C 513 7.44 25.45 19.10
CA ALA C 513 7.89 26.67 19.78
C ALA C 513 8.59 27.62 18.81
N ASP C 514 9.42 27.07 17.92
CA ASP C 514 10.06 27.92 16.91
C ASP C 514 9.04 28.51 15.93
N TYR C 515 7.99 27.75 15.59
CA TYR C 515 6.91 28.32 14.79
C TYR C 515 6.21 29.46 15.52
N ASP C 516 5.87 29.24 16.80
CA ASP C 516 5.14 30.25 17.57
C ASP C 516 5.95 31.52 17.78
N ALA C 517 7.27 31.38 18.02
CA ALA C 517 8.11 32.57 18.21
C ALA C 517 8.17 33.40 16.94
N PHE C 518 8.26 32.74 15.79
CA PHE C 518 8.24 33.46 14.52
C PHE C 518 6.91 34.19 14.34
N GLY C 519 5.80 33.46 14.53
CA GLY C 519 4.49 34.04 14.30
C GLY C 519 4.18 35.23 15.21
N ALA C 520 4.70 35.20 16.44
CA ALA C 520 4.45 36.30 17.37
C ALA C 520 5.01 37.63 16.86
N THR C 521 5.97 37.59 15.94
CA THR C 521 6.61 38.79 15.44
C THR C 521 6.07 39.23 14.08
N CYS C 522 5.01 38.59 13.59
CA CYS C 522 4.39 38.94 12.32
C CYS C 522 2.93 39.29 12.52
N LYS C 523 2.49 40.38 11.87
CA LYS C 523 1.07 40.71 11.85
C LYS C 523 0.27 39.68 11.06
N LYS C 524 0.84 39.19 9.96
CA LYS C 524 0.22 38.18 9.11
C LYS C 524 1.26 37.14 8.75
N VAL C 525 0.80 35.92 8.46
CA VAL C 525 1.66 34.85 7.97
C VAL C 525 1.01 34.26 6.73
N ILE C 526 1.73 34.27 5.61
CA ILE C 526 1.29 33.69 4.36
C ILE C 526 2.09 32.40 4.12
N VAL C 527 1.41 31.36 3.64
CA VAL C 527 2.04 30.07 3.40
C VAL C 527 1.80 29.70 1.93
N PRO C 528 2.76 29.98 1.05
CA PRO C 528 2.65 29.50 -0.33
C PRO C 528 3.16 28.08 -0.46
N GLU C 529 2.38 27.23 -1.14
CA GLU C 529 2.80 25.87 -1.42
C GLU C 529 2.02 25.37 -2.62
N VAL C 530 2.63 24.44 -3.35
CA VAL C 530 1.99 23.87 -4.53
C VAL C 530 1.28 22.59 -4.17
N ASN C 531 0.09 22.74 -3.59
CA ASN C 531 -0.85 21.63 -3.45
C ASN C 531 -2.23 22.25 -3.27
N PHE C 532 -3.26 21.43 -3.46
CA PHE C 532 -4.61 21.97 -3.48
C PHE C 532 -5.13 22.28 -2.07
N GLN C 533 -4.79 21.46 -1.08
CA GLN C 533 -5.40 21.62 0.23
C GLN C 533 -4.63 22.55 1.16
N GLY C 534 -3.43 22.98 0.76
CA GLY C 534 -2.59 23.73 1.68
C GLY C 534 -2.10 22.83 2.80
N GLN C 535 -1.27 21.85 2.46
CA GLN C 535 -1.00 20.76 3.40
C GLN C 535 -0.15 21.22 4.58
N LEU C 536 0.88 22.04 4.32
CA LEU C 536 1.66 22.58 5.44
C LEU C 536 0.80 23.50 6.30
N SER C 537 -0.03 24.33 5.68
CA SER C 537 -0.94 25.18 6.44
C SER C 537 -1.83 24.36 7.37
N HIS C 538 -2.28 23.19 6.91
CA HIS C 538 -3.07 22.31 7.74
C HIS C 538 -2.34 21.96 9.03
N PHE C 539 -1.06 21.58 8.94
CA PHE C 539 -0.32 21.21 10.13
C PHE C 539 0.02 22.41 10.99
N ILE C 540 0.24 23.58 10.37
CA ILE C 540 0.44 24.80 11.13
C ILE C 540 -0.80 25.11 11.96
N ARG C 541 -1.98 24.96 11.36
CA ARG C 541 -3.22 25.16 12.12
C ARG C 541 -3.38 24.10 13.22
N ALA C 542 -3.03 22.86 12.93
CA ALA C 542 -3.25 21.79 13.88
C ALA C 542 -2.29 21.85 15.06
N GLU C 543 -1.05 22.29 14.85
CA GLU C 543 0.00 22.13 15.85
C GLU C 543 0.53 23.43 16.44
N THR C 544 0.29 24.58 15.83
CA THR C 544 0.84 25.85 16.30
C THR C 544 -0.27 26.85 16.57
N SER C 545 0.11 28.01 17.07
CA SER C 545 -0.81 29.11 17.29
C SER C 545 -0.91 30.05 16.10
N ILE C 546 -0.21 29.77 15.01
CA ILE C 546 -0.28 30.62 13.83
C ILE C 546 -1.58 30.34 13.10
N LYS C 547 -2.26 31.40 12.68
CA LYS C 547 -3.42 31.31 11.80
C LYS C 547 -2.97 31.77 10.43
N PRO C 548 -2.54 30.86 9.56
CA PRO C 548 -1.91 31.26 8.31
C PRO C 548 -2.93 31.63 7.24
N ILE C 549 -2.47 32.43 6.28
CA ILE C 549 -3.18 32.68 5.04
C ILE C 549 -2.59 31.75 3.98
N PRO C 550 -3.30 30.71 3.57
CA PRO C 550 -2.75 29.82 2.54
C PRO C 550 -2.76 30.51 1.19
N TYR C 551 -1.65 30.37 0.48
CA TYR C 551 -1.52 30.78 -0.91
C TYR C 551 -1.22 29.49 -1.66
N THR C 552 -2.26 28.81 -2.10
CA THR C 552 -2.13 27.52 -2.75
C THR C 552 -2.32 27.67 -4.25
N ILE C 553 -1.47 27.01 -5.01
CA ILE C 553 -1.67 26.81 -6.44
C ILE C 553 -1.52 25.32 -6.68
N CYS C 554 -2.16 24.83 -7.74
CA CYS C 554 -2.07 23.41 -8.03
C CYS C 554 -2.32 23.18 -9.51
N GLY C 555 -1.40 23.66 -10.35
CA GLY C 555 -1.54 23.56 -11.78
C GLY C 555 -0.34 22.91 -12.44
N GLY C 556 0.45 22.16 -11.65
CA GLY C 556 1.60 21.49 -12.21
C GLY C 556 2.80 22.37 -12.47
N LEU C 557 2.79 23.62 -11.98
CA LEU C 557 3.88 24.57 -12.15
C LEU C 557 4.35 25.08 -10.79
N PRO C 558 5.63 25.41 -10.65
CA PRO C 558 6.09 26.07 -9.42
C PRO C 558 5.65 27.52 -9.37
N PHE C 559 5.77 28.10 -8.17
CA PHE C 559 5.67 29.55 -8.04
C PHE C 559 6.84 30.23 -8.77
N THR C 560 6.63 31.50 -9.14
CA THR C 560 7.71 32.39 -9.54
C THR C 560 7.87 33.51 -8.51
N PRO C 561 9.04 34.15 -8.44
CA PRO C 561 9.24 35.19 -7.41
C PRO C 561 8.22 36.31 -7.48
N GLU C 562 7.86 36.76 -8.69
CA GLU C 562 6.90 37.86 -8.80
C GLU C 562 5.53 37.47 -8.25
N MET C 563 5.14 36.19 -8.37
CA MET C 563 3.90 35.74 -7.74
C MET C 563 3.96 35.92 -6.23
N ILE C 564 5.10 35.59 -5.62
CA ILE C 564 5.23 35.79 -4.18
C ILE C 564 5.26 37.27 -3.83
N VAL C 565 5.98 38.07 -4.61
CA VAL C 565 6.06 39.51 -4.34
C VAL C 565 4.68 40.15 -4.40
N ASN C 566 3.91 39.84 -5.44
CA ASN C 566 2.59 40.46 -5.60
C ASN C 566 1.65 40.07 -4.48
N ARG C 567 1.63 38.78 -4.11
CA ARG C 567 0.75 38.34 -3.03
C ARG C 567 1.09 39.02 -1.72
N VAL C 568 2.39 39.21 -1.45
CA VAL C 568 2.81 39.84 -0.20
C VAL C 568 2.37 41.30 -0.16
N LYS C 569 2.54 42.01 -1.27
CA LYS C 569 2.14 43.41 -1.32
C LYS C 569 0.63 43.58 -1.18
N GLU C 570 -0.16 42.64 -1.69
CA GLU C 570 -1.60 42.67 -1.49
C GLU C 570 -1.98 42.60 -0.02
N GLU C 571 -1.12 42.03 0.82
CA GLU C 571 -1.45 41.82 2.23
C GLU C 571 -0.91 42.90 3.15
N ILE C 572 -0.04 43.78 2.66
CA ILE C 572 0.47 44.88 3.47
C ILE C 572 -0.42 46.10 3.37
N GLN C 573 -0.74 46.53 2.15
CA GLN C 573 -1.56 47.72 1.94
C GLN C 573 -3.00 47.32 1.62
N THR D 2 -20.96 -15.74 -20.37
CA THR D 2 -20.98 -15.99 -21.81
C THR D 2 -21.01 -14.66 -22.55
N VAL D 3 -19.94 -14.38 -23.29
CA VAL D 3 -19.77 -13.09 -23.94
C VAL D 3 -20.83 -12.91 -25.04
N GLU D 4 -21.49 -11.75 -25.02
CA GLU D 4 -22.53 -11.40 -25.97
C GLU D 4 -22.09 -10.35 -26.98
N ALA D 5 -20.80 -10.05 -27.05
CA ALA D 5 -20.31 -9.00 -27.94
C ALA D 5 -20.01 -9.49 -29.35
N PHE D 6 -19.90 -10.80 -29.55
CA PHE D 6 -19.43 -11.33 -30.83
C PHE D 6 -20.55 -11.43 -31.85
N HIS D 7 -20.21 -11.15 -33.11
CA HIS D 7 -21.11 -11.34 -34.25
C HIS D 7 -22.43 -10.59 -34.04
N LYS D 8 -22.33 -9.35 -33.56
CA LYS D 8 -23.49 -8.50 -33.38
C LYS D 8 -23.57 -7.36 -34.39
N MET D 9 -22.49 -7.07 -35.09
CA MET D 9 -22.42 -5.96 -36.04
C MET D 9 -22.06 -6.48 -37.41
N GLU D 10 -22.60 -5.82 -38.44
CA GLU D 10 -22.36 -6.17 -39.83
C GLU D 10 -21.34 -5.22 -40.44
N ASN D 11 -20.50 -5.74 -41.34
CA ASN D 11 -19.58 -4.95 -42.14
C ASN D 11 -18.66 -4.09 -41.28
N MET D 12 -18.07 -4.69 -40.26
CA MET D 12 -17.14 -3.97 -39.42
C MET D 12 -15.75 -4.09 -40.01
N LYS D 13 -15.00 -2.98 -39.97
CA LYS D 13 -13.65 -2.90 -40.47
C LYS D 13 -12.73 -2.51 -39.33
N PRO D 14 -11.44 -2.83 -39.41
CA PRO D 14 -10.55 -2.47 -38.30
C PRO D 14 -10.62 -1.00 -37.91
N LYS D 15 -10.77 -0.09 -38.87
CA LYS D 15 -10.80 1.33 -38.54
C LYS D 15 -12.01 1.72 -37.71
N ASP D 16 -13.08 0.92 -37.74
CA ASP D 16 -14.26 1.20 -36.93
C ASP D 16 -14.00 1.06 -35.44
N TYR D 17 -12.91 0.40 -35.05
CA TYR D 17 -12.58 0.23 -33.64
C TYR D 17 -11.45 1.15 -33.21
N LYS D 18 -10.99 2.04 -34.09
CA LYS D 18 -10.01 3.05 -33.71
C LYS D 18 -10.69 4.24 -33.06
N SER D 19 -10.10 4.72 -31.97
CA SER D 19 -10.54 5.97 -31.38
C SER D 19 -9.90 7.14 -32.13
N GLU D 20 -10.23 8.37 -31.72
CA GLU D 20 -9.65 9.55 -32.34
C GLU D 20 -8.27 9.89 -31.80
N VAL D 21 -7.82 9.21 -30.74
CA VAL D 21 -6.56 9.54 -30.08
C VAL D 21 -5.43 9.12 -31.01
N PRO D 22 -4.54 10.03 -31.41
CA PRO D 22 -3.40 9.61 -32.23
C PRO D 22 -2.47 8.69 -31.46
N THR D 23 -2.02 7.63 -32.14
CA THR D 23 -1.14 6.65 -31.52
C THR D 23 0.27 7.23 -31.52
N THR D 24 0.79 7.55 -30.34
CA THR D 24 2.03 8.29 -30.23
C THR D 24 3.22 7.41 -29.83
N TRP D 25 3.14 6.10 -30.08
CA TRP D 25 4.30 5.25 -29.87
C TRP D 25 5.41 5.62 -30.84
N CYS D 26 6.65 5.28 -30.47
CA CYS D 26 7.80 5.58 -31.30
C CYS D 26 7.66 4.94 -32.69
N PRO D 27 8.24 5.55 -33.72
CA PRO D 27 8.29 4.88 -35.02
C PRO D 27 9.09 3.60 -34.92
N GLY D 28 8.56 2.54 -35.52
CA GLY D 28 9.17 1.24 -35.43
C GLY D 28 8.85 0.46 -34.17
N CYS D 29 8.04 1.01 -33.27
CA CYS D 29 7.67 0.27 -32.06
C CYS D 29 6.81 -0.94 -32.43
N GLY D 30 7.14 -2.09 -31.86
CA GLY D 30 6.37 -3.29 -32.14
C GLY D 30 4.93 -3.21 -31.69
N HIS D 31 4.62 -2.32 -30.75
CA HIS D 31 3.25 -2.24 -30.24
C HIS D 31 2.25 -1.93 -31.34
N PHE D 32 2.69 -1.27 -32.42
CA PHE D 32 1.80 -1.00 -33.54
C PHE D 32 1.25 -2.27 -34.15
N GLY D 33 2.10 -3.28 -34.35
CA GLY D 33 1.65 -4.52 -34.94
C GLY D 33 0.62 -5.23 -34.06
N ILE D 34 0.79 -5.15 -32.74
CA ILE D 34 -0.17 -5.76 -31.84
C ILE D 34 -1.50 -5.01 -31.87
N LEU D 35 -1.44 -3.68 -31.85
CA LEU D 35 -2.66 -2.89 -31.94
C LEU D 35 -3.43 -3.19 -33.22
N ASN D 36 -2.72 -3.31 -34.35
CA ASN D 36 -3.38 -3.65 -35.61
C ASN D 36 -4.02 -5.03 -35.52
N GLY D 37 -3.36 -5.97 -34.87
CA GLY D 37 -3.96 -7.28 -34.66
C GLY D 37 -5.23 -7.20 -33.84
N VAL D 38 -5.26 -6.33 -32.82
CA VAL D 38 -6.47 -6.19 -32.02
C VAL D 38 -7.63 -5.67 -32.87
N TYR D 39 -7.39 -4.62 -33.66
CA TYR D 39 -8.42 -4.08 -34.54
C TYR D 39 -8.95 -5.16 -35.48
N ARG D 40 -8.04 -5.92 -36.09
CA ARG D 40 -8.44 -6.94 -37.07
C ARG D 40 -9.24 -8.05 -36.41
N ALA D 41 -8.82 -8.50 -35.22
CA ALA D 41 -9.59 -9.51 -34.49
C ALA D 41 -11.00 -9.01 -34.20
N MET D 42 -11.12 -7.78 -33.72
CA MET D 42 -12.42 -7.22 -33.38
C MET D 42 -13.33 -7.13 -34.60
N ALA D 43 -12.78 -6.74 -35.75
CA ALA D 43 -13.58 -6.64 -36.97
C ALA D 43 -13.98 -8.01 -37.49
N GLU D 44 -13.06 -8.98 -37.46
CA GLU D 44 -13.39 -10.32 -37.93
C GLU D 44 -14.45 -10.99 -37.04
N LEU D 45 -14.52 -10.60 -35.78
CA LEU D 45 -15.53 -11.11 -34.87
C LEU D 45 -16.84 -10.33 -34.92
N GLY D 46 -16.93 -9.30 -35.75
CA GLY D 46 -18.12 -8.48 -35.78
C GLY D 46 -18.49 -7.91 -34.43
N ILE D 47 -17.51 -7.47 -33.66
CA ILE D 47 -17.73 -7.15 -32.26
C ILE D 47 -18.54 -5.85 -32.13
N ASP D 48 -19.52 -5.86 -31.24
CA ASP D 48 -20.18 -4.65 -30.77
C ASP D 48 -19.34 -4.12 -29.61
N SER D 49 -18.59 -3.05 -29.86
CA SER D 49 -17.66 -2.58 -28.85
C SER D 49 -18.33 -1.86 -27.69
N THR D 50 -19.65 -1.65 -27.71
CA THR D 50 -20.32 -1.24 -26.48
C THR D 50 -20.28 -2.34 -25.44
N LYS D 51 -20.06 -3.59 -25.85
CA LYS D 51 -19.98 -4.74 -24.96
C LYS D 51 -18.55 -5.26 -24.82
N PHE D 52 -17.57 -4.37 -25.04
CA PHE D 52 -16.15 -4.70 -25.06
C PHE D 52 -15.44 -3.79 -24.07
N ALA D 53 -14.62 -4.38 -23.20
CA ALA D 53 -13.93 -3.63 -22.15
C ALA D 53 -12.44 -3.87 -22.24
N ALA D 54 -11.68 -2.83 -22.57
CA ALA D 54 -10.22 -2.90 -22.62
C ALA D 54 -9.64 -2.28 -21.34
N ILE D 55 -8.85 -3.04 -20.62
CA ILE D 55 -8.33 -2.61 -19.32
C ILE D 55 -6.82 -2.79 -19.30
N SER D 56 -6.12 -1.77 -18.81
CA SER D 56 -4.66 -1.78 -18.80
C SER D 56 -4.13 -1.14 -17.53
N GLY D 57 -2.84 -1.37 -17.28
CA GLY D 57 -2.11 -0.78 -16.18
C GLY D 57 -1.28 0.41 -16.64
N ILE D 58 0.03 0.39 -16.44
CA ILE D 58 0.89 1.51 -16.84
C ILE D 58 2.08 0.99 -17.64
N GLY D 59 2.43 1.73 -18.68
CA GLY D 59 3.48 1.34 -19.60
C GLY D 59 3.14 1.83 -21.00
N CYS D 60 4.15 1.80 -21.88
CA CYS D 60 3.88 2.11 -23.28
C CYS D 60 2.80 1.19 -23.83
N SER D 61 2.95 -0.11 -23.59
CA SER D 61 1.94 -1.09 -23.96
C SER D 61 0.57 -0.74 -23.40
N SER D 62 0.52 -0.28 -22.15
CA SER D 62 -0.72 -0.01 -21.44
C SER D 62 -1.48 1.18 -22.00
N ARG D 63 -0.87 1.97 -22.89
CA ARG D 63 -1.63 3.05 -23.54
C ARG D 63 -2.65 2.52 -24.54
N MET D 64 -2.59 1.23 -24.90
CA MET D 64 -3.44 0.71 -25.95
C MET D 64 -4.94 1.00 -25.79
N PRO D 65 -5.56 0.88 -24.61
CA PRO D 65 -7.01 1.12 -24.53
C PRO D 65 -7.43 2.52 -24.97
N TYR D 66 -6.57 3.53 -24.80
CA TYR D 66 -6.90 4.87 -25.29
C TYR D 66 -7.19 4.85 -26.79
N PHE D 67 -6.52 3.96 -27.53
CA PHE D 67 -6.63 3.91 -28.98
C PHE D 67 -7.78 3.04 -29.48
N VAL D 68 -8.60 2.49 -28.58
CA VAL D 68 -9.65 1.56 -28.95
C VAL D 68 -11.00 2.21 -28.64
N ASP D 69 -11.90 2.17 -29.60
CA ASP D 69 -13.26 2.70 -29.41
C ASP D 69 -14.09 1.61 -28.76
N SER D 70 -14.24 1.69 -27.45
CA SER D 70 -14.96 0.71 -26.65
C SER D 70 -15.06 1.27 -25.23
N TYR D 71 -15.62 0.47 -24.34
CA TYR D 71 -15.45 0.77 -22.91
C TYR D 71 -14.04 0.39 -22.49
N LYS D 72 -13.50 1.13 -21.53
CA LYS D 72 -12.10 0.97 -21.18
C LYS D 72 -11.80 1.58 -19.81
N MET D 73 -10.73 1.07 -19.19
CA MET D 73 -10.17 1.66 -17.98
C MET D 73 -8.65 1.70 -18.08
N HIS D 74 -8.07 2.84 -17.72
CA HIS D 74 -6.63 2.98 -17.52
C HIS D 74 -6.43 3.01 -16.01
N THR D 75 -5.93 1.92 -15.44
CA THR D 75 -5.87 1.77 -13.99
C THR D 75 -4.42 1.93 -13.53
N LEU D 76 -4.03 1.19 -12.50
CA LEU D 76 -2.74 1.35 -11.85
C LEU D 76 -1.76 0.28 -12.33
N HIS D 77 -0.47 0.60 -12.22
CA HIS D 77 0.61 -0.26 -12.68
C HIS D 77 0.52 -1.63 -12.01
N GLY D 78 0.34 -2.68 -12.82
CA GLY D 78 0.30 -4.04 -12.32
C GLY D 78 -1.07 -4.54 -11.87
N ARG D 79 -2.10 -3.71 -11.88
CA ARG D 79 -3.39 -4.07 -11.29
C ARG D 79 -4.48 -4.32 -12.32
N ALA D 80 -4.17 -4.21 -13.61
CA ALA D 80 -5.18 -4.32 -14.66
C ALA D 80 -5.90 -5.66 -14.63
N GLY D 81 -5.16 -6.75 -14.46
CA GLY D 81 -5.79 -8.06 -14.47
C GLY D 81 -6.68 -8.27 -13.26
N ALA D 82 -6.28 -7.75 -12.11
CA ALA D 82 -7.14 -7.82 -10.94
C ALA D 82 -8.37 -6.94 -11.11
N VAL D 83 -8.22 -5.74 -11.66
CA VAL D 83 -9.39 -4.91 -11.93
C VAL D 83 -10.31 -5.62 -12.91
N ALA D 84 -9.74 -6.19 -13.96
CA ALA D 84 -10.55 -6.83 -15.00
C ALA D 84 -11.32 -8.03 -14.46
N THR D 85 -10.76 -8.76 -13.49
CA THR D 85 -11.48 -9.84 -12.85
C THR D 85 -12.79 -9.33 -12.24
N GLY D 86 -12.73 -8.20 -11.54
CA GLY D 86 -13.93 -7.63 -10.97
C GLY D 86 -14.93 -7.20 -12.03
N THR D 87 -14.44 -6.61 -13.12
CA THR D 87 -15.31 -6.24 -14.23
C THR D 87 -15.95 -7.48 -14.84
N GLN D 88 -15.15 -8.52 -15.07
CA GLN D 88 -15.64 -9.71 -15.75
C GLN D 88 -16.67 -10.45 -14.90
N VAL D 89 -16.37 -10.66 -13.61
CA VAL D 89 -17.30 -11.36 -12.73
C VAL D 89 -18.58 -10.56 -12.57
N ALA D 90 -18.46 -9.23 -12.49
CA ALA D 90 -19.65 -8.39 -12.37
C ALA D 90 -20.52 -8.48 -13.63
N ARG D 91 -19.91 -8.59 -14.80
CA ARG D 91 -20.63 -8.54 -16.07
C ARG D 91 -20.07 -9.60 -17.01
N PRO D 92 -20.46 -10.87 -16.81
CA PRO D 92 -19.92 -11.96 -17.66
C PRO D 92 -20.34 -11.87 -19.12
N ASP D 93 -21.26 -10.98 -19.48
CA ASP D 93 -21.63 -10.78 -20.86
C ASP D 93 -20.59 -10.00 -21.66
N LEU D 94 -19.69 -9.28 -20.99
CA LEU D 94 -18.74 -8.43 -21.68
C LEU D 94 -17.57 -9.22 -22.25
N CYS D 95 -16.99 -8.70 -23.32
CA CYS D 95 -15.70 -9.18 -23.79
C CYS D 95 -14.63 -8.34 -23.10
N VAL D 96 -13.88 -8.96 -22.19
CA VAL D 96 -12.91 -8.27 -21.33
C VAL D 96 -11.52 -8.62 -21.83
N VAL D 97 -10.73 -7.59 -22.14
CA VAL D 97 -9.38 -7.77 -22.67
C VAL D 97 -8.42 -6.90 -21.85
N VAL D 98 -7.34 -7.50 -21.38
CA VAL D 98 -6.26 -6.78 -20.71
C VAL D 98 -5.08 -6.71 -21.65
N ALA D 99 -4.49 -5.53 -21.77
CA ALA D 99 -3.25 -5.34 -22.52
C ALA D 99 -2.21 -4.69 -21.63
N GLY D 100 -0.96 -5.13 -21.77
CA GLY D 100 0.09 -4.58 -20.95
C GLY D 100 1.42 -5.18 -21.34
N GLY D 101 2.48 -4.64 -20.73
CA GLY D 101 3.84 -5.02 -21.05
C GLY D 101 4.41 -6.08 -20.11
N ASP D 102 5.69 -6.37 -20.32
CA ASP D 102 6.34 -7.42 -19.55
C ASP D 102 6.58 -7.00 -18.11
N GLY D 103 6.88 -5.74 -17.86
CA GLY D 103 7.05 -5.28 -16.50
C GLY D 103 5.72 -5.13 -15.77
N ASP D 104 4.76 -4.49 -16.43
CA ASP D 104 3.42 -4.35 -15.86
C ASP D 104 2.84 -5.71 -15.49
N GLY D 105 3.09 -6.73 -16.32
CA GLY D 105 2.48 -8.03 -16.11
C GLY D 105 3.18 -8.93 -15.12
N PHE D 106 4.51 -9.00 -15.18
CA PHE D 106 5.24 -10.00 -14.44
C PHE D 106 6.19 -9.44 -13.40
N SER D 107 6.36 -8.12 -13.33
CA SER D 107 7.07 -7.53 -12.21
C SER D 107 6.06 -7.14 -11.14
N ILE D 108 5.56 -5.91 -11.18
CA ILE D 108 4.60 -5.47 -10.18
C ILE D 108 3.28 -6.25 -10.30
N GLY D 109 2.91 -6.66 -11.50
CA GLY D 109 1.69 -7.44 -11.62
C GLY D 109 1.85 -8.94 -11.43
N GLY D 110 3.06 -9.39 -11.09
CA GLY D 110 3.33 -10.82 -11.07
C GLY D 110 2.54 -11.59 -10.04
N GLY D 111 2.11 -10.93 -8.96
CA GLY D 111 1.32 -11.59 -7.94
C GLY D 111 -0.14 -11.82 -8.29
N HIS D 112 -0.68 -11.05 -9.24
CA HIS D 112 -2.06 -11.28 -9.66
C HIS D 112 -2.18 -12.30 -10.78
N MET D 113 -1.11 -12.48 -11.56
CA MET D 113 -1.14 -13.42 -12.69
C MET D 113 -1.56 -14.83 -12.32
N PRO D 114 -0.98 -15.48 -11.29
CA PRO D 114 -1.37 -16.88 -11.01
C PRO D 114 -2.85 -17.07 -10.77
N HIS D 115 -3.49 -16.14 -10.07
CA HIS D 115 -4.86 -16.35 -9.63
C HIS D 115 -5.87 -16.11 -10.73
N MET D 116 -5.60 -15.17 -11.64
CA MET D 116 -6.44 -15.03 -12.83
C MET D 116 -6.47 -16.32 -13.62
N ALA D 117 -5.29 -16.88 -13.89
CA ALA D 117 -5.19 -18.08 -14.71
C ALA D 117 -5.75 -19.30 -13.98
N ARG D 118 -5.36 -19.48 -12.71
CA ARG D 118 -5.84 -20.62 -11.92
C ARG D 118 -7.35 -20.64 -11.85
N LYS D 119 -7.98 -19.48 -11.63
CA LYS D 119 -9.43 -19.40 -11.55
C LYS D 119 -10.11 -19.42 -12.91
N ASN D 120 -9.34 -19.42 -14.01
CA ASN D 120 -9.90 -19.50 -15.36
C ASN D 120 -10.92 -18.39 -15.61
N VAL D 121 -10.56 -17.16 -15.23
CA VAL D 121 -11.44 -16.03 -15.50
C VAL D 121 -11.58 -15.85 -17.01
N ASN D 122 -12.82 -15.67 -17.47
CA ASN D 122 -13.09 -15.59 -18.91
C ASN D 122 -12.69 -14.21 -19.42
N MET D 123 -11.40 -14.07 -19.76
CA MET D 123 -10.86 -12.83 -20.27
C MET D 123 -9.67 -13.14 -21.16
N THR D 124 -9.20 -12.13 -21.88
CA THR D 124 -8.02 -12.23 -22.73
C THR D 124 -6.92 -11.32 -22.19
N TYR D 125 -5.71 -11.85 -22.08
CA TYR D 125 -4.55 -11.08 -21.65
C TYR D 125 -3.55 -11.06 -22.79
N VAL D 126 -3.38 -9.89 -23.41
CA VAL D 126 -2.40 -9.68 -24.47
C VAL D 126 -1.19 -8.98 -23.86
N LEU D 127 -0.10 -9.71 -23.72
CA LEU D 127 1.12 -9.18 -23.13
C LEU D 127 2.10 -8.81 -24.23
N MET D 128 2.51 -7.55 -24.26
CA MET D 128 3.40 -7.03 -25.28
C MET D 128 4.81 -7.06 -24.70
N ASP D 129 5.57 -8.09 -25.06
CA ASP D 129 6.86 -8.40 -24.44
C ASP D 129 7.96 -7.76 -25.27
N ASN D 130 8.52 -6.66 -24.78
CA ASN D 130 9.65 -6.00 -25.45
C ASN D 130 10.96 -6.15 -24.68
N GLY D 131 10.98 -6.94 -23.61
CA GLY D 131 12.21 -7.19 -22.88
C GLY D 131 12.78 -5.99 -22.16
N ILE D 132 11.95 -5.02 -21.80
CA ILE D 132 12.44 -3.79 -21.18
C ILE D 132 11.25 -3.01 -20.61
N TYR D 133 11.55 -2.03 -19.75
CA TYR D 133 10.56 -1.03 -19.33
C TYR D 133 10.71 0.16 -20.27
N GLY D 134 9.78 0.28 -21.23
CA GLY D 134 9.87 1.37 -22.19
C GLY D 134 9.47 2.71 -21.61
N LEU D 135 8.29 2.77 -20.98
CA LEU D 135 7.71 4.07 -20.62
C LEU D 135 8.56 4.81 -19.60
N THR D 136 9.19 4.09 -18.67
CA THR D 136 10.07 4.72 -17.70
C THR D 136 11.48 4.93 -18.23
N LYS D 137 11.69 4.69 -19.53
CA LYS D 137 12.88 5.04 -20.29
C LYS D 137 14.06 4.09 -20.11
N GLY D 138 13.80 2.78 -20.15
CA GLY D 138 14.84 1.81 -20.42
C GLY D 138 15.52 1.10 -19.26
N GLN D 139 14.75 0.60 -18.30
CA GLN D 139 15.27 -0.32 -17.29
C GLN D 139 14.92 -1.75 -17.68
N TYR D 140 15.71 -2.71 -17.18
CA TYR D 140 15.51 -4.09 -17.60
C TYR D 140 14.27 -4.68 -16.94
N SER D 141 13.77 -5.78 -17.55
CA SER D 141 12.51 -6.39 -17.14
C SER D 141 12.73 -7.85 -16.80
N PRO D 142 11.74 -8.55 -16.26
CA PRO D 142 11.91 -9.99 -15.99
C PRO D 142 12.14 -10.83 -17.24
N THR D 143 11.96 -10.28 -18.45
CA THR D 143 12.23 -11.01 -19.67
C THR D 143 13.50 -10.53 -20.37
N SER D 144 14.20 -9.55 -19.83
CA SER D 144 15.45 -9.08 -20.41
C SER D 144 16.52 -10.16 -20.34
N ARG D 145 17.37 -10.20 -21.37
CA ARG D 145 18.50 -11.11 -21.34
C ARG D 145 19.61 -10.52 -20.47
N PRO D 146 20.38 -11.38 -19.77
CA PRO D 146 21.34 -10.86 -18.79
C PRO D 146 22.45 -10.03 -19.41
N GLU D 147 22.81 -10.29 -20.66
CA GLU D 147 23.86 -9.52 -21.30
C GLU D 147 23.45 -8.10 -21.63
N MET D 148 22.15 -7.80 -21.60
CA MET D 148 21.71 -6.43 -21.88
C MET D 148 22.18 -5.51 -20.75
N THR D 149 22.59 -4.31 -21.14
CA THR D 149 22.80 -3.23 -20.18
C THR D 149 21.63 -2.27 -20.30
N ALA D 150 21.19 -1.73 -19.16
CA ALA D 150 20.07 -0.80 -19.12
C ALA D 150 20.35 0.21 -17.99
N TYR D 151 19.41 1.12 -17.76
CA TYR D 151 19.77 2.30 -16.99
C TYR D 151 19.92 2.05 -15.49
N THR D 152 19.32 0.99 -14.94
CA THR D 152 19.65 0.58 -13.59
C THR D 152 20.58 -0.62 -13.56
N THR D 153 20.92 -1.18 -14.72
CA THR D 153 21.88 -2.28 -14.83
C THR D 153 22.96 -1.92 -15.82
N PRO D 154 23.72 -0.86 -15.57
CA PRO D 154 24.77 -0.48 -16.52
C PRO D 154 25.88 -1.51 -16.64
N TYR D 155 25.93 -2.47 -15.71
CA TYR D 155 26.92 -3.54 -15.72
C TYR D 155 26.29 -4.90 -16.01
N GLY D 156 25.14 -4.92 -16.69
CA GLY D 156 24.43 -6.14 -17.00
C GLY D 156 23.39 -6.50 -15.96
N GLY D 157 22.47 -7.37 -16.36
CA GLY D 157 21.44 -7.86 -15.47
C GLY D 157 21.94 -9.01 -14.63
N PRO D 158 21.82 -8.91 -13.29
CA PRO D 158 22.41 -9.93 -12.42
C PRO D 158 21.53 -11.15 -12.22
N GLU D 159 20.68 -11.49 -13.19
CA GLU D 159 19.82 -12.65 -13.07
C GLU D 159 19.36 -13.09 -14.46
N ASN D 160 18.80 -14.29 -14.52
CA ASN D 160 18.21 -14.85 -15.72
C ASN D 160 16.77 -14.36 -15.89
N PRO D 161 16.27 -14.32 -17.13
CA PRO D 161 14.88 -13.94 -17.36
C PRO D 161 13.92 -15.10 -17.07
N MET D 162 12.64 -14.74 -16.91
CA MET D 162 11.62 -15.76 -16.73
C MET D 162 10.99 -16.16 -18.06
N ASN D 163 10.16 -17.19 -18.01
CA ASN D 163 9.51 -17.77 -19.18
C ASN D 163 8.01 -17.51 -19.09
N PRO D 164 7.50 -16.47 -19.76
CA PRO D 164 6.06 -16.14 -19.61
C PRO D 164 5.12 -17.26 -20.01
N LEU D 165 5.40 -17.95 -21.12
CA LEU D 165 4.52 -19.03 -21.54
C LEU D 165 4.51 -20.17 -20.53
N LEU D 166 5.69 -20.51 -19.99
CA LEU D 166 5.76 -21.59 -19.02
C LEU D 166 5.05 -21.22 -17.72
N TYR D 167 5.23 -19.98 -17.25
CA TYR D 167 4.47 -19.48 -16.11
C TYR D 167 2.98 -19.69 -16.31
N MET D 168 2.46 -19.23 -17.45
CA MET D 168 1.03 -19.22 -17.65
C MET D 168 0.48 -20.64 -17.81
N LEU D 169 1.24 -21.53 -18.44
CA LEU D 169 0.84 -22.94 -18.50
C LEU D 169 0.83 -23.54 -17.11
N THR D 170 1.88 -23.28 -16.33
CA THR D 170 1.94 -23.75 -14.95
C THR D 170 0.79 -23.18 -14.12
N TYR D 171 0.44 -21.92 -14.34
CA TYR D 171 -0.64 -21.28 -13.60
C TYR D 171 -2.01 -21.85 -13.93
N GLY D 172 -2.18 -22.48 -15.08
CA GLY D 172 -3.45 -23.04 -15.47
C GLY D 172 -4.24 -22.26 -16.51
N ALA D 173 -3.59 -21.36 -17.24
CA ALA D 173 -4.26 -20.72 -18.37
C ALA D 173 -4.77 -21.79 -19.34
N THR D 174 -6.00 -21.61 -19.81
CA THR D 174 -6.65 -22.61 -20.66
C THR D 174 -6.55 -22.28 -22.14
N TYR D 175 -5.86 -21.19 -22.50
CA TYR D 175 -5.55 -20.86 -23.89
C TYR D 175 -4.23 -20.10 -23.82
N VAL D 176 -3.19 -20.64 -24.45
CA VAL D 176 -1.84 -20.08 -24.36
C VAL D 176 -1.24 -20.03 -25.76
N ALA D 177 -0.85 -18.83 -26.20
CA ALA D 177 -0.34 -18.64 -27.55
C ALA D 177 0.77 -17.60 -27.56
N GLN D 178 1.55 -17.60 -28.64
CA GLN D 178 2.66 -16.66 -28.80
C GLN D 178 2.78 -16.25 -30.25
N ALA D 179 3.21 -15.01 -30.48
CA ALA D 179 3.38 -14.47 -31.83
C ALA D 179 4.45 -13.41 -31.80
N PHE D 180 4.78 -12.90 -33.00
CA PHE D 180 5.70 -11.78 -33.17
C PHE D 180 4.93 -10.63 -33.80
N ALA D 181 5.15 -9.42 -33.28
CA ALA D 181 4.40 -8.26 -33.74
C ALA D 181 4.60 -8.03 -35.24
N GLY D 182 5.74 -8.48 -35.79
CA GLY D 182 6.00 -8.34 -37.22
C GLY D 182 5.09 -9.16 -38.11
N LYS D 183 4.34 -10.10 -37.55
CA LYS D 183 3.38 -10.93 -38.27
C LYS D 183 1.97 -10.56 -37.85
N PRO D 184 1.43 -9.44 -38.34
CA PRO D 184 0.12 -8.96 -37.83
C PRO D 184 -1.03 -9.92 -38.09
N LYS D 185 -0.93 -10.79 -39.09
CA LYS D 185 -1.99 -11.77 -39.30
C LYS D 185 -1.92 -12.91 -38.29
N ASP D 186 -0.71 -13.30 -37.88
CA ASP D 186 -0.58 -14.24 -36.75
C ASP D 186 -1.15 -13.64 -35.48
N CYS D 187 -0.83 -12.38 -35.21
CA CYS D 187 -1.36 -11.71 -34.03
C CYS D 187 -2.89 -11.69 -34.06
N ALA D 188 -3.47 -11.37 -35.21
CA ALA D 188 -4.92 -11.24 -35.31
C ALA D 188 -5.63 -12.57 -35.07
N GLU D 189 -5.12 -13.66 -35.65
CA GLU D 189 -5.80 -14.94 -35.50
C GLU D 189 -5.70 -15.45 -34.07
N LEU D 190 -4.54 -15.30 -33.45
CA LEU D 190 -4.34 -15.80 -32.09
C LEU D 190 -5.09 -14.95 -31.07
N ILE D 191 -5.15 -13.64 -31.28
CA ILE D 191 -5.95 -12.78 -30.39
C ILE D 191 -7.43 -13.06 -30.58
N LYS D 192 -7.87 -13.28 -31.83
CA LYS D 192 -9.27 -13.59 -32.07
C LYS D 192 -9.67 -14.90 -31.40
N GLY D 193 -8.84 -15.93 -31.52
CA GLY D 193 -9.12 -17.17 -30.82
C GLY D 193 -9.10 -17.02 -29.32
N ALA D 194 -8.25 -16.12 -28.81
CA ALA D 194 -8.22 -15.87 -27.38
C ALA D 194 -9.51 -15.24 -26.89
N MET D 195 -10.06 -14.29 -27.67
CA MET D 195 -11.32 -13.67 -27.30
C MET D 195 -12.47 -14.67 -27.34
N GLU D 196 -12.50 -15.53 -28.36
CA GLU D 196 -13.58 -16.48 -28.50
C GLU D 196 -13.50 -17.58 -27.44
N HIS D 197 -12.29 -17.89 -26.98
CA HIS D 197 -12.11 -18.92 -25.97
C HIS D 197 -12.86 -18.57 -24.69
N GLU D 198 -13.53 -19.57 -24.12
CA GLU D 198 -14.20 -19.42 -22.83
C GLU D 198 -13.22 -19.86 -21.74
N GLY D 199 -12.60 -18.89 -21.07
CA GLY D 199 -11.61 -19.16 -20.04
C GLY D 199 -10.48 -18.14 -20.09
N PHE D 200 -9.46 -18.29 -19.26
CA PHE D 200 -8.36 -17.34 -19.27
C PHE D 200 -7.44 -17.63 -20.44
N ALA D 201 -7.36 -16.68 -21.37
CA ALA D 201 -6.59 -16.81 -22.58
C ALA D 201 -5.43 -15.81 -22.56
N TYR D 202 -4.22 -16.32 -22.75
CA TYR D 202 -2.99 -15.52 -22.67
C TYR D 202 -2.24 -15.60 -23.99
N VAL D 203 -1.91 -14.44 -24.56
CA VAL D 203 -1.14 -14.34 -25.80
C VAL D 203 0.10 -13.51 -25.53
N ASN D 204 1.27 -14.14 -25.59
CA ASN D 204 2.54 -13.44 -25.44
C ASN D 204 3.03 -13.04 -26.83
N ILE D 205 3.27 -11.74 -27.04
CA ILE D 205 3.66 -11.26 -28.36
C ILE D 205 4.95 -10.46 -28.23
N PHE D 206 6.01 -10.95 -28.88
CA PHE D 206 7.27 -10.21 -28.95
C PHE D 206 7.06 -8.89 -29.68
N SER D 207 7.60 -7.81 -29.13
CA SER D 207 7.39 -6.47 -29.67
C SER D 207 8.69 -5.71 -29.53
N GLN D 208 9.25 -5.22 -30.64
CA GLN D 208 10.51 -4.50 -30.54
C GLN D 208 10.31 -3.13 -29.90
N CYS D 209 11.26 -2.73 -29.06
CA CYS D 209 11.39 -1.37 -28.56
C CYS D 209 12.69 -0.80 -29.10
N PRO D 210 12.68 -0.21 -30.31
CA PRO D 210 13.94 0.29 -30.87
C PRO D 210 14.54 1.45 -30.09
N THR D 211 13.73 2.19 -29.33
CA THR D 211 14.25 3.37 -28.64
C THR D 211 15.21 2.99 -27.51
N PHE D 212 14.88 1.96 -26.73
CA PHE D 212 15.69 1.60 -25.57
C PHE D 212 16.29 0.19 -25.62
N ASN D 213 15.64 -0.77 -26.27
CA ASN D 213 16.16 -2.14 -26.33
C ASN D 213 16.92 -2.30 -27.65
N LYS D 214 18.25 -2.28 -27.56
CA LYS D 214 19.09 -2.32 -28.75
C LYS D 214 19.48 -3.72 -29.19
N ILE D 215 19.15 -4.76 -28.42
CA ILE D 215 19.53 -6.12 -28.78
C ILE D 215 18.34 -7.00 -29.14
N ASP D 216 17.17 -6.79 -28.53
CA ASP D 216 15.95 -7.51 -28.92
C ASP D 216 15.29 -6.77 -30.08
N THR D 217 15.94 -6.84 -31.23
CA THR D 217 15.54 -6.12 -32.43
C THR D 217 14.53 -6.92 -33.25
N VAL D 218 14.05 -6.32 -34.34
CA VAL D 218 13.17 -7.05 -35.26
C VAL D 218 13.88 -8.27 -35.80
N ASP D 219 15.12 -8.10 -36.27
CA ASP D 219 15.88 -9.23 -36.81
C ASP D 219 16.13 -10.29 -35.76
N PHE D 220 16.36 -9.88 -34.50
CA PHE D 220 16.52 -10.85 -33.44
C PHE D 220 15.26 -11.67 -33.25
N TYR D 221 14.11 -11.01 -33.18
CA TYR D 221 12.85 -11.73 -32.96
C TYR D 221 12.50 -12.60 -34.16
N ARG D 222 12.73 -12.10 -35.38
CA ARG D 222 12.47 -12.90 -36.58
C ARG D 222 13.28 -14.19 -36.56
N ASP D 223 14.54 -14.13 -36.14
CA ASP D 223 15.37 -15.32 -36.06
C ASP D 223 15.03 -16.19 -34.85
N LEU D 224 14.48 -15.60 -33.78
CA LEU D 224 14.20 -16.35 -32.57
C LEU D 224 12.99 -17.27 -32.74
N VAL D 225 11.95 -16.79 -33.42
CA VAL D 225 10.67 -17.49 -33.43
C VAL D 225 10.74 -18.70 -34.35
N GLU D 226 9.86 -19.66 -34.08
CA GLU D 226 9.72 -20.88 -34.87
C GLU D 226 8.27 -21.33 -34.81
N PRO D 227 7.56 -21.39 -35.95
CA PRO D 227 6.15 -21.77 -35.92
C PRO D 227 5.95 -23.17 -35.35
N ILE D 228 4.86 -23.32 -34.61
CA ILE D 228 4.55 -24.62 -33.99
C ILE D 228 4.11 -25.59 -35.09
N PRO D 229 4.65 -26.80 -35.14
CA PRO D 229 4.22 -27.77 -36.16
C PRO D 229 2.74 -28.07 -36.04
N GLU D 230 2.12 -28.35 -37.20
CA GLU D 230 0.68 -28.57 -37.23
C GLU D 230 0.25 -29.83 -36.50
N ASP D 231 1.16 -30.81 -36.35
CA ASP D 231 0.82 -32.05 -35.65
C ASP D 231 0.93 -31.92 -34.14
N HIS D 232 1.27 -30.74 -33.61
CA HIS D 232 1.32 -30.54 -32.17
C HIS D 232 -0.08 -30.64 -31.57
N ASP D 233 -0.19 -31.36 -30.45
CA ASP D 233 -1.47 -31.59 -29.78
C ASP D 233 -1.72 -30.47 -28.78
N THR D 234 -2.66 -29.58 -29.12
CA THR D 234 -2.93 -28.43 -28.24
C THR D 234 -3.68 -28.79 -26.97
N SER D 235 -4.05 -30.07 -26.78
CA SER D 235 -4.64 -30.51 -25.53
C SER D 235 -3.64 -31.15 -24.60
N ASP D 236 -2.38 -31.31 -25.04
CA ASP D 236 -1.33 -31.97 -24.28
C ASP D 236 -0.54 -30.91 -23.51
N LEU D 237 -0.81 -30.82 -22.20
CA LEU D 237 -0.15 -29.82 -21.37
C LEU D 237 1.36 -30.03 -21.30
N GLY D 238 1.79 -31.29 -21.12
CA GLY D 238 3.21 -31.56 -21.08
C GLY D 238 3.93 -31.17 -22.35
N ALA D 239 3.32 -31.47 -23.50
CA ALA D 239 3.93 -31.10 -24.78
C ALA D 239 3.92 -29.58 -24.96
N ALA D 240 2.87 -28.91 -24.52
CA ALA D 240 2.84 -27.46 -24.58
C ALA D 240 3.98 -26.86 -23.75
N MET D 241 4.25 -27.45 -22.58
CA MET D 241 5.33 -26.96 -21.73
C MET D 241 6.70 -27.20 -22.37
N GLU D 242 6.87 -28.32 -23.08
CA GLU D 242 8.09 -28.54 -23.85
C GLU D 242 8.31 -27.43 -24.87
N LEU D 243 7.26 -27.05 -25.59
CA LEU D 243 7.38 -25.96 -26.57
C LEU D 243 7.76 -24.66 -25.89
N ALA D 244 7.11 -24.35 -24.76
CA ALA D 244 7.37 -23.11 -24.05
C ALA D 244 8.82 -23.01 -23.60
N ARG D 245 9.45 -24.14 -23.30
CA ARG D 245 10.83 -24.14 -22.87
C ARG D 245 11.82 -24.02 -24.03
N ARG D 246 11.31 -23.81 -25.25
CA ARG D 246 12.09 -23.46 -26.44
C ARG D 246 13.08 -24.55 -26.81
N PRO D 247 12.63 -25.62 -27.45
CA PRO D 247 13.58 -26.61 -27.99
C PRO D 247 14.47 -25.96 -29.04
N GLY D 248 15.78 -26.25 -28.94
CA GLY D 248 16.75 -25.62 -29.80
C GLY D 248 16.95 -24.15 -29.57
N GLY D 249 16.39 -23.60 -28.49
CA GLY D 249 16.48 -22.18 -28.22
C GLY D 249 15.52 -21.33 -29.01
N LYS D 250 14.57 -21.94 -29.72
CA LYS D 250 13.65 -21.20 -30.58
C LYS D 250 12.32 -21.00 -29.84
N ALA D 251 11.83 -19.77 -29.87
CA ALA D 251 10.56 -19.45 -29.23
C ALA D 251 9.40 -19.88 -30.12
N PRO D 252 8.46 -20.67 -29.61
CA PRO D 252 7.35 -21.12 -30.47
C PRO D 252 6.37 -20.00 -30.74
N THR D 253 5.79 -20.03 -31.93
CA THR D 253 4.71 -19.13 -32.30
C THR D 253 3.55 -19.95 -32.84
N GLY D 254 2.34 -19.50 -32.53
CA GLY D 254 1.13 -20.26 -32.80
C GLY D 254 0.40 -20.58 -31.50
N LEU D 255 -0.53 -21.52 -31.53
CA LEU D 255 -1.31 -21.88 -30.36
C LEU D 255 -0.66 -23.06 -29.66
N LEU D 256 -0.23 -22.86 -28.41
CA LEU D 256 0.42 -23.92 -27.66
C LEU D 256 -0.57 -24.84 -26.96
N TYR D 257 -1.67 -24.29 -26.45
CA TYR D 257 -2.51 -25.04 -25.54
C TYR D 257 -3.91 -24.43 -25.52
N LYS D 258 -4.92 -25.29 -25.53
CA LYS D 258 -6.31 -24.87 -25.44
C LYS D 258 -7.12 -26.01 -24.83
N THR D 259 -7.86 -25.72 -23.76
CA THR D 259 -8.64 -26.73 -23.07
C THR D 259 -9.91 -26.09 -22.52
N SER D 260 -10.95 -26.91 -22.34
CA SER D 260 -12.26 -26.43 -21.90
C SER D 260 -12.46 -26.83 -20.43
N ALA D 261 -12.64 -25.83 -19.58
CA ALA D 261 -12.85 -26.05 -18.15
C ALA D 261 -13.79 -24.96 -17.64
N PRO D 262 -14.46 -25.18 -16.51
CA PRO D 262 -15.38 -24.17 -15.99
C PRO D 262 -14.66 -22.85 -15.70
N THR D 263 -15.33 -21.74 -15.97
CA THR D 263 -14.76 -20.44 -15.69
C THR D 263 -15.18 -19.99 -14.30
N LEU D 264 -14.49 -18.96 -13.80
CA LEU D 264 -14.81 -18.43 -12.47
C LEU D 264 -16.26 -17.97 -12.40
N ASP D 265 -16.73 -17.23 -13.40
CA ASP D 265 -18.10 -16.77 -13.35
C ASP D 265 -19.08 -17.93 -13.44
N GLN D 266 -18.71 -19.02 -14.11
CA GLN D 266 -19.57 -20.20 -14.15
C GLN D 266 -19.65 -20.87 -12.79
N ASN D 267 -18.53 -21.00 -12.09
CA ASN D 267 -18.55 -21.63 -10.76
C ASN D 267 -19.28 -20.75 -9.74
N LEU D 268 -19.08 -19.43 -9.82
CA LEU D 268 -19.84 -18.53 -8.95
C LEU D 268 -21.34 -18.65 -9.23
N ALA D 269 -21.71 -18.77 -10.50
CA ALA D 269 -23.13 -18.91 -10.85
C ALA D 269 -23.70 -20.21 -10.31
N LYS D 270 -22.93 -21.31 -10.37
CA LYS D 270 -23.39 -22.58 -9.82
C LYS D 270 -23.75 -22.45 -8.34
N ILE D 271 -22.96 -21.68 -7.59
CA ILE D 271 -23.22 -21.47 -6.17
C ILE D 271 -24.58 -20.79 -5.99
N ARG D 272 -24.85 -19.75 -6.77
CA ARG D 272 -26.14 -19.06 -6.68
C ARG D 272 -27.29 -19.98 -7.11
N GLU D 273 -27.07 -20.77 -8.18
CA GLU D 273 -28.13 -21.65 -8.68
C GLU D 273 -28.49 -22.73 -7.65
N ARG D 274 -27.49 -23.29 -6.97
CA ARG D 274 -27.76 -24.31 -5.97
C ARG D 274 -28.49 -23.76 -4.75
N LEU D 275 -28.47 -22.43 -4.55
CA LEU D 275 -29.20 -21.79 -3.48
C LEU D 275 -30.53 -21.22 -3.92
N GLY D 276 -30.86 -21.30 -5.21
CA GLY D 276 -32.01 -20.57 -5.73
C GLY D 276 -31.87 -19.08 -5.60
N GLY D 277 -30.64 -18.57 -5.64
CA GLY D 277 -30.42 -17.15 -5.46
C GLY D 277 -30.84 -16.35 -6.69
N HIS D 278 -31.37 -15.15 -6.43
CA HIS D 278 -31.80 -14.23 -7.47
C HIS D 278 -32.01 -12.87 -6.81
N VAL D 279 -32.04 -11.81 -7.63
CA VAL D 279 -32.11 -10.46 -7.08
C VAL D 279 -33.39 -10.22 -6.30
N GLY D 280 -34.48 -10.90 -6.64
CA GLY D 280 -35.72 -10.68 -5.92
C GLY D 280 -35.87 -11.43 -4.61
N TYR D 281 -34.82 -12.09 -4.14
CA TYR D 281 -34.90 -12.90 -2.93
C TYR D 281 -35.42 -12.10 -1.74
N ASP D 282 -36.29 -12.72 -0.95
CA ASP D 282 -36.91 -12.08 0.22
C ASP D 282 -35.84 -11.92 1.31
N LYS D 283 -35.30 -10.70 1.43
CA LYS D 283 -34.25 -10.45 2.42
C LYS D 283 -34.74 -10.62 3.84
N ASN D 284 -36.07 -10.60 4.07
CA ASN D 284 -36.58 -10.88 5.42
C ASN D 284 -36.21 -12.28 5.89
N LYS D 285 -36.01 -13.22 4.96
CA LYS D 285 -35.58 -14.56 5.34
C LYS D 285 -34.19 -14.55 5.96
N ILE D 286 -33.29 -13.71 5.43
CA ILE D 286 -31.95 -13.60 6.00
C ILE D 286 -32.02 -12.95 7.38
N ILE D 287 -32.80 -11.88 7.50
CA ILE D 287 -32.93 -11.16 8.76
C ILE D 287 -33.49 -12.07 9.85
N ALA D 288 -34.45 -12.92 9.49
CA ALA D 288 -35.11 -13.77 10.47
C ALA D 288 -34.14 -14.72 11.17
N LEU D 289 -33.04 -15.06 10.52
CA LEU D 289 -32.05 -15.95 11.12
C LEU D 289 -31.42 -15.35 12.37
N ALA D 290 -31.49 -14.04 12.55
CA ALA D 290 -30.89 -13.37 13.69
C ALA D 290 -31.86 -13.17 14.86
N LYS D 291 -33.09 -13.67 14.77
CA LYS D 291 -34.03 -13.51 15.87
C LYS D 291 -33.55 -14.32 17.09
N PRO D 292 -33.70 -13.78 18.30
CA PRO D 292 -33.22 -14.45 19.53
C PRO D 292 -33.87 -15.80 19.76
S SO4 E . -4.50 -11.65 11.91
O1 SO4 E . -4.32 -10.86 13.13
O2 SO4 E . -3.20 -11.94 11.30
O3 SO4 E . -5.17 -12.90 12.26
O4 SO4 E . -5.29 -10.89 10.95
S SO4 F . -16.82 -21.82 24.34
O1 SO4 F . -16.43 -22.97 25.13
O2 SO4 F . -16.13 -21.89 23.05
O3 SO4 F . -18.26 -21.81 24.11
O4 SO4 F . -16.39 -20.62 25.05
FE1 SF4 G . -4.33 -25.45 12.38
FE2 SF4 G . -1.91 -25.96 13.58
FE3 SF4 G . -2.88 -23.39 13.46
FE4 SF4 G . -4.05 -25.23 15.12
S1 SF4 G . -1.93 -24.41 15.27
S2 SF4 G . -5.11 -23.77 13.70
S3 SF4 G . -3.85 -27.13 13.88
S4 SF4 G . -2.28 -24.72 11.69
N1' TPP H . -3.63 -9.23 5.38
C2' TPP H . -2.56 -8.63 5.87
CM2 TPP H . -1.94 -7.47 5.08
N3' TPP H . -2.01 -9.03 7.00
C4' TPP H . -2.52 -10.05 7.71
N4' TPP H . -1.92 -10.44 8.94
C5' TPP H . -3.67 -10.72 7.23
C6' TPP H . -4.22 -10.25 6.01
C7' TPP H . -4.36 -11.91 7.99
N3 TPP H . -3.71 -13.18 7.97
C2 TPP H . -2.83 -13.66 8.94
S1 TPP H . -2.25 -15.18 8.76
C5 TPP H . -3.14 -15.29 7.40
C4 TPP H . -3.91 -14.17 7.06
CM4 TPP H . -4.80 -14.09 5.82
C6 TPP H . -3.11 -16.57 6.57
C7 TPP H . -2.59 -17.80 7.37
O7 TPP H . -2.57 -18.92 6.46
PA TPP H . -1.21 -19.66 6.19
O1A TPP H . -0.18 -18.73 5.61
O2A TPP H . -1.49 -20.79 5.23
O3A TPP H . -0.57 -20.19 7.54
PB TPP H . -1.26 -21.22 8.55
O1B TPP H . -0.14 -22.07 9.08
O2B TPP H . -2.29 -22.02 7.79
O3B TPP H . -1.93 -20.45 9.66
MG MG I . -1.98 -22.71 5.81
S SO4 J . 5.67 6.76 -15.00
O1 SO4 J . 6.41 6.48 -13.77
O2 SO4 J . 6.57 6.72 -16.15
O3 SO4 J . 5.08 8.09 -14.93
O4 SO4 J . 4.63 5.75 -15.15
S SO4 K . 18.32 16.46 -26.85
O1 SO4 K . 19.38 17.36 -26.41
O2 SO4 K . 18.50 16.13 -28.26
O3 SO4 K . 18.40 15.22 -26.09
O4 SO4 K . 17.02 17.08 -26.63
FE1 SF4 L . 9.89 1.56 -26.70
FE2 SF4 L . 7.53 1.58 -28.11
FE3 SF4 L . 7.67 2.84 -25.68
FE4 SF4 L . 8.95 3.89 -27.83
S1 SF4 L . 6.71 3.65 -27.59
S2 SF4 L . 9.80 3.63 -25.74
S3 SF4 L . 9.62 2.00 -28.92
S4 SF4 L . 7.91 0.61 -26.08
N1' TPP M . 5.37 1.88 -9.68
C2' TPP M . 4.10 2.25 -9.62
CM2 TPP M . 3.28 1.86 -8.38
N3' TPP M . 3.51 2.91 -10.61
C4' TPP M . 4.20 3.26 -11.70
N4' TPP M . 3.54 3.99 -12.73
C5' TPP M . 5.55 2.90 -11.82
C6' TPP M . 6.13 2.19 -10.73
C7' TPP M . 6.43 3.29 -13.06
N3 TPP M . 6.22 2.53 -14.26
C2 TPP M . 5.39 2.88 -15.31
S1 TPP M . 5.36 1.88 -16.60
C5 TPP M . 6.48 0.97 -15.87
C4 TPP M . 6.89 1.40 -14.61
CM4 TPP M . 7.94 0.69 -13.75
C6 TPP M . 7.00 -0.29 -16.56
C7 TPP M . 6.84 -0.26 -18.11
O7 TPP M . 7.36 -1.50 -18.65
PA TPP M . 6.35 -2.46 -19.41
O1A TPP M . 7.15 -3.64 -19.91
O2A TPP M . 5.25 -2.92 -18.49
O3A TPP M . 5.66 -1.67 -20.59
PB TPP M . 6.43 -1.04 -21.83
O1B TPP M . 7.79 -1.69 -21.99
O2B TPP M . 6.58 0.45 -21.61
O3B TPP M . 5.57 -1.33 -23.03
MG MG N . 8.13 -3.76 -21.66
#